data_6LPA
# 
_entry.id   6LPA 
# 
_audit_conform.dict_name       mmcif_pdbx.dic 
_audit_conform.dict_version    5.380 
_audit_conform.dict_location   http://mmcif.pdb.org/dictionaries/ascii/mmcif_pdbx.dic 
# 
loop_
_database_2.database_id 
_database_2.database_code 
_database_2.pdbx_database_accession 
_database_2.pdbx_DOI 
PDB   6LPA         pdb_00006lpa 10.2210/pdb6lpa/pdb 
WWPDB D_1300015221 ?            ?                   
# 
_pdbx_database_status.status_code                     REL 
_pdbx_database_status.status_code_sf                  REL 
_pdbx_database_status.status_code_mr                  ? 
_pdbx_database_status.entry_id                        6LPA 
_pdbx_database_status.recvd_initial_deposition_date   2020-01-09 
_pdbx_database_status.SG_entry                        N 
_pdbx_database_status.deposit_site                    PDBJ 
_pdbx_database_status.process_site                    PDBJ 
_pdbx_database_status.status_code_cs                  ? 
_pdbx_database_status.status_code_nmr_data            ? 
_pdbx_database_status.methods_development_category    ? 
_pdbx_database_status.pdb_format_compatible           Y 
# 
loop_
_audit_author.name 
_audit_author.pdbx_ordinal 
_audit_author.identifier_ORCID 
'Shen, Z.'   1 ? 
'Peng, G.Q.' 2 ? 
# 
_citation.abstract                  ? 
_citation.abstract_id_CAS           ? 
_citation.book_id_ISBN              ? 
_citation.book_publisher            ? 
_citation.book_publisher_city       ? 
_citation.book_title                ? 
_citation.coordinate_linkage        ? 
_citation.country                   CH 
_citation.database_id_Medline       ? 
_citation.details                   ? 
_citation.id                        primary 
_citation.journal_abbrev            Viruses 
_citation.journal_id_ASTM           ? 
_citation.journal_id_CSD            ? 
_citation.journal_id_ISSN           1999-4915 
_citation.journal_full              ? 
_citation.journal_issue             ? 
_citation.journal_volume            12 
_citation.language                  ? 
_citation.page_first                ? 
_citation.page_last                 ? 
_citation.title                     
'Structural and Biological Basis of Alphacoronavirus nsp1 Associated with Host Proliferation and Immune Evasion.' 
_citation.year                      2020 
_citation.database_id_CSD           ? 
_citation.pdbx_database_id_DOI      10.3390/v12080812 
_citation.pdbx_database_id_PubMed   32731335 
_citation.unpublished_flag          ? 
# 
loop_
_citation_author.citation_id 
_citation_author.name 
_citation_author.ordinal 
_citation_author.identifier_ORCID 
primary 'Shen, Z.'  1 ?                   
primary 'Yang, Y.'  2 ?                   
primary 'Yang, S.'  3 ?                   
primary 'Zhang, G.' 4 ?                   
primary 'Xiao, S.'  5 0000-0003-0023-9188 
primary 'Fu, Z.F.'  6 ?                   
primary 'Peng, G.'  7 ?                   
# 
_cell.angle_alpha                  90.000 
_cell.angle_alpha_esd              ? 
_cell.angle_beta                   90.000 
_cell.angle_beta_esd               ? 
_cell.angle_gamma                  90.000 
_cell.angle_gamma_esd              ? 
_cell.entry_id                     6LPA 
_cell.details                      ? 
_cell.formula_units_Z              ? 
_cell.length_a                     54.831 
_cell.length_a_esd                 ? 
_cell.length_b                     60.371 
_cell.length_b_esd                 ? 
_cell.length_c                     84.005 
_cell.length_c_esd                 ? 
_cell.volume                       ? 
_cell.volume_esd                   ? 
_cell.Z_PDB                        8 
_cell.reciprocal_angle_alpha       ? 
_cell.reciprocal_angle_beta        ? 
_cell.reciprocal_angle_gamma       ? 
_cell.reciprocal_angle_alpha_esd   ? 
_cell.reciprocal_angle_beta_esd    ? 
_cell.reciprocal_angle_gamma_esd   ? 
_cell.reciprocal_length_a          ? 
_cell.reciprocal_length_b          ? 
_cell.reciprocal_length_c          ? 
_cell.reciprocal_length_a_esd      ? 
_cell.reciprocal_length_b_esd      ? 
_cell.reciprocal_length_c_esd      ? 
_cell.pdbx_unique_axis             ? 
# 
_symmetry.entry_id                         6LPA 
_symmetry.cell_setting                     ? 
_symmetry.Int_Tables_number                19 
_symmetry.space_group_name_Hall            ? 
_symmetry.space_group_name_H-M             'P 21 21 21' 
_symmetry.pdbx_full_space_group_name_H-M   ? 
# 
loop_
_entity.id 
_entity.type 
_entity.src_method 
_entity.pdbx_description 
_entity.formula_weight 
_entity.pdbx_number_of_molecules 
_entity.pdbx_ec 
_entity.pdbx_mutation 
_entity.pdbx_fragment 
_entity.details 
1 polymer man 'sp1 protein' 13329.905 2  ? ? ? ? 
2 water   nat water         18.015    69 ? ? ? ? 
# 
_entity_poly.entity_id                      1 
_entity_poly.type                           'polypeptide(L)' 
_entity_poly.nstd_linkage                   no 
_entity_poly.nstd_monomer                   no 
_entity_poly.pdbx_seq_one_letter_code       
;MSINQLTLAVASDQEISAHGYPTMSDAVEHFSSSASHGFKDCRFVAFGLQDIVIGVEPSDFVVALEGDEILTAYIATFGA
RPRCLRGWLIPSNSNYVLEEFQVIFGKRGGLEHHHHHHHH
;
_entity_poly.pdbx_seq_one_letter_code_can   
;MSINQLTLAVASDQEISAHGYPTMSDAVEHFSSSASHGFKDCRFVAFGLQDIVIGVEPSDFVVALEGDEILTAYIATFGA
RPRCLRGWLIPSNSNYVLEEFQVIFGKRGGLEHHHHHHHH
;
_entity_poly.pdbx_strand_id                 A,B 
_entity_poly.pdbx_target_identifier         ? 
# 
loop_
_entity_poly_seq.entity_id 
_entity_poly_seq.num 
_entity_poly_seq.mon_id 
_entity_poly_seq.hetero 
1 1   MET n 
1 2   SER n 
1 3   ILE n 
1 4   ASN n 
1 5   GLN n 
1 6   LEU n 
1 7   THR n 
1 8   LEU n 
1 9   ALA n 
1 10  VAL n 
1 11  ALA n 
1 12  SER n 
1 13  ASP n 
1 14  GLN n 
1 15  GLU n 
1 16  ILE n 
1 17  SER n 
1 18  ALA n 
1 19  HIS n 
1 20  GLY n 
1 21  TYR n 
1 22  PRO n 
1 23  THR n 
1 24  MET n 
1 25  SER n 
1 26  ASP n 
1 27  ALA n 
1 28  VAL n 
1 29  GLU n 
1 30  HIS n 
1 31  PHE n 
1 32  SER n 
1 33  SER n 
1 34  SER n 
1 35  ALA n 
1 36  SER n 
1 37  HIS n 
1 38  GLY n 
1 39  PHE n 
1 40  LYS n 
1 41  ASP n 
1 42  CYS n 
1 43  ARG n 
1 44  PHE n 
1 45  VAL n 
1 46  ALA n 
1 47  PHE n 
1 48  GLY n 
1 49  LEU n 
1 50  GLN n 
1 51  ASP n 
1 52  ILE n 
1 53  VAL n 
1 54  ILE n 
1 55  GLY n 
1 56  VAL n 
1 57  GLU n 
1 58  PRO n 
1 59  SER n 
1 60  ASP n 
1 61  PHE n 
1 62  VAL n 
1 63  VAL n 
1 64  ALA n 
1 65  LEU n 
1 66  GLU n 
1 67  GLY n 
1 68  ASP n 
1 69  GLU n 
1 70  ILE n 
1 71  LEU n 
1 72  THR n 
1 73  ALA n 
1 74  TYR n 
1 75  ILE n 
1 76  ALA n 
1 77  THR n 
1 78  PHE n 
1 79  GLY n 
1 80  ALA n 
1 81  ARG n 
1 82  PRO n 
1 83  ARG n 
1 84  CYS n 
1 85  LEU n 
1 86  ARG n 
1 87  GLY n 
1 88  TRP n 
1 89  LEU n 
1 90  ILE n 
1 91  PRO n 
1 92  SER n 
1 93  ASN n 
1 94  SER n 
1 95  ASN n 
1 96  TYR n 
1 97  VAL n 
1 98  LEU n 
1 99  GLU n 
1 100 GLU n 
1 101 PHE n 
1 102 GLN n 
1 103 VAL n 
1 104 ILE n 
1 105 PHE n 
1 106 GLY n 
1 107 LYS n 
1 108 ARG n 
1 109 GLY n 
1 110 GLY n 
1 111 LEU n 
1 112 GLU n 
1 113 HIS n 
1 114 HIS n 
1 115 HIS n 
1 116 HIS n 
1 117 HIS n 
1 118 HIS n 
1 119 HIS n 
1 120 HIS n 
# 
_entity_src_gen.entity_id                          1 
_entity_src_gen.pdbx_src_id                        1 
_entity_src_gen.pdbx_alt_source_flag               sample 
_entity_src_gen.pdbx_seq_type                      'Biological sequence' 
_entity_src_gen.pdbx_beg_seq_num                   1 
_entity_src_gen.pdbx_end_seq_num                   120 
_entity_src_gen.gene_src_common_name               ? 
_entity_src_gen.gene_src_genus                     ? 
_entity_src_gen.pdbx_gene_src_gene                 'orf1ab, ORF1ab' 
_entity_src_gen.gene_src_species                   ? 
_entity_src_gen.gene_src_strain                    ? 
_entity_src_gen.gene_src_tissue                    ? 
_entity_src_gen.gene_src_tissue_fraction           ? 
_entity_src_gen.gene_src_details                   ? 
_entity_src_gen.pdbx_gene_src_fragment             ? 
_entity_src_gen.pdbx_gene_src_scientific_name      'Swine acute diarrhea syndrome coronavirus' 
_entity_src_gen.pdbx_gene_src_ncbi_taxonomy_id     2032731 
_entity_src_gen.pdbx_gene_src_variant              ? 
_entity_src_gen.pdbx_gene_src_cell_line            ? 
_entity_src_gen.pdbx_gene_src_atcc                 ? 
_entity_src_gen.pdbx_gene_src_organ                ? 
_entity_src_gen.pdbx_gene_src_organelle            ? 
_entity_src_gen.pdbx_gene_src_cell                 ? 
_entity_src_gen.pdbx_gene_src_cellular_location    ? 
_entity_src_gen.host_org_common_name               ? 
_entity_src_gen.pdbx_host_org_scientific_name      'Escherichia coli' 
_entity_src_gen.pdbx_host_org_ncbi_taxonomy_id     562 
_entity_src_gen.host_org_genus                     ? 
_entity_src_gen.pdbx_host_org_gene                 ? 
_entity_src_gen.pdbx_host_org_organ                ? 
_entity_src_gen.host_org_species                   ? 
_entity_src_gen.pdbx_host_org_tissue               ? 
_entity_src_gen.pdbx_host_org_tissue_fraction      ? 
_entity_src_gen.pdbx_host_org_strain               ? 
_entity_src_gen.pdbx_host_org_variant              ? 
_entity_src_gen.pdbx_host_org_cell_line            ? 
_entity_src_gen.pdbx_host_org_atcc                 ? 
_entity_src_gen.pdbx_host_org_culture_collection   ? 
_entity_src_gen.pdbx_host_org_cell                 ? 
_entity_src_gen.pdbx_host_org_organelle            ? 
_entity_src_gen.pdbx_host_org_cellular_location    ? 
_entity_src_gen.pdbx_host_org_vector_type          ? 
_entity_src_gen.pdbx_host_org_vector               ? 
_entity_src_gen.host_org_details                   ? 
_entity_src_gen.expression_system_id               ? 
_entity_src_gen.plasmid_name                       ? 
_entity_src_gen.plasmid_details                    ? 
_entity_src_gen.pdbx_description                   ? 
# 
_struct_ref.id                         1 
_struct_ref.db_name                    UNP 
_struct_ref.db_code                    A0A2P1G738_9NIDO 
_struct_ref.pdbx_db_accession          A0A2P1G738 
_struct_ref.pdbx_db_isoform            ? 
_struct_ref.entity_id                  1 
_struct_ref.pdbx_seq_one_letter_code   
;MAINQLTLAVASDQEISAHGYPTMSDAVEHFSSSASHGFKDCRFVAFGLQDIVIGVEPSDFVVALEGDEILTAYIATFGA
RPRCLRGWLIPSNSNYVLEEFQVIFGKRGG
;
_struct_ref.pdbx_align_begin           1 
# 
loop_
_struct_ref_seq.align_id 
_struct_ref_seq.ref_id 
_struct_ref_seq.pdbx_PDB_id_code 
_struct_ref_seq.pdbx_strand_id 
_struct_ref_seq.seq_align_beg 
_struct_ref_seq.pdbx_seq_align_beg_ins_code 
_struct_ref_seq.seq_align_end 
_struct_ref_seq.pdbx_seq_align_end_ins_code 
_struct_ref_seq.pdbx_db_accession 
_struct_ref_seq.db_align_beg 
_struct_ref_seq.pdbx_db_align_beg_ins_code 
_struct_ref_seq.db_align_end 
_struct_ref_seq.pdbx_db_align_end_ins_code 
_struct_ref_seq.pdbx_auth_seq_align_beg 
_struct_ref_seq.pdbx_auth_seq_align_end 
1 1 6LPA A 1 ? 110 ? A0A2P1G738 1 ? 110 ? 0 109 
2 1 6LPA B 1 ? 110 ? A0A2P1G738 1 ? 110 ? 0 109 
# 
loop_
_struct_ref_seq_dif.align_id 
_struct_ref_seq_dif.pdbx_pdb_id_code 
_struct_ref_seq_dif.mon_id 
_struct_ref_seq_dif.pdbx_pdb_strand_id 
_struct_ref_seq_dif.seq_num 
_struct_ref_seq_dif.pdbx_pdb_ins_code 
_struct_ref_seq_dif.pdbx_seq_db_name 
_struct_ref_seq_dif.pdbx_seq_db_accession_code 
_struct_ref_seq_dif.db_mon_id 
_struct_ref_seq_dif.pdbx_seq_db_seq_num 
_struct_ref_seq_dif.details 
_struct_ref_seq_dif.pdbx_auth_seq_num 
_struct_ref_seq_dif.pdbx_ordinal 
1 6LPA SER A 2   ? UNP A0A2P1G738 ALA 2 conflict         1   1  
1 6LPA LEU A 111 ? UNP A0A2P1G738 ?   ? 'expression tag' 110 2  
1 6LPA GLU A 112 ? UNP A0A2P1G738 ?   ? 'expression tag' 111 3  
1 6LPA HIS A 113 ? UNP A0A2P1G738 ?   ? 'expression tag' 112 4  
1 6LPA HIS A 114 ? UNP A0A2P1G738 ?   ? 'expression tag' 113 5  
1 6LPA HIS A 115 ? UNP A0A2P1G738 ?   ? 'expression tag' 114 6  
1 6LPA HIS A 116 ? UNP A0A2P1G738 ?   ? 'expression tag' 115 7  
1 6LPA HIS A 117 ? UNP A0A2P1G738 ?   ? 'expression tag' 116 8  
1 6LPA HIS A 118 ? UNP A0A2P1G738 ?   ? 'expression tag' 117 9  
1 6LPA HIS A 119 ? UNP A0A2P1G738 ?   ? 'expression tag' 118 10 
1 6LPA HIS A 120 ? UNP A0A2P1G738 ?   ? 'expression tag' 119 11 
2 6LPA SER B 2   ? UNP A0A2P1G738 ALA 2 conflict         1   12 
2 6LPA LEU B 111 ? UNP A0A2P1G738 ?   ? 'expression tag' 110 13 
2 6LPA GLU B 112 ? UNP A0A2P1G738 ?   ? 'expression tag' 111 14 
2 6LPA HIS B 113 ? UNP A0A2P1G738 ?   ? 'expression tag' 112 15 
2 6LPA HIS B 114 ? UNP A0A2P1G738 ?   ? 'expression tag' 113 16 
2 6LPA HIS B 115 ? UNP A0A2P1G738 ?   ? 'expression tag' 114 17 
2 6LPA HIS B 116 ? UNP A0A2P1G738 ?   ? 'expression tag' 115 18 
2 6LPA HIS B 117 ? UNP A0A2P1G738 ?   ? 'expression tag' 116 19 
2 6LPA HIS B 118 ? UNP A0A2P1G738 ?   ? 'expression tag' 117 20 
2 6LPA HIS B 119 ? UNP A0A2P1G738 ?   ? 'expression tag' 118 21 
2 6LPA HIS B 120 ? UNP A0A2P1G738 ?   ? 'expression tag' 119 22 
# 
loop_
_chem_comp.id 
_chem_comp.type 
_chem_comp.mon_nstd_flag 
_chem_comp.name 
_chem_comp.pdbx_synonyms 
_chem_comp.formula 
_chem_comp.formula_weight 
ALA 'L-peptide linking' y ALANINE         ? 'C3 H7 N O2'     89.093  
ARG 'L-peptide linking' y ARGININE        ? 'C6 H15 N4 O2 1' 175.209 
ASN 'L-peptide linking' y ASPARAGINE      ? 'C4 H8 N2 O3'    132.118 
ASP 'L-peptide linking' y 'ASPARTIC ACID' ? 'C4 H7 N O4'     133.103 
CYS 'L-peptide linking' y CYSTEINE        ? 'C3 H7 N O2 S'   121.158 
GLN 'L-peptide linking' y GLUTAMINE       ? 'C5 H10 N2 O3'   146.144 
GLU 'L-peptide linking' y 'GLUTAMIC ACID' ? 'C5 H9 N O4'     147.129 
GLY 'peptide linking'   y GLYCINE         ? 'C2 H5 N O2'     75.067  
HIS 'L-peptide linking' y HISTIDINE       ? 'C6 H10 N3 O2 1' 156.162 
HOH non-polymer         . WATER           ? 'H2 O'           18.015  
ILE 'L-peptide linking' y ISOLEUCINE      ? 'C6 H13 N O2'    131.173 
LEU 'L-peptide linking' y LEUCINE         ? 'C6 H13 N O2'    131.173 
LYS 'L-peptide linking' y LYSINE          ? 'C6 H15 N2 O2 1' 147.195 
MET 'L-peptide linking' y METHIONINE      ? 'C5 H11 N O2 S'  149.211 
PHE 'L-peptide linking' y PHENYLALANINE   ? 'C9 H11 N O2'    165.189 
PRO 'L-peptide linking' y PROLINE         ? 'C5 H9 N O2'     115.130 
SER 'L-peptide linking' y SERINE          ? 'C3 H7 N O3'     105.093 
THR 'L-peptide linking' y THREONINE       ? 'C4 H9 N O3'     119.119 
TRP 'L-peptide linking' y TRYPTOPHAN      ? 'C11 H12 N2 O2'  204.225 
TYR 'L-peptide linking' y TYROSINE        ? 'C9 H11 N O3'    181.189 
VAL 'L-peptide linking' y VALINE          ? 'C5 H11 N O2'    117.146 
# 
_exptl.absorpt_coefficient_mu     ? 
_exptl.absorpt_correction_T_max   ? 
_exptl.absorpt_correction_T_min   ? 
_exptl.absorpt_correction_type    ? 
_exptl.absorpt_process_details    ? 
_exptl.entry_id                   6LPA 
_exptl.crystals_number            1 
_exptl.details                    ? 
_exptl.method                     'X-RAY DIFFRACTION' 
_exptl.method_details             ? 
# 
_exptl_crystal.colour                      ? 
_exptl_crystal.density_diffrn              ? 
_exptl_crystal.density_Matthews            2.61 
_exptl_crystal.density_method              ? 
_exptl_crystal.density_percent_sol         52.83 
_exptl_crystal.description                 ? 
_exptl_crystal.F_000                       ? 
_exptl_crystal.id                          1 
_exptl_crystal.preparation                 ? 
_exptl_crystal.size_max                    ? 
_exptl_crystal.size_mid                    ? 
_exptl_crystal.size_min                    ? 
_exptl_crystal.size_rad                    ? 
_exptl_crystal.colour_lustre               ? 
_exptl_crystal.colour_modifier             ? 
_exptl_crystal.colour_primary              ? 
_exptl_crystal.density_meas                ? 
_exptl_crystal.density_meas_esd            ? 
_exptl_crystal.density_meas_gt             ? 
_exptl_crystal.density_meas_lt             ? 
_exptl_crystal.density_meas_temp           ? 
_exptl_crystal.density_meas_temp_esd       ? 
_exptl_crystal.density_meas_temp_gt        ? 
_exptl_crystal.density_meas_temp_lt        ? 
_exptl_crystal.pdbx_crystal_image_url      ? 
_exptl_crystal.pdbx_crystal_image_format   ? 
_exptl_crystal.pdbx_mosaicity              ? 
_exptl_crystal.pdbx_mosaicity_esd          ? 
# 
_exptl_crystal_grow.apparatus       ? 
_exptl_crystal_grow.atmosphere      ? 
_exptl_crystal_grow.crystal_id      1 
_exptl_crystal_grow.details         ? 
_exptl_crystal_grow.method          'VAPOR DIFFUSION' 
_exptl_crystal_grow.method_ref      ? 
_exptl_crystal_grow.pH              ? 
_exptl_crystal_grow.pressure        ? 
_exptl_crystal_grow.pressure_esd    ? 
_exptl_crystal_grow.seeding         ? 
_exptl_crystal_grow.seeding_ref     ? 
_exptl_crystal_grow.temp            293 
_exptl_crystal_grow.temp_details    ? 
_exptl_crystal_grow.temp_esd        ? 
_exptl_crystal_grow.time            ? 
_exptl_crystal_grow.pdbx_details    'PEG 3350, ammonium citrate dibasic' 
_exptl_crystal_grow.pdbx_pH_range   ? 
# 
_diffrn.ambient_environment              ? 
_diffrn.ambient_temp                     80 
_diffrn.ambient_temp_details             ? 
_diffrn.ambient_temp_esd                 ? 
_diffrn.crystal_id                       1 
_diffrn.crystal_support                  ? 
_diffrn.crystal_treatment                ? 
_diffrn.details                          ? 
_diffrn.id                               1 
_diffrn.ambient_pressure                 ? 
_diffrn.ambient_pressure_esd             ? 
_diffrn.ambient_pressure_gt              ? 
_diffrn.ambient_pressure_lt              ? 
_diffrn.ambient_temp_gt                  ? 
_diffrn.ambient_temp_lt                  ? 
_diffrn.pdbx_serial_crystal_experiment   N 
# 
_diffrn_detector.details                      ? 
_diffrn_detector.detector                     CCD 
_diffrn_detector.diffrn_id                    1 
_diffrn_detector.type                         'ADSC QUANTUM 315r' 
_diffrn_detector.area_resol_mean              ? 
_diffrn_detector.dtime                        ? 
_diffrn_detector.pdbx_frames_total            ? 
_diffrn_detector.pdbx_collection_time_total   ? 
_diffrn_detector.pdbx_collection_date         2019-06-23 
_diffrn_detector.pdbx_frequency               ? 
# 
_diffrn_radiation.collimation                      ? 
_diffrn_radiation.diffrn_id                        1 
_diffrn_radiation.filter_edge                      ? 
_diffrn_radiation.inhomogeneity                    ? 
_diffrn_radiation.monochromator                    ? 
_diffrn_radiation.polarisn_norm                    ? 
_diffrn_radiation.polarisn_ratio                   ? 
_diffrn_radiation.probe                            ? 
_diffrn_radiation.type                             ? 
_diffrn_radiation.xray_symbol                      ? 
_diffrn_radiation.wavelength_id                    1 
_diffrn_radiation.pdbx_monochromatic_or_laue_m_l   M 
_diffrn_radiation.pdbx_wavelength_list             ? 
_diffrn_radiation.pdbx_wavelength                  ? 
_diffrn_radiation.pdbx_diffrn_protocol             'SINGLE WAVELENGTH' 
_diffrn_radiation.pdbx_analyzer                    ? 
_diffrn_radiation.pdbx_scattering_type             x-ray 
# 
_diffrn_radiation_wavelength.id           1 
_diffrn_radiation_wavelength.wavelength   0.97918 
_diffrn_radiation_wavelength.wt           1.0 
# 
_diffrn_source.current                     ? 
_diffrn_source.details                     ? 
_diffrn_source.diffrn_id                   1 
_diffrn_source.power                       ? 
_diffrn_source.size                        ? 
_diffrn_source.source                      'FREE ELECTRON LASER' 
_diffrn_source.target                      ? 
_diffrn_source.type                        'EUROPEAN XFEL BEAMLINE FXE' 
_diffrn_source.voltage                     ? 
_diffrn_source.take-off_angle              ? 
_diffrn_source.pdbx_wavelength_list        0.97918 
_diffrn_source.pdbx_wavelength             ? 
_diffrn_source.pdbx_synchrotron_beamline   FXE 
_diffrn_source.pdbx_synchrotron_site       'European XFEL' 
# 
_reflns.B_iso_Wilson_estimate            ? 
_reflns.entry_id                         6LPA 
_reflns.data_reduction_details           ? 
_reflns.data_reduction_method            ? 
_reflns.d_resolution_high                2.100 
_reflns.d_resolution_low                 50.000 
_reflns.details                          ? 
_reflns.limit_h_max                      ? 
_reflns.limit_h_min                      ? 
_reflns.limit_k_max                      ? 
_reflns.limit_k_min                      ? 
_reflns.limit_l_max                      ? 
_reflns.limit_l_min                      ? 
_reflns.number_all                       ? 
_reflns.number_obs                       16746 
_reflns.observed_criterion               ? 
_reflns.observed_criterion_F_max         ? 
_reflns.observed_criterion_F_min         ? 
_reflns.observed_criterion_I_max         ? 
_reflns.observed_criterion_I_min         ? 
_reflns.observed_criterion_sigma_F       ? 
_reflns.observed_criterion_sigma_I       ? 
_reflns.percent_possible_obs             100.000 
_reflns.R_free_details                   ? 
_reflns.Rmerge_F_all                     ? 
_reflns.Rmerge_F_obs                     ? 
_reflns.Friedel_coverage                 ? 
_reflns.number_gt                        ? 
_reflns.threshold_expression             ? 
_reflns.pdbx_redundancy                  12.900 
_reflns.pdbx_Rmerge_I_obs                0.091 
_reflns.pdbx_Rmerge_I_all                ? 
_reflns.pdbx_Rsym_value                  ? 
_reflns.pdbx_netI_over_av_sigmaI         ? 
_reflns.pdbx_netI_over_sigmaI            4.600 
_reflns.pdbx_res_netI_over_av_sigmaI_2   ? 
_reflns.pdbx_res_netI_over_sigmaI_2      ? 
_reflns.pdbx_chi_squared                 0.728 
_reflns.pdbx_scaling_rejects             ? 
_reflns.pdbx_d_res_high_opt              ? 
_reflns.pdbx_d_res_low_opt               ? 
_reflns.pdbx_d_res_opt_method            ? 
_reflns.phase_calculation_details        ? 
_reflns.pdbx_Rrim_I_all                  0.095 
_reflns.pdbx_Rpim_I_all                  0.026 
_reflns.pdbx_d_opt                       ? 
_reflns.pdbx_number_measured_all         216291 
_reflns.pdbx_diffrn_id                   1 
_reflns.pdbx_ordinal                     1 
_reflns.pdbx_CC_half                     ? 
_reflns.pdbx_CC_star                     ? 
_reflns.pdbx_R_split                     ? 
# 
loop_
_reflns_shell.d_res_high 
_reflns_shell.d_res_low 
_reflns_shell.meanI_over_sigI_all 
_reflns_shell.meanI_over_sigI_obs 
_reflns_shell.number_measured_all 
_reflns_shell.number_measured_obs 
_reflns_shell.number_possible 
_reflns_shell.number_unique_all 
_reflns_shell.number_unique_obs 
_reflns_shell.percent_possible_all 
_reflns_shell.percent_possible_obs 
_reflns_shell.Rmerge_F_all 
_reflns_shell.Rmerge_F_obs 
_reflns_shell.Rmerge_I_all 
_reflns_shell.Rmerge_I_obs 
_reflns_shell.meanI_over_sigI_gt 
_reflns_shell.meanI_over_uI_all 
_reflns_shell.meanI_over_uI_gt 
_reflns_shell.number_measured_gt 
_reflns_shell.number_unique_gt 
_reflns_shell.percent_possible_gt 
_reflns_shell.Rmerge_F_gt 
_reflns_shell.Rmerge_I_gt 
_reflns_shell.pdbx_redundancy 
_reflns_shell.pdbx_Rsym_value 
_reflns_shell.pdbx_chi_squared 
_reflns_shell.pdbx_netI_over_sigmaI_all 
_reflns_shell.pdbx_netI_over_sigmaI_obs 
_reflns_shell.pdbx_Rrim_I_all 
_reflns_shell.pdbx_Rpim_I_all 
_reflns_shell.pdbx_rejects 
_reflns_shell.pdbx_ordinal 
_reflns_shell.pdbx_diffrn_id 
_reflns_shell.pdbx_CC_half 
_reflns_shell.pdbx_CC_star 
_reflns_shell.pdbx_R_split 
2.100 2.180 ? ? ? ? ? ? 1641 100.000 ? ? ? ? 0.947 ? ? ? ? ? ? ? ? 13.200 ? 0.441 ? ? 0.985 0.268 ? 1 1 0.840 ? ? 
2.180 2.260 ? ? ? ? ? ? 1638 100.000 ? ? ? ? 0.687 ? ? ? ? ? ? ? ? 13.300 ? 0.531 ? ? 0.714 0.192 ? 2 1 0.917 ? ? 
2.260 2.370 ? ? ? ? ? ? 1641 100.000 ? ? ? ? 0.442 ? ? ? ? ? ? ? ? 13.100 ? 0.503 ? ? 0.460 0.127 ? 3 1 0.948 ? ? 
2.370 2.490 ? ? ? ? ? ? 1658 99.900  ? ? ? ? 0.321 ? ? ? ? ? ? ? ? 12.200 ? 0.548 ? ? 0.335 0.095 ? 4 1 0.971 ? ? 
2.490 2.650 ? ? ? ? ? ? 1645 100.000 ? ? ? ? 0.245 ? ? ? ? ? ? ? ? 13.300 ? 0.617 ? ? 0.254 0.069 ? 5 1 0.986 ? ? 
2.650 2.850 ? ? ? ? ? ? 1648 100.000 ? ? ? ? 0.164 ? ? ? ? ? ? ? ? 13.400 ? 0.778 ? ? 0.170 0.046 ? 6 1 0.991 ? ? 
2.850 3.140 ? ? ? ? ? ? 1682 100.000 ? ? ? ? 0.129 ? ? ? ? ? ? ? ? 13.000 ? 1.247 ? ? 0.134 0.037 ? 7 1 0.989 ? ? 
3.140 3.590 ? ? ? ? ? ? 1670 100.000 ? ? ? ? 0.095 ? ? ? ? ? ? ? ? 12.800 ? 1.445 ? ? 0.098 0.027 ? 8 1 0.995 ? ? 
3.590 4.520 ? ? ? ? ? ? 1712 100.000 ? ? ? ? 0.076 ? ? ? ? ? ? ? ? 13.000 ? 0.506 ? ? 0.079 0.022 ? 9 1 0.998 ? ? 
# 
_refine.aniso_B[1][1]                            ? 
_refine.aniso_B[1][2]                            ? 
_refine.aniso_B[1][3]                            ? 
_refine.aniso_B[2][2]                            ? 
_refine.aniso_B[2][3]                            ? 
_refine.aniso_B[3][3]                            ? 
_refine.B_iso_max                                90.720 
_refine.B_iso_mean                               56.3309 
_refine.B_iso_min                                40.670 
_refine.correlation_coeff_Fo_to_Fc               ? 
_refine.correlation_coeff_Fo_to_Fc_free          ? 
_refine.details                                  ? 
_refine.diff_density_max                         ? 
_refine.diff_density_max_esd                     ? 
_refine.diff_density_min                         ? 
_refine.diff_density_min_esd                     ? 
_refine.diff_density_rms                         ? 
_refine.diff_density_rms_esd                     ? 
_refine.entry_id                                 6LPA 
_refine.pdbx_refine_id                           'X-RAY DIFFRACTION' 
_refine.ls_abs_structure_details                 ? 
_refine.ls_abs_structure_Flack                   ? 
_refine.ls_abs_structure_Flack_esd               ? 
_refine.ls_abs_structure_Rogers                  ? 
_refine.ls_abs_structure_Rogers_esd              ? 
_refine.ls_d_res_high                            2.1050 
_refine.ls_d_res_low                             29.1880 
_refine.ls_extinction_coef                       ? 
_refine.ls_extinction_coef_esd                   ? 
_refine.ls_extinction_expression                 ? 
_refine.ls_extinction_method                     ? 
_refine.ls_goodness_of_fit_all                   ? 
_refine.ls_goodness_of_fit_all_esd               ? 
_refine.ls_goodness_of_fit_obs                   ? 
_refine.ls_goodness_of_fit_obs_esd               ? 
_refine.ls_hydrogen_treatment                    ? 
_refine.ls_matrix_type                           ? 
_refine.ls_number_constraints                    ? 
_refine.ls_number_parameters                     ? 
_refine.ls_number_reflns_all                     ? 
_refine.ls_number_reflns_obs                     16677 
_refine.ls_number_reflns_R_free                  858 
_refine.ls_number_reflns_R_work                  ? 
_refine.ls_number_restraints                     ? 
_refine.ls_percent_reflns_obs                    99.7300 
_refine.ls_percent_reflns_R_free                 5.1400 
_refine.ls_R_factor_all                          ? 
_refine.ls_R_factor_obs                          0.2363 
_refine.ls_R_factor_R_free                       0.2529 
_refine.ls_R_factor_R_free_error                 ? 
_refine.ls_R_factor_R_free_error_details         ? 
_refine.ls_R_factor_R_work                       0.2354 
_refine.ls_R_Fsqd_factor_obs                     ? 
_refine.ls_R_I_factor_obs                        ? 
_refine.ls_redundancy_reflns_all                 ? 
_refine.ls_redundancy_reflns_obs                 ? 
_refine.ls_restrained_S_all                      ? 
_refine.ls_restrained_S_obs                      ? 
_refine.ls_shift_over_esd_max                    ? 
_refine.ls_shift_over_esd_mean                   ? 
_refine.ls_structure_factor_coef                 ? 
_refine.ls_weighting_details                     ? 
_refine.ls_weighting_scheme                      ? 
_refine.ls_wR_factor_all                         ? 
_refine.ls_wR_factor_obs                         ? 
_refine.ls_wR_factor_R_free                      ? 
_refine.ls_wR_factor_R_work                      ? 
_refine.occupancy_max                            ? 
_refine.occupancy_min                            ? 
_refine.solvent_model_details                    ? 
_refine.solvent_model_param_bsol                 ? 
_refine.solvent_model_param_ksol                 ? 
_refine.pdbx_R_complete                          ? 
_refine.ls_R_factor_gt                           ? 
_refine.ls_goodness_of_fit_gt                    ? 
_refine.ls_goodness_of_fit_ref                   ? 
_refine.ls_shift_over_su_max                     ? 
_refine.ls_shift_over_su_max_lt                  ? 
_refine.ls_shift_over_su_mean                    ? 
_refine.ls_shift_over_su_mean_lt                 ? 
_refine.pdbx_ls_sigma_I                          ? 
_refine.pdbx_ls_sigma_F                          1.380 
_refine.pdbx_ls_sigma_Fsqd                       ? 
_refine.pdbx_data_cutoff_high_absF               ? 
_refine.pdbx_data_cutoff_high_rms_absF           ? 
_refine.pdbx_data_cutoff_low_absF                ? 
_refine.pdbx_isotropic_thermal_model             ? 
_refine.pdbx_ls_cross_valid_method               THROUGHOUT 
_refine.pdbx_method_to_determine_struct          'MOLECULAR REPLACEMENT' 
_refine.pdbx_starting_model                      5XBC 
_refine.pdbx_stereochemistry_target_values       ? 
_refine.pdbx_R_Free_selection_details            ? 
_refine.pdbx_stereochem_target_val_spec_case     ? 
_refine.pdbx_overall_ESU_R                       ? 
_refine.pdbx_overall_ESU_R_Free                  ? 
_refine.pdbx_solvent_vdw_probe_radii             1.1100 
_refine.pdbx_solvent_ion_probe_radii             ? 
_refine.pdbx_solvent_shrinkage_radii             0.9000 
_refine.pdbx_real_space_R                        ? 
_refine.pdbx_density_correlation                 ? 
_refine.pdbx_pd_number_of_powder_patterns        ? 
_refine.pdbx_pd_number_of_points                 ? 
_refine.pdbx_pd_meas_number_of_points            ? 
_refine.pdbx_pd_proc_ls_prof_R_factor            ? 
_refine.pdbx_pd_proc_ls_prof_wR_factor           ? 
_refine.pdbx_pd_Marquardt_correlation_coeff      ? 
_refine.pdbx_pd_Fsqrd_R_factor                   ? 
_refine.pdbx_pd_ls_matrix_band_width             ? 
_refine.pdbx_overall_phase_error                 28.5700 
_refine.pdbx_overall_SU_R_free_Cruickshank_DPI   ? 
_refine.pdbx_overall_SU_R_free_Blow_DPI          ? 
_refine.pdbx_overall_SU_R_Blow_DPI               ? 
_refine.pdbx_TLS_residual_ADP_flag               ? 
_refine.pdbx_diffrn_id                           1 
_refine.overall_SU_B                             ? 
_refine.overall_SU_ML                            0.2700 
_refine.overall_SU_R_Cruickshank_DPI             ? 
_refine.overall_SU_R_free                        ? 
_refine.overall_FOM_free_R_set                   ? 
_refine.overall_FOM_work_R_set                   ? 
_refine.pdbx_average_fsc_overall                 ? 
_refine.pdbx_average_fsc_work                    ? 
_refine.pdbx_average_fsc_free                    ? 
# 
_refine_hist.pdbx_refine_id                   'X-RAY DIFFRACTION' 
_refine_hist.cycle_id                         final 
_refine_hist.details                          ? 
_refine_hist.d_res_high                       2.1050 
_refine_hist.d_res_low                        29.1880 
_refine_hist.number_atoms_solvent             69 
_refine_hist.number_atoms_total               1629 
_refine_hist.number_reflns_all                ? 
_refine_hist.number_reflns_obs                ? 
_refine_hist.number_reflns_R_free             ? 
_refine_hist.number_reflns_R_work             ? 
_refine_hist.R_factor_all                     ? 
_refine_hist.R_factor_obs                     ? 
_refine_hist.R_factor_R_free                  ? 
_refine_hist.R_factor_R_work                  ? 
_refine_hist.pdbx_number_residues_total       195 
_refine_hist.pdbx_B_iso_mean_ligand           ? 
_refine_hist.pdbx_B_iso_mean_solvent          56.19 
_refine_hist.pdbx_number_atoms_protein        1560 
_refine_hist.pdbx_number_atoms_nucleic_acid   0 
_refine_hist.pdbx_number_atoms_ligand         0 
_refine_hist.pdbx_number_atoms_lipid          ? 
_refine_hist.pdbx_number_atoms_carb           ? 
_refine_hist.pdbx_pseudo_atom_details         ? 
# 
loop_
_refine_ls_shell.pdbx_refine_id 
_refine_ls_shell.d_res_high 
_refine_ls_shell.d_res_low 
_refine_ls_shell.number_reflns_all 
_refine_ls_shell.number_reflns_obs 
_refine_ls_shell.number_reflns_R_free 
_refine_ls_shell.number_reflns_R_work 
_refine_ls_shell.percent_reflns_obs 
_refine_ls_shell.percent_reflns_R_free 
_refine_ls_shell.R_factor_all 
_refine_ls_shell.R_factor_obs 
_refine_ls_shell.R_factor_R_free 
_refine_ls_shell.R_factor_R_free_error 
_refine_ls_shell.R_factor_R_work 
_refine_ls_shell.redundancy_reflns_all 
_refine_ls_shell.redundancy_reflns_obs 
_refine_ls_shell.wR_factor_all 
_refine_ls_shell.wR_factor_obs 
_refine_ls_shell.wR_factor_R_free 
_refine_ls_shell.wR_factor_R_work 
_refine_ls_shell.pdbx_R_complete 
_refine_ls_shell.pdbx_total_number_of_bins_used 
_refine_ls_shell.pdbx_phase_error 
_refine_ls_shell.pdbx_fsc_work 
_refine_ls_shell.pdbx_fsc_free 
'X-RAY DIFFRACTION' 2.1050 2.2369 . . 143 2549 99.0000  . . . 0.3126 0.0000 0.2561 . . . . . . . . . . . 
'X-RAY DIFFRACTION' 2.2369 2.4095 . . 114 2632 100.0000 . . . 0.2774 0.0000 0.2550 . . . . . . . . . . . 
'X-RAY DIFFRACTION' 2.4095 2.6518 . . 152 2600 100.0000 . . . 0.3085 0.0000 0.2675 . . . . . . . . . . . 
'X-RAY DIFFRACTION' 2.6518 3.0352 . . 149 2625 100.0000 . . . 0.3226 0.0000 0.2590 . . . . . . . . . . . 
'X-RAY DIFFRACTION' 3.0352 3.8227 . . 162 2626 100.0000 . . . 0.2578 0.0000 0.2380 . . . . . . . . . . . 
# 
_struct.entry_id                     6LPA 
_struct.title                        'The nsp1 protein of a new porcine coronavirus' 
_struct.pdbx_model_details           ? 
_struct.pdbx_formula_weight          ? 
_struct.pdbx_formula_weight_method   ? 
_struct.pdbx_model_type_details      ? 
_struct.pdbx_CASP_flag               N 
# 
_struct_keywords.entry_id        6LPA 
_struct_keywords.text            'A new porcine coronavirus, VIRAL PROTEIN' 
_struct_keywords.pdbx_keywords   'VIRAL PROTEIN' 
# 
loop_
_struct_asym.id 
_struct_asym.pdbx_blank_PDB_chainid_flag 
_struct_asym.pdbx_modified 
_struct_asym.entity_id 
_struct_asym.details 
A N N 1 ? 
B N N 1 ? 
C N N 2 ? 
D N N 2 ? 
# 
loop_
_struct_conf.conf_type_id 
_struct_conf.id 
_struct_conf.pdbx_PDB_helix_id 
_struct_conf.beg_label_comp_id 
_struct_conf.beg_label_asym_id 
_struct_conf.beg_label_seq_id 
_struct_conf.pdbx_beg_PDB_ins_code 
_struct_conf.end_label_comp_id 
_struct_conf.end_label_asym_id 
_struct_conf.end_label_seq_id 
_struct_conf.pdbx_end_PDB_ins_code 
_struct_conf.beg_auth_comp_id 
_struct_conf.beg_auth_asym_id 
_struct_conf.beg_auth_seq_id 
_struct_conf.end_auth_comp_id 
_struct_conf.end_auth_asym_id 
_struct_conf.end_auth_seq_id 
_struct_conf.pdbx_PDB_helix_class 
_struct_conf.details 
_struct_conf.pdbx_PDB_helix_length 
HELX_P HELX_P1 AA1 THR A 23 ? HIS A 37 ? THR A 22 HIS A 36 1 ? 15 
HELX_P HELX_P2 AA2 LEU A 49 ? ASP A 51 ? LEU A 48 ASP A 50 5 ? 3  
HELX_P HELX_P3 AA3 THR B 23 ? HIS B 37 ? THR B 22 HIS B 36 1 ? 15 
HELX_P HELX_P4 AA4 GLY B 48 ? ASP B 51 ? GLY B 47 ASP B 50 5 ? 4  
# 
_struct_conf_type.id          HELX_P 
_struct_conf_type.criteria    ? 
_struct_conf_type.reference   ? 
# 
loop_
_struct_sheet.id 
_struct_sheet.type 
_struct_sheet.number_strands 
_struct_sheet.details 
AA1 ? 2 ? 
AA2 ? 2 ? 
AA3 ? 5 ? 
AA4 ? 7 ? 
AA5 ? 2 ? 
# 
loop_
_struct_sheet_order.sheet_id 
_struct_sheet_order.range_id_1 
_struct_sheet_order.range_id_2 
_struct_sheet_order.offset 
_struct_sheet_order.sense 
AA1 1 2 ? anti-parallel 
AA2 1 2 ? parallel      
AA3 1 2 ? anti-parallel 
AA3 2 3 ? anti-parallel 
AA3 3 4 ? anti-parallel 
AA3 4 5 ? parallel      
AA4 1 2 ? parallel      
AA4 2 3 ? anti-parallel 
AA4 3 4 ? anti-parallel 
AA4 4 5 ? anti-parallel 
AA4 5 6 ? parallel      
AA4 6 7 ? anti-parallel 
AA5 1 2 ? parallel      
# 
loop_
_struct_sheet_range.sheet_id 
_struct_sheet_range.id 
_struct_sheet_range.beg_label_comp_id 
_struct_sheet_range.beg_label_asym_id 
_struct_sheet_range.beg_label_seq_id 
_struct_sheet_range.pdbx_beg_PDB_ins_code 
_struct_sheet_range.end_label_comp_id 
_struct_sheet_range.end_label_asym_id 
_struct_sheet_range.end_label_seq_id 
_struct_sheet_range.pdbx_end_PDB_ins_code 
_struct_sheet_range.beg_auth_comp_id 
_struct_sheet_range.beg_auth_asym_id 
_struct_sheet_range.beg_auth_seq_id 
_struct_sheet_range.end_auth_comp_id 
_struct_sheet_range.end_auth_asym_id 
_struct_sheet_range.end_auth_seq_id 
AA1 1 LEU A 6   ? ALA A 11  ? LEU A 5   ALA A 10  
AA1 2 TYR A 96  ? PHE A 101 ? TYR A 95  PHE A 100 
AA2 1 ILE A 16  ? SER A 17  ? ILE A 15  SER A 16  
AA2 2 VAL A 53  ? ILE A 54  ? VAL A 52  ILE A 53  
AA3 1 CYS A 42  ? ALA A 46  ? CYS A 41  ALA A 45  
AA3 2 LEU A 85  ? PRO A 91  ? LEU A 84  PRO A 90  
AA3 3 PHE A 61  ? GLU A 66  ? PHE A 60  GLU A 65  
AA3 4 LEU A 71  ? THR A 77  ? LEU A 70  THR A 76  
AA3 5 VAL A 103 ? ILE A 104 ? VAL A 102 ILE A 103 
AA4 1 GLN B 5   ? ALA B 11  ? GLN B 4   ALA B 10  
AA4 2 CYS B 42  ? ALA B 46  ? CYS B 41  ALA B 45  
AA4 3 LEU B 85  ? PRO B 91  ? LEU B 84  PRO B 90  
AA4 4 PHE B 61  ? GLU B 66  ? PHE B 60  GLU B 65  
AA4 5 LEU B 71  ? THR B 77  ? LEU B 70  THR B 76  
AA4 6 TYR B 96  ? ILE B 104 ? TYR B 95  ILE B 103 
AA4 7 GLN B 5   ? ALA B 11  ? GLN B 4   ALA B 10  
AA5 1 ILE B 16  ? SER B 17  ? ILE B 15  SER B 16  
AA5 2 VAL B 53  ? ILE B 54  ? VAL B 52  ILE B 53  
# 
loop_
_pdbx_struct_sheet_hbond.sheet_id 
_pdbx_struct_sheet_hbond.range_id_1 
_pdbx_struct_sheet_hbond.range_id_2 
_pdbx_struct_sheet_hbond.range_1_label_atom_id 
_pdbx_struct_sheet_hbond.range_1_label_comp_id 
_pdbx_struct_sheet_hbond.range_1_label_asym_id 
_pdbx_struct_sheet_hbond.range_1_label_seq_id 
_pdbx_struct_sheet_hbond.range_1_PDB_ins_code 
_pdbx_struct_sheet_hbond.range_1_auth_atom_id 
_pdbx_struct_sheet_hbond.range_1_auth_comp_id 
_pdbx_struct_sheet_hbond.range_1_auth_asym_id 
_pdbx_struct_sheet_hbond.range_1_auth_seq_id 
_pdbx_struct_sheet_hbond.range_2_label_atom_id 
_pdbx_struct_sheet_hbond.range_2_label_comp_id 
_pdbx_struct_sheet_hbond.range_2_label_asym_id 
_pdbx_struct_sheet_hbond.range_2_label_seq_id 
_pdbx_struct_sheet_hbond.range_2_PDB_ins_code 
_pdbx_struct_sheet_hbond.range_2_auth_atom_id 
_pdbx_struct_sheet_hbond.range_2_auth_comp_id 
_pdbx_struct_sheet_hbond.range_2_auth_asym_id 
_pdbx_struct_sheet_hbond.range_2_auth_seq_id 
AA1 1 2 N LEU A 6   ? N LEU A 5   O PHE A 101 ? O PHE A 100 
AA2 1 2 N ILE A 16  ? N ILE A 15  O ILE A 54  ? O ILE A 53  
AA3 1 2 N VAL A 45  ? N VAL A 44  O TRP A 88  ? O TRP A 87  
AA3 2 3 O ARG A 86  ? O ARG A 85  N LEU A 65  ? N LEU A 64  
AA3 3 4 N ALA A 64  ? N ALA A 63  O TYR A 74  ? O TYR A 73  
AA3 4 5 N ALA A 73  ? N ALA A 72  O ILE A 104 ? O ILE A 103 
AA4 1 2 N ALA B 9   ? N ALA B 8   O PHE B 44  ? O PHE B 43  
AA4 2 3 N VAL B 45  ? N VAL B 44  O TRP B 88  ? O TRP B 87  
AA4 3 4 O LEU B 89  ? O LEU B 88  N VAL B 63  ? N VAL B 62  
AA4 4 5 N VAL B 62  ? N VAL B 61  O ALA B 76  ? O ALA B 75  
AA4 5 6 N LEU B 71  ? N LEU B 70  O ILE B 104 ? O ILE B 103 
AA4 6 7 O PHE B 101 ? O PHE B 100 N LEU B 6   ? N LEU B 5   
AA5 1 2 N ILE B 16  ? N ILE B 15  O ILE B 54  ? O ILE B 53  
# 
_atom_sites.entry_id                    6LPA 
_atom_sites.Cartn_transf_matrix[1][1]   ? 
_atom_sites.Cartn_transf_matrix[1][2]   ? 
_atom_sites.Cartn_transf_matrix[1][3]   ? 
_atom_sites.Cartn_transf_matrix[2][1]   ? 
_atom_sites.Cartn_transf_matrix[2][2]   ? 
_atom_sites.Cartn_transf_matrix[2][3]   ? 
_atom_sites.Cartn_transf_matrix[3][1]   ? 
_atom_sites.Cartn_transf_matrix[3][2]   ? 
_atom_sites.Cartn_transf_matrix[3][3]   ? 
_atom_sites.Cartn_transf_vector[1]      ? 
_atom_sites.Cartn_transf_vector[2]      ? 
_atom_sites.Cartn_transf_vector[3]      ? 
_atom_sites.fract_transf_matrix[1][1]   0.00627047 
_atom_sites.fract_transf_matrix[1][2]   0.01632644 
_atom_sites.fract_transf_matrix[1][3]   -0.00517235 
_atom_sites.fract_transf_matrix[2][1]   0.01055060 
_atom_sites.fract_transf_matrix[2][2]   -0.00735830 
_atom_sites.fract_transf_matrix[2][3]   -0.01043582 
_atom_sites.fract_transf_matrix[3][1]   -0.00821354 
_atom_sites.fract_transf_matrix[3][2]   0.00042818 
_atom_sites.fract_transf_matrix[3][3]   -0.00860579 
_atom_sites.fract_transf_vector[1]      0.118827 
_atom_sites.fract_transf_vector[2]      -0.112752 
_atom_sites.fract_transf_vector[3]      -0.261258 
_atom_sites.solution_primary            ? 
_atom_sites.solution_secondary          ? 
_atom_sites.solution_hydrogens          ? 
_atom_sites.special_details             ? 
# 
loop_
_atom_type.symbol 
C 
N 
O 
S 
# 
loop_
_atom_site.group_PDB 
_atom_site.id 
_atom_site.type_symbol 
_atom_site.label_atom_id 
_atom_site.label_alt_id 
_atom_site.label_comp_id 
_atom_site.label_asym_id 
_atom_site.label_entity_id 
_atom_site.label_seq_id 
_atom_site.pdbx_PDB_ins_code 
_atom_site.Cartn_x 
_atom_site.Cartn_y 
_atom_site.Cartn_z 
_atom_site.occupancy 
_atom_site.B_iso_or_equiv 
_atom_site.pdbx_formal_charge 
_atom_site.auth_seq_id 
_atom_site.auth_comp_id 
_atom_site.auth_asym_id 
_atom_site.auth_atom_id 
_atom_site.pdbx_PDB_model_num 
ATOM   1    N N   . ASN A 1 4   ? -6.937  19.106  0.249   1.00 77.00 ? 3   ASN A N   1 
ATOM   2    C CA  . ASN A 1 4   ? -7.422  19.087  1.626   1.00 76.85 ? 3   ASN A CA  1 
ATOM   3    C C   . ASN A 1 4   ? -8.928  19.400  1.694   1.00 80.39 ? 3   ASN A C   1 
ATOM   4    O O   . ASN A 1 4   ? -9.501  19.528  2.781   1.00 83.92 ? 3   ASN A O   1 
ATOM   5    C CB  . ASN A 1 4   ? -6.629  20.068  2.493   1.00 77.26 ? 3   ASN A CB  1 
ATOM   6    C CG  . ASN A 1 4   ? -6.779  19.784  3.981   1.00 79.50 ? 3   ASN A CG  1 
ATOM   7    O OD1 . ASN A 1 4   ? -5.852  19.298  4.637   1.00 72.23 ? 3   ASN A OD1 1 
ATOM   8    N ND2 . ASN A 1 4   ? -7.962  20.074  4.519   1.00 84.93 ? 3   ASN A ND2 1 
ATOM   9    N N   . GLN A 1 5   ? -9.554  19.529  0.519   1.00 80.67 ? 4   GLN A N   1 
ATOM   10   C CA  . GLN A 1 5   ? -11.009 19.688  0.412   1.00 72.88 ? 4   GLN A CA  1 
ATOM   11   C C   . GLN A 1 5   ? -11.371 19.339  -1.034  1.00 71.35 ? 4   GLN A C   1 
ATOM   12   O O   . GLN A 1 5   ? -11.160 20.156  -1.932  1.00 72.10 ? 4   GLN A O   1 
ATOM   13   C CB  . GLN A 1 5   ? -11.453 21.095  0.771   1.00 76.68 ? 4   GLN A CB  1 
ATOM   14   C CG  . GLN A 1 5   ? -12.751 21.151  1.548   1.00 79.23 ? 4   GLN A CG  1 
ATOM   15   C CD  . GLN A 1 5   ? -13.986 21.013  0.663   1.00 85.70 ? 4   GLN A CD  1 
ATOM   16   O OE1 . GLN A 1 5   ? -13.889 20.696  -0.526  1.00 83.31 ? 4   GLN A OE1 1 
ATOM   17   N NE2 . GLN A 1 5   ? -15.159 21.261  1.244   1.00 83.69 ? 4   GLN A NE2 1 
ATOM   18   N N   . LEU A 1 6   ? -11.911 18.134  -1.237  1.00 66.23 ? 5   LEU A N   1 
ATOM   19   C CA  . LEU A 1 6   ? -12.047 17.539  -2.565  1.00 63.03 ? 5   LEU A CA  1 
ATOM   20   C C   . LEU A 1 6   ? -13.497 17.184  -2.866  1.00 60.38 ? 5   LEU A C   1 
ATOM   21   O O   . LEU A 1 6   ? -14.196 16.602  -2.029  1.00 56.75 ? 5   LEU A O   1 
ATOM   22   C CB  . LEU A 1 6   ? -11.195 16.263  -2.690  1.00 63.03 ? 5   LEU A CB  1 
ATOM   23   C CG  . LEU A 1 6   ? -9.923  16.188  -3.537  1.00 62.60 ? 5   LEU A CG  1 
ATOM   24   C CD1 . LEU A 1 6   ? -9.323  14.769  -3.479  1.00 57.30 ? 5   LEU A CD1 1 
ATOM   25   C CD2 . LEU A 1 6   ? -10.197 16.608  -4.979  1.00 64.49 ? 5   LEU A CD2 1 
ATOM   26   N N   . THR A 1 7   ? -13.932 17.511  -4.078  1.00 57.58 ? 6   THR A N   1 
ATOM   27   C CA  . THR A 1 7   ? -15.184 16.992  -4.602  1.00 57.09 ? 6   THR A CA  1 
ATOM   28   C C   . THR A 1 7   ? -14.868 15.742  -5.417  1.00 54.52 ? 6   THR A C   1 
ATOM   29   O O   . THR A 1 7   ? -14.125 15.800  -6.406  1.00 54.32 ? 6   THR A O   1 
ATOM   30   C CB  . THR A 1 7   ? -15.917 18.040  -5.437  1.00 59.02 ? 6   THR A CB  1 
ATOM   31   O OG1 . THR A 1 7   ? -16.135 19.206  -4.633  1.00 61.93 ? 6   THR A OG1 1 
ATOM   32   C CG2 . THR A 1 7   ? -17.264 17.504  -5.891  1.00 55.73 ? 6   THR A CG2 1 
ATOM   33   N N   . LEU A 1 8   ? -15.396 14.610  -4.973  1.00 50.66 ? 7   LEU A N   1 
ATOM   34   C CA  . LEU A 1 8   ? -15.161 13.320  -5.601  1.00 49.15 ? 7   LEU A CA  1 
ATOM   35   C C   . LEU A 1 8   ? -16.443 12.794  -6.224  1.00 50.65 ? 7   LEU A C   1 
ATOM   36   O O   . LEU A 1 8   ? -17.541 13.049  -5.724  1.00 49.85 ? 7   LEU A O   1 
ATOM   37   C CB  . LEU A 1 8   ? -14.645 12.305  -4.578  1.00 47.77 ? 7   LEU A CB  1 
ATOM   38   C CG  . LEU A 1 8   ? -13.335 12.650  -3.870  1.00 52.11 ? 7   LEU A CG  1 
ATOM   39   C CD1 . LEU A 1 8   ? -13.016 11.595  -2.821  1.00 52.58 ? 7   LEU A CD1 1 
ATOM   40   C CD2 . LEU A 1 8   ? -12.199 12.816  -4.867  1.00 49.12 ? 7   LEU A CD2 1 
ATOM   41   N N   . ALA A 1 9   ? -16.290 12.031  -7.304  1.00 45.06 ? 8   ALA A N   1 
ATOM   42   C CA  . ALA A 1 9   ? -17.413 11.380  -7.953  1.00 43.59 ? 8   ALA A CA  1 
ATOM   43   C C   . ALA A 1 9   ? -17.679 10.042  -7.268  1.00 49.86 ? 8   ALA A C   1 
ATOM   44   O O   . ALA A 1 9   ? -16.959 9.064   -7.493  1.00 50.86 ? 8   ALA A O   1 
ATOM   45   C CB  . ALA A 1 9   ? -17.143 11.201  -9.442  1.00 42.96 ? 8   ALA A CB  1 
ATOM   46   N N   . VAL A 1 10  ? -18.717 9.997   -6.443  1.00 48.39 ? 9   VAL A N   1 
ATOM   47   C CA  . VAL A 1 10  ? -19.052 8.803   -5.676  1.00 48.12 ? 9   VAL A CA  1 
ATOM   48   C C   . VAL A 1 10  ? -19.928 7.899   -6.528  1.00 50.08 ? 9   VAL A C   1 
ATOM   49   O O   . VAL A 1 10  ? -20.969 8.328   -7.041  1.00 44.21 ? 9   VAL A O   1 
ATOM   50   C CB  . VAL A 1 10  ? -19.761 9.175   -4.371  1.00 50.13 ? 9   VAL A CB  1 
ATOM   51   C CG1 . VAL A 1 10  ? -20.244 7.901   -3.654  1.00 49.50 ? 9   VAL A CG1 1 
ATOM   52   C CG2 . VAL A 1 10  ? -18.831 10.022  -3.502  1.00 47.10 ? 9   VAL A CG2 1 
ATOM   53   N N   . ALA A 1 11  ? -19.512 6.640   -6.672  1.00 46.76 ? 10  ALA A N   1 
ATOM   54   C CA  . ALA A 1 11  ? -20.209 5.730   -7.562  1.00 46.70 ? 10  ALA A CA  1 
ATOM   55   C C   . ALA A 1 11  ? -21.645 5.532   -7.094  1.00 45.34 ? 10  ALA A C   1 
ATOM   56   O O   . ALA A 1 11  ? -21.914 5.468   -5.894  1.00 48.49 ? 10  ALA A O   1 
ATOM   57   C CB  . ALA A 1 11  ? -19.467 4.396   -7.621  1.00 47.11 ? 10  ALA A CB  1 
ATOM   58   N N   . SER A 1 12  ? -22.578 5.462   -8.056  1.00 48.09 ? 11  SER A N   1 
ATOM   59   C CA  . SER A 1 12  ? -23.976 5.248   -7.707  1.00 48.19 ? 11  SER A CA  1 
ATOM   60   C C   . SER A 1 12  ? -24.642 4.147   -8.528  1.00 51.69 ? 11  SER A C   1 
ATOM   61   O O   . SER A 1 12  ? -25.845 3.920   -8.359  1.00 57.28 ? 11  SER A O   1 
ATOM   62   C CB  . SER A 1 12  ? -24.791 6.547   -7.854  1.00 48.41 ? 11  SER A CB  1 
ATOM   63   O OG  . SER A 1 12  ? -24.662 7.044   -9.160  1.00 53.53 ? 11  SER A OG  1 
ATOM   64   N N   . ASP A 1 13  ? -23.922 3.457   -9.406  1.00 46.70 ? 12  ASP A N   1 
ATOM   65   C CA  . ASP A 1 13  ? -24.522 2.383   -10.183 1.00 55.16 ? 12  ASP A CA  1 
ATOM   66   C C   . ASP A 1 13  ? -24.644 1.090   -9.367  1.00 55.25 ? 12  ASP A C   1 
ATOM   67   O O   . ASP A 1 13  ? -23.895 0.846   -8.414  1.00 48.70 ? 12  ASP A O   1 
ATOM   68   C CB  . ASP A 1 13  ? -23.694 2.075   -11.430 1.00 50.49 ? 12  ASP A CB  1 
ATOM   69   C CG  . ASP A 1 13  ? -23.979 3.006   -12.564 1.00 53.86 ? 12  ASP A CG  1 
ATOM   70   O OD1 . ASP A 1 13  ? -25.056 3.640   -12.556 1.00 56.43 ? 12  ASP A OD1 1 
ATOM   71   O OD2 . ASP A 1 13  ? -23.123 3.086   -13.470 1.00 52.38 ? 12  ASP A OD2 1 
ATOM   72   N N   . GLN A 1 14  ? -25.593 0.244   -9.792  1.00 56.19 ? 13  GLN A N   1 
ATOM   73   C CA  . GLN A 1 14  ? -25.690 -1.123  -9.276  1.00 56.93 ? 13  GLN A CA  1 
ATOM   74   C C   . GLN A 1 14  ? -24.383 -1.889  -9.440  1.00 57.32 ? 13  GLN A C   1 
ATOM   75   O O   . GLN A 1 14  ? -23.974 -2.646  -8.548  1.00 59.42 ? 13  GLN A O   1 
ATOM   76   C CB  . GLN A 1 14  ? -26.796 -1.875  -10.010 1.00 54.42 ? 13  GLN A CB  1 
ATOM   77   C CG  . GLN A 1 14  ? -28.055 -1.995  -9.251  1.00 58.85 ? 13  GLN A CG  1 
ATOM   78   C CD  . GLN A 1 14  ? -27.931 -2.903  -8.053  1.00 56.82 ? 13  GLN A CD  1 
ATOM   79   O OE1 . GLN A 1 14  ? -26.841 -3.400  -7.704  1.00 57.69 ? 13  GLN A OE1 1 
ATOM   80   N NE2 . GLN A 1 14  ? -29.047 -3.099  -7.390  1.00 48.24 ? 13  GLN A NE2 1 
ATOM   81   N N   . GLU A 1 15  ? -23.746 -1.752  -10.597 1.00 58.75 ? 14  GLU A N   1 
ATOM   82   C CA  . GLU A 1 15  ? -22.463 -2.376  -10.875 1.00 59.89 ? 14  GLU A CA  1 
ATOM   83   C C   . GLU A 1 15  ? -21.497 -1.306  -11.352 1.00 57.20 ? 14  GLU A C   1 
ATOM   84   O O   . GLU A 1 15  ? -21.887 -0.372  -12.059 1.00 59.91 ? 14  GLU A O   1 
ATOM   85   C CB  . GLU A 1 15  ? -22.580 -3.501  -11.931 1.00 65.55 ? 14  GLU A CB  1 
ATOM   86   C CG  . GLU A 1 15  ? -22.622 -4.901  -11.323 1.00 72.65 ? 14  GLU A CG  1 
ATOM   87   C CD  . GLU A 1 15  ? -22.084 -5.977  -12.263 1.00 74.41 ? 14  GLU A CD  1 
ATOM   88   O OE1 . GLU A 1 15  ? -21.859 -7.115  -11.791 1.00 73.94 ? 14  GLU A OE1 1 
ATOM   89   O OE2 . GLU A 1 15  ? -21.891 -5.682  -13.468 1.00 72.30 ? 14  GLU A OE2 1 
ATOM   90   N N   . ILE A 1 16  ? -20.239 -1.443  -10.956 1.00 51.71 ? 15  ILE A N   1 
ATOM   91   C CA  . ILE A 1 16  ? -19.204 -0.460  -11.241 1.00 58.22 ? 15  ILE A CA  1 
ATOM   92   C C   . ILE A 1 16  ? -18.153 -1.190  -12.053 1.00 57.16 ? 15  ILE A C   1 
ATOM   93   O O   . ILE A 1 16  ? -17.438 -2.050  -11.523 1.00 54.16 ? 15  ILE A O   1 
ATOM   94   C CB  . ILE A 1 16  ? -18.609 0.141   -9.952  1.00 57.38 ? 15  ILE A CB  1 
ATOM   95   C CG1 . ILE A 1 16  ? -19.620 1.061   -9.261  1.00 58.96 ? 15  ILE A CG1 1 
ATOM   96   C CG2 . ILE A 1 16  ? -17.338 0.937   -10.215 1.00 58.96 ? 15  ILE A CG2 1 
ATOM   97   C CD1 . ILE A 1 16  ? -19.424 1.107   -7.722  1.00 54.01 ? 15  ILE A CD1 1 
ATOM   98   N N   . SER A 1 17  ? -18.084 -0.896  -13.345 1.00 51.84 ? 16  SER A N   1 
ATOM   99   C CA  . SER A 1 17  ? -16.974 -1.399  -14.139 1.00 54.93 ? 16  SER A CA  1 
ATOM   100  C C   . SER A 1 17  ? -15.764 -0.484  -13.955 1.00 53.23 ? 16  SER A C   1 
ATOM   101  O O   . SER A 1 17  ? -15.877 0.739   -14.099 1.00 51.04 ? 16  SER A O   1 
ATOM   102  C CB  . SER A 1 17  ? -17.361 -1.480  -15.611 1.00 56.14 ? 16  SER A CB  1 
ATOM   103  O OG  . SER A 1 17  ? -16.205 -1.766  -16.368 1.00 59.55 ? 16  SER A OG  1 
ATOM   104  N N   . ALA A 1 18  ? -14.613 -1.069  -13.618 1.00 51.82 ? 17  ALA A N   1 
ATOM   105  C CA  . ALA A 1 18  ? -13.457 -0.291  -13.200 1.00 47.90 ? 17  ALA A CA  1 
ATOM   106  C C   . ALA A 1 18  ? -12.186 -1.055  -13.539 1.00 51.97 ? 17  ALA A C   1 
ATOM   107  O O   . ALA A 1 18  ? -12.225 -2.168  -14.065 1.00 54.22 ? 17  ALA A O   1 
ATOM   108  C CB  . ALA A 1 18  ? -13.524 0.027   -11.702 1.00 42.18 ? 17  ALA A CB  1 
ATOM   109  N N   . HIS A 1 19  ? -11.049 -0.447  -13.225 1.00 49.21 ? 18  HIS A N   1 
ATOM   110  C CA  . HIS A 1 19  ? -9.776  -1.126  -13.412 1.00 52.34 ? 18  HIS A CA  1 
ATOM   111  C C   . HIS A 1 19  ? -8.741  -0.525  -12.475 1.00 51.37 ? 18  HIS A C   1 
ATOM   112  O O   . HIS A 1 19  ? -8.867  0.629   -12.053 1.00 50.58 ? 18  HIS A O   1 
ATOM   113  C CB  . HIS A 1 19  ? -9.293  -1.037  -14.867 1.00 53.10 ? 18  HIS A CB  1 
ATOM   114  C CG  . HIS A 1 19  ? -9.043  0.355   -15.346 1.00 50.15 ? 18  HIS A CG  1 
ATOM   115  N ND1 . HIS A 1 19  ? -7.794  0.941   -15.316 1.00 58.62 ? 18  HIS A ND1 1 
ATOM   116  C CD2 . HIS A 1 19  ? -9.878  1.278   -15.876 1.00 49.81 ? 18  HIS A CD2 1 
ATOM   117  C CE1 . HIS A 1 19  ? -7.873  2.169   -15.798 1.00 50.78 ? 18  HIS A CE1 1 
ATOM   118  N NE2 . HIS A 1 19  ? -9.126  2.396   -16.154 1.00 52.18 ? 18  HIS A NE2 1 
ATOM   119  N N   . GLY A 1 20  ? -7.720  -1.328  -12.152 1.00 49.09 ? 19  GLY A N   1 
ATOM   120  C CA  . GLY A 1 20  ? -6.547  -0.866  -11.434 1.00 46.62 ? 19  GLY A CA  1 
ATOM   121  C C   . GLY A 1 20  ? -5.266  -1.144  -12.203 1.00 51.76 ? 19  GLY A C   1 
ATOM   122  O O   . GLY A 1 20  ? -5.314  -1.419  -13.407 1.00 54.47 ? 19  GLY A O   1 
ATOM   123  N N   . TYR A 1 21  ? -4.123  -1.091  -11.524 1.00 45.00 ? 20  TYR A N   1 
ATOM   124  C CA  . TYR A 1 21  ? -2.816  -1.152  -12.162 1.00 52.38 ? 20  TYR A CA  1 
ATOM   125  C C   . TYR A 1 21  ? -1.964  -2.267  -11.555 1.00 53.97 ? 20  TYR A C   1 
ATOM   126  O O   . TYR A 1 21  ? -2.070  -2.549  -10.360 1.00 53.36 ? 20  TYR A O   1 
ATOM   127  C CB  . TYR A 1 21  ? -2.098  0.202   -12.038 1.00 53.97 ? 20  TYR A CB  1 
ATOM   128  C CG  . TYR A 1 21  ? -2.937  1.325   -12.624 1.00 55.68 ? 20  TYR A CG  1 
ATOM   129  C CD1 . TYR A 1 21  ? -3.177  1.394   -13.988 1.00 55.09 ? 20  TYR A CD1 1 
ATOM   130  C CD2 . TYR A 1 21  ? -3.527  2.285   -11.810 1.00 50.67 ? 20  TYR A CD2 1 
ATOM   131  C CE1 . TYR A 1 21  ? -3.969  2.397   -14.528 1.00 54.31 ? 20  TYR A CE1 1 
ATOM   132  C CE2 . TYR A 1 21  ? -4.315  3.301   -12.347 1.00 50.19 ? 20  TYR A CE2 1 
ATOM   133  C CZ  . TYR A 1 21  ? -4.533  3.346   -13.702 1.00 54.87 ? 20  TYR A CZ  1 
ATOM   134  O OH  . TYR A 1 21  ? -5.307  4.353   -14.240 1.00 58.66 ? 20  TYR A OH  1 
ATOM   135  N N   . PRO A 1 22  ? -1.110  -2.909  -12.367 1.00 59.23 ? 21  PRO A N   1 
ATOM   136  C CA  . PRO A 1 22  ? -0.459  -4.144  -11.904 1.00 55.27 ? 21  PRO A CA  1 
ATOM   137  C C   . PRO A 1 22  ? 0.779   -3.936  -11.043 1.00 58.10 ? 21  PRO A C   1 
ATOM   138  O O   . PRO A 1 22  ? 1.133   -4.853  -10.283 1.00 61.63 ? 21  PRO A O   1 
ATOM   139  C CB  . PRO A 1 22  ? -0.096  -4.865  -13.214 1.00 57.70 ? 21  PRO A CB  1 
ATOM   140  C CG  . PRO A 1 22  ? -0.221  -3.838  -14.306 1.00 59.93 ? 21  PRO A CG  1 
ATOM   141  C CD  . PRO A 1 22  ? -0.659  -2.534  -13.716 1.00 59.41 ? 21  PRO A CD  1 
ATOM   142  N N   . THR A 1 23  ? 1.455   -2.794  -11.126 1.00 56.46 ? 22  THR A N   1 
ATOM   143  C CA  . THR A 1 23  ? 2.635   -2.550  -10.313 1.00 56.82 ? 22  THR A CA  1 
ATOM   144  C C   . THR A 1 23  ? 2.571   -1.161  -9.706  1.00 60.87 ? 22  THR A C   1 
ATOM   145  O O   . THR A 1 23  ? 1.909   -0.264  -10.236 1.00 59.23 ? 22  THR A O   1 
ATOM   146  C CB  . THR A 1 23  ? 3.918   -2.665  -11.122 1.00 61.32 ? 22  THR A CB  1 
ATOM   147  O OG1 . THR A 1 23  ? 3.828   -1.811  -12.266 1.00 63.13 ? 22  THR A OG1 1 
ATOM   148  C CG2 . THR A 1 23  ? 4.153   -4.115  -11.548 1.00 62.85 ? 22  THR A CG2 1 
ATOM   149  N N   . MET A 1 24  ? 3.279   -0.999  -8.584  1.00 58.37 ? 23  MET A N   1 
ATOM   150  C CA  . MET A 1 24  ? 3.350   0.295   -7.923  1.00 61.59 ? 23  MET A CA  1 
ATOM   151  C C   . MET A 1 24  ? 3.822   1.371   -8.886  1.00 61.50 ? 23  MET A C   1 
ATOM   152  O O   . MET A 1 24  ? 3.237   2.457   -8.954  1.00 58.68 ? 23  MET A O   1 
ATOM   153  C CB  . MET A 1 24  ? 4.282   0.207   -6.715  1.00 58.39 ? 23  MET A CB  1 
ATOM   154  C CG  . MET A 1 24  ? 4.420   1.503   -5.957  1.00 58.58 ? 23  MET A CG  1 
ATOM   155  S SD  . MET A 1 24  ? 2.792   2.100   -5.490  1.00 66.49 ? 23  MET A SD  1 
ATOM   156  C CE  . MET A 1 24  ? 3.227   3.492   -4.452  1.00 56.87 ? 23  MET A CE  1 
ATOM   157  N N   . SER A 1 25  ? 4.866   1.073   -9.661  1.00 62.82 ? 24  SER A N   1 
ATOM   158  C CA  . SER A 1 25  ? 5.417   2.062   -10.582 1.00 62.34 ? 24  SER A CA  1 
ATOM   159  C C   . SER A 1 25  ? 4.363   2.544   -11.575 1.00 59.26 ? 24  SER A C   1 
ATOM   160  O O   . SER A 1 25  ? 4.221   3.748   -11.816 1.00 62.12 ? 24  SER A O   1 
ATOM   161  C CB  . SER A 1 25  ? 6.619   1.473   -11.317 1.00 66.87 ? 24  SER A CB  1 
ATOM   162  O OG  . SER A 1 25  ? 6.714   2.020   -12.619 1.00 70.52 ? 24  SER A OG  1 
ATOM   163  N N   . ASP A 1 26  ? 3.610   1.610   -12.158 1.00 63.75 ? 25  ASP A N   1 
ATOM   164  C CA  . ASP A 1 26  ? 2.566   1.989   -13.107 1.00 60.79 ? 25  ASP A CA  1 
ATOM   165  C C   . ASP A 1 26  ? 1.442   2.764   -12.422 1.00 62.23 ? 25  ASP A C   1 
ATOM   166  O O   . ASP A 1 26  ? 0.903   3.723   -12.994 1.00 57.54 ? 25  ASP A O   1 
ATOM   167  C CB  . ASP A 1 26  ? 2.028   0.739   -13.800 1.00 64.03 ? 25  ASP A CB  1 
ATOM   168  C CG  . ASP A 1 26  ? 1.236   1.067   -15.041 1.00 68.94 ? 25  ASP A CG  1 
ATOM   169  O OD1 . ASP A 1 26  ? 1.788   1.733   -15.945 1.00 74.34 ? 25  ASP A OD1 1 
ATOM   170  O OD2 . ASP A 1 26  ? 0.056   0.662   -15.111 1.00 69.40 ? 25  ASP A OD2 1 
ATOM   171  N N   . ALA A 1 27  ? 1.089   2.372   -11.191 1.00 56.93 ? 26  ALA A N   1 
ATOM   172  C CA  . ALA A 1 27  ? 0.033   3.065   -10.453 1.00 56.47 ? 26  ALA A CA  1 
ATOM   173  C C   . ALA A 1 27  ? 0.417   4.511   -10.155 1.00 54.85 ? 26  ALA A C   1 
ATOM   174  O O   . ALA A 1 27  ? -0.405  5.434   -10.295 1.00 53.02 ? 26  ALA A O   1 
ATOM   175  C CB  . ALA A 1 27  ? -0.266  2.316   -9.153  1.00 49.37 ? 26  ALA A CB  1 
ATOM   176  N N   . VAL A 1 28  ? 1.659   4.728   -9.710  1.00 57.75 ? 27  VAL A N   1 
ATOM   177  C CA  . VAL A 1 28  ? 2.115   6.079   -9.392  1.00 55.69 ? 27  VAL A CA  1 
ATOM   178  C C   . VAL A 1 28  ? 1.932   6.988   -10.599 1.00 57.57 ? 27  VAL A C   1 
ATOM   179  O O   . VAL A 1 28  ? 1.424   8.106   -10.482 1.00 59.03 ? 27  VAL A O   1 
ATOM   180  C CB  . VAL A 1 28  ? 3.580   6.060   -8.917  1.00 60.50 ? 27  VAL A CB  1 
ATOM   181  C CG1 . VAL A 1 28  ? 4.121   7.480   -8.789  1.00 57.55 ? 27  VAL A CG1 1 
ATOM   182  C CG2 . VAL A 1 28  ? 3.687   5.346   -7.586  1.00 62.21 ? 27  VAL A CG2 1 
ATOM   183  N N   . GLU A 1 29  ? 2.295   6.491   -11.783 1.00 59.74 ? 28  GLU A N   1 
ATOM   184  C CA  . GLU A 1 29  ? 2.216   7.301   -12.998 1.00 62.27 ? 28  GLU A CA  1 
ATOM   185  C C   . GLU A 1 29  ? 0.781   7.741   -13.288 1.00 59.51 ? 28  GLU A C   1 
ATOM   186  O O   . GLU A 1 29  ? 0.520   8.928   -13.503 1.00 56.13 ? 28  GLU A O   1 
ATOM   187  C CB  . GLU A 1 29  ? 2.790   6.508   -14.172 1.00 63.75 ? 28  GLU A CB  1 
ATOM   188  C CG  . GLU A 1 29  ? 3.022   7.306   -15.449 1.00 75.90 ? 28  GLU A CG  1 
ATOM   189  C CD  . GLU A 1 29  ? 3.236   6.392   -16.653 1.00 84.70 ? 28  GLU A CD  1 
ATOM   190  O OE1 . GLU A 1 29  ? 2.454   6.483   -17.631 1.00 86.92 ? 28  GLU A OE1 1 
ATOM   191  O OE2 . GLU A 1 29  ? 4.176   5.564   -16.607 1.00 90.72 ? 28  GLU A OE2 1 
ATOM   192  N N   . HIS A 1 30  ? -0.156  6.800   -13.308 0.00 59.34 ? 29  HIS A N   1 
ATOM   193  C CA  . HIS A 1 30  ? -1.530  7.138   -13.666 0.00 58.46 ? 29  HIS A CA  1 
ATOM   194  C C   . HIS A 1 30  ? -2.174  8.025   -12.613 0.00 56.61 ? 29  HIS A C   1 
ATOM   195  O O   . HIS A 1 30  ? -2.685  9.109   -12.920 0.00 56.14 ? 29  HIS A O   1 
ATOM   196  C CB  . HIS A 1 30  ? -2.341  5.863   -13.853 1.00 57.79 ? 29  HIS A CB  1 
ATOM   197  C CG  . HIS A 1 30  ? -2.014  5.129   -15.111 1.00 61.78 ? 29  HIS A CG  1 
ATOM   198  N ND1 . HIS A 1 30  ? -0.994  4.205   -15.191 1.00 61.43 ? 29  HIS A ND1 1 
ATOM   199  C CD2 . HIS A 1 30  ? -2.553  5.204   -16.349 1.00 64.62 ? 29  HIS A CD2 1 
ATOM   200  C CE1 . HIS A 1 30  ? -0.937  3.723   -16.418 1.00 61.98 ? 29  HIS A CE1 1 
ATOM   201  N NE2 . HIS A 1 30  ? -1.870  4.317   -17.142 1.00 68.95 ? 29  HIS A NE2 1 
ATOM   202  N N   . PHE A 1 31  ? -2.179  7.563   -11.364 0.00 55.47 ? 30  PHE A N   1 
ATOM   203  C CA  . PHE A 1 31  ? -2.828  8.302   -10.293 0.00 54.41 ? 30  PHE A CA  1 
ATOM   204  C C   . PHE A 1 31  ? -2.208  9.669   -10.092 0.00 54.79 ? 30  PHE A C   1 
ATOM   205  O O   . PHE A 1 31  ? -2.907  10.619  -9.722  0.00 54.20 ? 30  PHE A O   1 
ATOM   206  C CB  . PHE A 1 31  ? -2.755  7.498   -9.009  1.00 50.56 ? 30  PHE A CB  1 
ATOM   207  C CG  . PHE A 1 31  ? -3.677  6.331   -9.001  1.00 50.68 ? 30  PHE A CG  1 
ATOM   208  C CD1 . PHE A 1 31  ? -5.017  6.494   -9.337  1.00 53.30 ? 30  PHE A CD1 1 
ATOM   209  C CD2 . PHE A 1 31  ? -3.209  5.058   -8.727  1.00 50.54 ? 30  PHE A CD2 1 
ATOM   210  C CE1 . PHE A 1 31  ? -5.883  5.409   -9.365  1.00 49.06 ? 30  PHE A CE1 1 
ATOM   211  C CE2 . PHE A 1 31  ? -4.066  3.969   -8.744  1.00 52.56 ? 30  PHE A CE2 1 
ATOM   212  C CZ  . PHE A 1 31  ? -5.409  4.146   -9.065  1.00 52.07 ? 30  PHE A CZ  1 
ATOM   213  N N   . SER A 1 32  ? -0.901  9.787   -10.313 1.00 51.76 ? 31  SER A N   1 
ATOM   214  C CA  . SER A 1 32  ? -0.284  11.108  -10.281 1.00 59.21 ? 31  SER A CA  1 
ATOM   215  C C   . SER A 1 32  ? -0.957  12.023  -11.292 1.00 54.38 ? 31  SER A C   1 
ATOM   216  O O   . SER A 1 32  ? -1.351  13.144  -10.962 1.00 52.23 ? 31  SER A O   1 
ATOM   217  C CB  . SER A 1 32  ? 1.225   11.017  -10.543 1.00 56.75 ? 31  SER A CB  1 
ATOM   218  O OG  . SER A 1 32  ? 1.738   12.230  -11.069 1.00 68.57 ? 31  SER A OG  1 
ATOM   219  N N   . SER A 1 33  ? -1.156  11.537  -12.521 1.00 54.90 ? 32  SER A N   1 
ATOM   220  C CA  . SER A 1 33  ? -1.891  12.365  -13.473 1.00 54.53 ? 32  SER A CA  1 
ATOM   221  C C   . SER A 1 33  ? -3.356  12.475  -13.076 1.00 55.26 ? 32  SER A C   1 
ATOM   222  O O   . SER A 1 33  ? -3.969  13.539  -13.249 1.00 53.66 ? 32  SER A O   1 
ATOM   223  C CB  . SER A 1 33  ? -1.743  11.829  -14.901 1.00 55.22 ? 32  SER A CB  1 
ATOM   224  O OG  . SER A 1 33  ? -1.684  10.419  -14.942 1.00 64.92 ? 32  SER A OG  1 
ATOM   225  N N   . SER A 1 34  ? -3.921  11.417  -12.494 1.00 53.03 ? 33  SER A N   1 
ATOM   226  C CA  . SER A 1 34  ? -5.313  11.519  -12.077 1.00 53.49 ? 33  SER A CA  1 
ATOM   227  C C   . SER A 1 34  ? -5.459  12.538  -10.947 1.00 53.38 ? 33  SER A C   1 
ATOM   228  O O   . SER A 1 34  ? -6.419  13.314  -10.928 1.00 52.69 ? 33  SER A O   1 
ATOM   229  C CB  . SER A 1 34  ? -5.842  10.144  -11.671 1.00 54.55 ? 33  SER A CB  1 
ATOM   230  O OG  . SER A 1 34  ? -6.994  10.295  -10.866 1.00 62.75 ? 33  SER A OG  1 
ATOM   231  N N   . ALA A 1 35  ? -4.498  12.572  -10.015 1.00 53.57 ? 34  ALA A N   1 
ATOM   232  C CA  . ALA A 1 35  ? -4.539  13.541  -8.918  1.00 53.36 ? 34  ALA A CA  1 
ATOM   233  C C   . ALA A 1 35  ? -4.483  14.974  -9.427  1.00 51.28 ? 34  ALA A C   1 
ATOM   234  O O   . ALA A 1 35  ? -5.214  15.843  -8.946  1.00 55.20 ? 34  ALA A O   1 
ATOM   235  C CB  . ALA A 1 35  ? -3.384  13.289  -7.948  1.00 53.11 ? 34  ALA A CB  1 
ATOM   236  N N   . SER A 1 36  ? -3.627  15.240  -10.403 1.00 52.48 ? 35  SER A N   1 
ATOM   237  C CA  . SER A 1 36  ? -3.499  16.588  -10.931 1.00 56.84 ? 35  SER A CA  1 
ATOM   238  C C   . SER A 1 36  ? -4.667  16.979  -11.824 1.00 54.92 ? 35  SER A C   1 
ATOM   239  O O   . SER A 1 36  ? -4.746  18.130  -12.248 1.00 54.31 ? 35  SER A O   1 
ATOM   240  C CB  . SER A 1 36  ? -2.178  16.723  -11.691 1.00 54.32 ? 35  SER A CB  1 
ATOM   241  O OG  . SER A 1 36  ? -2.278  16.168  -12.992 1.00 60.36 ? 35  SER A OG  1 
ATOM   242  N N   . HIS A 1 37  ? -5.576  16.053  -12.120 1.00 54.62 ? 36  HIS A N   1 
ATOM   243  C CA  . HIS A 1 37  ? -6.796  16.377  -12.839 1.00 49.34 ? 36  HIS A CA  1 
ATOM   244  C C   . HIS A 1 37  ? -8.019  16.152  -11.952 1.00 53.39 ? 36  HIS A C   1 
ATOM   245  O O   . HIS A 1 37  ? -9.103  15.815  -12.445 1.00 54.40 ? 36  HIS A O   1 
ATOM   246  C CB  . HIS A 1 37  ? -6.884  15.570  -14.132 1.00 50.43 ? 36  HIS A CB  1 
ATOM   247  C CG  . HIS A 1 37  ? -5.865  15.950  -15.168 1.00 47.72 ? 36  HIS A CG  1 
ATOM   248  N ND1 . HIS A 1 37  ? -4.579  15.445  -15.180 1.00 48.42 ? 36  HIS A ND1 1 
ATOM   249  C CD2 . HIS A 1 37  ? -5.950  16.780  -16.239 1.00 46.16 ? 36  HIS A CD2 1 
ATOM   250  C CE1 . HIS A 1 37  ? -3.921  15.941  -16.214 1.00 47.63 ? 36  HIS A CE1 1 
ATOM   251  N NE2 . HIS A 1 37  ? -4.731  16.755  -16.872 1.00 50.75 ? 36  HIS A NE2 1 
ATOM   252  N N   . GLY A 1 38  ? -7.827  16.292  -10.633 1.00 52.91 ? 37  GLY A N   1 
ATOM   253  C CA  . GLY A 1 38  ? -8.891  16.224  -9.640  1.00 51.49 ? 37  GLY A CA  1 
ATOM   254  C C   . GLY A 1 38  ? -9.559  14.874  -9.476  1.00 53.30 ? 37  GLY A C   1 
ATOM   255  O O   . GLY A 1 38  ? -10.654 14.802  -8.907  1.00 54.93 ? 37  GLY A O   1 
ATOM   256  N N   . PHE A 1 39  ? -8.931  13.794  -9.947  1.00 50.79 ? 38  PHE A N   1 
ATOM   257  C CA  . PHE A 1 39  ? -9.502  12.439  -9.867  1.00 54.37 ? 38  PHE A CA  1 
ATOM   258  C C   . PHE A 1 39  ? -10.808 12.313  -10.647 1.00 51.58 ? 38  PHE A C   1 
ATOM   259  O O   . PHE A 1 39  ? -11.637 11.455  -10.339 1.00 52.34 ? 38  PHE A O   1 
ATOM   260  C CB  . PHE A 1 39  ? -9.718  11.993  -8.415  1.00 50.26 ? 38  PHE A CB  1 
ATOM   261  C CG  . PHE A 1 39  ? -8.443  11.888  -7.615  1.00 55.73 ? 38  PHE A CG  1 
ATOM   262  C CD1 . PHE A 1 39  ? -7.606  10.787  -7.748  1.00 53.61 ? 38  PHE A CD1 1 
ATOM   263  C CD2 . PHE A 1 39  ? -8.073  12.900  -6.746  1.00 51.01 ? 38  PHE A CD2 1 
ATOM   264  C CE1 . PHE A 1 39  ? -6.442  10.691  -7.023  1.00 51.60 ? 38  PHE A CE1 1 
ATOM   265  C CE2 . PHE A 1 39  ? -6.901  12.806  -6.021  1.00 55.37 ? 38  PHE A CE2 1 
ATOM   266  C CZ  . PHE A 1 39  ? -6.089  11.705  -6.164  1.00 54.34 ? 38  PHE A CZ  1 
ATOM   267  N N   . LYS A 1 40  ? -11.000 13.136  -11.685 1.00 48.16 ? 39  LYS A N   1 
ATOM   268  C CA  . LYS A 1 40  ? -12.242 13.060  -12.453 1.00 50.42 ? 39  LYS A CA  1 
ATOM   269  C C   . LYS A 1 40  ? -12.389 11.732  -13.193 1.00 48.88 ? 39  LYS A C   1 
ATOM   270  O O   . LYS A 1 40  ? -13.519 11.331  -13.491 1.00 48.54 ? 39  LYS A O   1 
ATOM   271  C CB  . LYS A 1 40  ? -12.330 14.223  -13.444 1.00 51.57 ? 39  LYS A CB  1 
ATOM   272  C CG  . LYS A 1 40  ? -13.727 14.548  -13.950 1.00 50.91 ? 39  LYS A CG  1 
ATOM   273  C CD  . LYS A 1 40  ? -13.758 15.934  -14.588 1.00 60.92 ? 39  LYS A CD  1 
ATOM   274  C CE  . LYS A 1 40  ? -15.032 16.181  -15.402 1.00 54.79 ? 39  LYS A CE  1 
ATOM   275  N NZ  . LYS A 1 40  ? -15.911 17.138  -14.704 1.00 64.66 ? 39  LYS A NZ  1 
ATOM   276  N N   . ASP A 1 41  ? -11.290 11.040  -13.494 1.00 46.64 ? 40  ASP A N   1 
ATOM   277  C CA  . ASP A 1 41  ? -11.369 9.733   -14.152 1.00 51.03 ? 40  ASP A CA  1 
ATOM   278  C C   . ASP A 1 41  ? -11.618 8.591   -13.168 1.00 45.15 ? 40  ASP A C   1 
ATOM   279  O O   . ASP A 1 41  ? -11.604 7.425   -13.573 1.00 47.04 ? 40  ASP A O   1 
ATOM   280  C CB  . ASP A 1 41  ? -10.082 9.465   -14.950 1.00 49.79 ? 40  ASP A CB  1 
ATOM   281  C CG  . ASP A 1 41  ? -8.834  9.449   -14.069 1.00 52.77 ? 40  ASP A CG  1 
ATOM   282  O OD1 . ASP A 1 41  ? -8.879  9.964   -12.936 1.00 50.14 ? 40  ASP A OD1 1 
ATOM   283  O OD2 . ASP A 1 41  ? -7.792  8.929   -14.512 1.00 62.41 ? 40  ASP A OD2 1 
ATOM   284  N N   . CYS A 1 42  ? -11.852 8.905   -11.898 1.00 48.70 ? 41  CYS A N   1 
ATOM   285  C CA  . CYS A 1 42  ? -11.911 7.937   -10.813 1.00 48.23 ? 41  CYS A CA  1 
ATOM   286  C C   . CYS A 1 42  ? -13.266 8.043   -10.104 1.00 49.97 ? 41  CYS A C   1 
ATOM   287  O O   . CYS A 1 42  ? -13.879 9.116   -10.076 1.00 42.74 ? 41  CYS A O   1 
ATOM   288  C CB  . CYS A 1 42  ? -10.765 8.206   -9.819  1.00 51.55 ? 41  CYS A CB  1 
ATOM   289  S SG  . CYS A 1 42  ? -9.179  7.596   -10.330 1.00 47.81 ? 41  CYS A SG  1 
ATOM   290  N N   . ARG A 1 43  ? -13.711 6.932   -9.486  1.00 43.29 ? 42  ARG A N   1 
ATOM   291  C CA  . ARG A 1 43  ? -14.935 6.893   -8.694  1.00 44.46 ? 42  ARG A CA  1 
ATOM   292  C C   . ARG A 1 43  ? -14.616 6.470   -7.270  1.00 46.30 ? 42  ARG A C   1 
ATOM   293  O O   . ARG A 1 43  ? -13.798 5.578   -7.050  1.00 47.81 ? 42  ARG A O   1 
ATOM   294  C CB  . ARG A 1 43  ? -15.989 5.941   -9.285  1.00 40.67 ? 42  ARG A CB  1 
ATOM   295  C CG  . ARG A 1 43  ? -16.472 6.331   -10.684 1.00 43.77 ? 42  ARG A CG  1 
ATOM   296  C CD  . ARG A 1 43  ? -17.271 7.670   -10.718 1.00 44.92 ? 42  ARG A CD  1 
ATOM   297  N NE  . ARG A 1 43  ? -17.612 8.000   -12.101 1.00 45.75 ? 42  ARG A NE  1 
ATOM   298  C CZ  . ARG A 1 43  ? -16.861 8.755   -12.905 1.00 49.32 ? 42  ARG A CZ  1 
ATOM   299  N NH1 . ARG A 1 43  ? -15.734 9.297   -12.463 1.00 48.15 ? 42  ARG A NH1 1 
ATOM   300  N NH2 . ARG A 1 43  ? -17.244 8.984   -14.149 1.00 49.61 ? 42  ARG A NH2 1 
ATOM   301  N N   . PHE A 1 44  ? -15.248 7.128   -6.298  1.00 45.16 ? 43  PHE A N   1 
ATOM   302  C CA  . PHE A 1 44  ? -15.084 6.723   -4.914  1.00 46.56 ? 43  PHE A CA  1 
ATOM   303  C C   . PHE A 1 44  ? -16.027 5.570   -4.594  1.00 50.70 ? 43  PHE A C   1 
ATOM   304  O O   . PHE A 1 44  ? -17.240 5.668   -4.806  1.00 44.97 ? 43  PHE A O   1 
ATOM   305  C CB  . PHE A 1 44  ? -15.352 7.877   -3.954  1.00 44.54 ? 43  PHE A CB  1 
ATOM   306  C CG  . PHE A 1 44  ? -15.316 7.459   -2.501  1.00 45.55 ? 43  PHE A CG  1 
ATOM   307  C CD1 . PHE A 1 44  ? -14.122 7.459   -1.800  1.00 48.31 ? 43  PHE A CD1 1 
ATOM   308  C CD2 . PHE A 1 44  ? -16.471 7.054   -1.846  1.00 43.97 ? 43  PHE A CD2 1 
ATOM   309  C CE1 . PHE A 1 44  ? -14.092 7.070   -0.465  1.00 47.21 ? 43  PHE A CE1 1 
ATOM   310  C CE2 . PHE A 1 44  ? -16.452 6.671   -0.529  1.00 43.10 ? 43  PHE A CE2 1 
ATOM   311  C CZ  . PHE A 1 44  ? -15.263 6.671   0.166   1.00 48.11 ? 43  PHE A CZ  1 
ATOM   312  N N   . VAL A 1 45  ? -15.478 4.504   -4.032  1.00 47.46 ? 44  VAL A N   1 
ATOM   313  C CA  . VAL A 1 45  ? -16.229 3.310   -3.709  1.00 46.39 ? 44  VAL A CA  1 
ATOM   314  C C   . VAL A 1 45  ? -16.040 3.103   -2.219  1.00 47.61 ? 44  VAL A C   1 
ATOM   315  O O   . VAL A 1 45  ? -14.912 2.891   -1.757  1.00 45.82 ? 44  VAL A O   1 
ATOM   316  C CB  . VAL A 1 45  ? -15.748 2.101   -4.519  1.00 48.25 ? 44  VAL A CB  1 
ATOM   317  C CG1 . VAL A 1 45  ? -16.626 0.872   -4.258  1.00 43.79 ? 44  VAL A CG1 1 
ATOM   318  C CG2 . VAL A 1 45  ? -15.697 2.472   -6.000  1.00 48.84 ? 44  VAL A CG2 1 
ATOM   319  N N   . ALA A 1 46  ? -17.129 3.203   -1.465  1.00 43.64 ? 45  ALA A N   1 
ATOM   320  C CA  . ALA A 1 46  ? -17.059 3.041   -0.022  1.00 45.91 ? 45  ALA A CA  1 
ATOM   321  C C   . ALA A 1 46  ? -16.653 1.615   0.336   1.00 46.46 ? 45  ALA A C   1 
ATOM   322  O O   . ALA A 1 46  ? -16.953 0.654   -0.382  1.00 46.91 ? 45  ALA A O   1 
ATOM   323  C CB  . ALA A 1 46  ? -18.411 3.373   0.613   1.00 44.68 ? 45  ALA A CB  1 
ATOM   324  N N   . PHE A 1 47  ? -15.963 1.475   1.460   1.00 47.09 ? 46  PHE A N   1 
ATOM   325  C CA  . PHE A 1 47  ? -15.692 0.143   1.970   1.00 49.18 ? 46  PHE A CA  1 
ATOM   326  C C   . PHE A 1 47  ? -17.010 -0.520  2.348   1.00 51.59 ? 46  PHE A C   1 
ATOM   327  O O   . PHE A 1 47  ? -17.859 0.092   3.009   1.00 48.78 ? 46  PHE A O   1 
ATOM   328  C CB  . PHE A 1 47  ? -14.770 0.184   3.184   1.00 46.53 ? 46  PHE A CB  1 
ATOM   329  C CG  . PHE A 1 47  ? -14.493 -1.184  3.756   1.00 48.97 ? 46  PHE A CG  1 
ATOM   330  C CD1 . PHE A 1 47  ? -13.516 -1.998  3.191   1.00 50.38 ? 46  PHE A CD1 1 
ATOM   331  C CD2 . PHE A 1 47  ? -15.266 -1.693  4.797   1.00 48.52 ? 46  PHE A CD2 1 
ATOM   332  C CE1 . PHE A 1 47  ? -13.271 -3.274  3.669   1.00 51.66 ? 46  PHE A CE1 1 
ATOM   333  C CE2 . PHE A 1 47  ? -15.011 -2.955  5.305   1.00 51.41 ? 46  PHE A CE2 1 
ATOM   334  C CZ  . PHE A 1 47  ? -14.012 -3.762  4.726   1.00 54.51 ? 46  PHE A CZ  1 
ATOM   335  N N   . GLY A 1 48  ? -17.168 -1.777  1.944   1.00 44.67 ? 47  GLY A N   1 
ATOM   336  C CA  . GLY A 1 48  ? -18.430 -2.471  2.044   1.00 51.85 ? 47  GLY A CA  1 
ATOM   337  C C   . GLY A 1 48  ? -19.117 -2.651  0.715   1.00 57.63 ? 47  GLY A C   1 
ATOM   338  O O   . GLY A 1 48  ? -19.972 -3.537  0.590   1.00 61.23 ? 47  GLY A O   1 
ATOM   339  N N   . LEU A 1 49  ? -18.739 -1.857  -0.292  1.00 53.83 ? 48  LEU A N   1 
ATOM   340  C CA  . LEU A 1 49  ? -19.315 -1.935  -1.625  1.00 50.36 ? 48  LEU A CA  1 
ATOM   341  C C   . LEU A 1 49  ? -18.335 -2.486  -2.654  1.00 53.00 ? 48  LEU A C   1 
ATOM   342  O O   . LEU A 1 49  ? -18.593 -2.390  -3.851  1.00 53.29 ? 48  LEU A O   1 
ATOM   343  C CB  . LEU A 1 49  ? -19.823 -0.557  -2.065  1.00 55.35 ? 48  LEU A CB  1 
ATOM   344  C CG  . LEU A 1 49  ? -20.681 0.203   -1.059  1.00 52.72 ? 48  LEU A CG  1 
ATOM   345  C CD1 . LEU A 1 49  ? -21.246 1.478   -1.685  1.00 54.75 ? 48  LEU A CD1 1 
ATOM   346  C CD2 . LEU A 1 49  ? -21.787 -0.669  -0.539  1.00 54.83 ? 48  LEU A CD2 1 
ATOM   347  N N   . GLN A 1 50  ? -17.222 -3.089  -2.226  1.00 50.34 ? 49  GLN A N   1 
ATOM   348  C CA  . GLN A 1 50  ? -16.275 -3.597  -3.210  1.00 48.67 ? 49  GLN A CA  1 
ATOM   349  C C   . GLN A 1 50  ? -16.896 -4.671  -4.079  1.00 51.48 ? 49  GLN A C   1 
ATOM   350  O O   . GLN A 1 50  ? -16.418 -4.906  -5.192  1.00 52.82 ? 49  GLN A O   1 
ATOM   351  C CB  . GLN A 1 50  ? -15.005 -4.140  -2.535  1.00 52.91 ? 49  GLN A CB  1 
ATOM   352  C CG  . GLN A 1 50  ? -15.250 -5.257  -1.531  1.00 49.55 ? 49  GLN A CG  1 
ATOM   353  C CD  . GLN A 1 50  ? -15.435 -4.712  -0.135  1.00 52.30 ? 49  GLN A CD  1 
ATOM   354  O OE1 . GLN A 1 50  ? -15.761 -3.535  0.037   1.00 48.89 ? 49  GLN A OE1 1 
ATOM   355  N NE2 . GLN A 1 50  ? -15.215 -5.553  0.872   1.00 49.45 ? 49  GLN A NE2 1 
ATOM   356  N N   . ASP A 1 51  ? -17.961 -5.320  -3.614  1.00 53.42 ? 50  ASP A N   1 
ATOM   357  C CA  . ASP A 1 51  ? -18.562 -6.329  -4.468  1.00 56.78 ? 50  ASP A CA  1 
ATOM   358  C C   . ASP A 1 51  ? -19.351 -5.700  -5.626  1.00 58.08 ? 50  ASP A C   1 
ATOM   359  O O   . ASP A 1 51  ? -19.764 -6.435  -6.524  1.00 57.19 ? 50  ASP A O   1 
ATOM   360  C CB  . ASP A 1 51  ? -19.418 -7.289  -3.609  1.00 53.06 ? 50  ASP A CB  1 
ATOM   361  C CG  . ASP A 1 51  ? -18.579 -8.046  -2.526  1.00 66.24 ? 50  ASP A CG  1 
ATOM   362  O OD1 . ASP A 1 51  ? -17.330 -8.128  -2.639  1.00 60.90 ? 50  ASP A OD1 1 
ATOM   363  O OD2 . ASP A 1 51  ? -19.170 -8.566  -1.548  1.00 66.94 ? 50  ASP A OD2 1 
ATOM   364  N N   . ILE A 1 52  ? -19.527 -4.366  -5.642  1.00 60.46 ? 51  ILE A N   1 
ATOM   365  C CA  . ILE A 1 52  ? -20.037 -3.659  -6.824  1.00 60.44 ? 51  ILE A CA  1 
ATOM   366  C C   . ILE A 1 52  ? -19.046 -3.688  -7.954  1.00 53.05 ? 51  ILE A C   1 
ATOM   367  O O   . ILE A 1 52  ? -19.429 -3.578  -9.123  1.00 56.45 ? 51  ILE A O   1 
ATOM   368  C CB  . ILE A 1 52  ? -20.310 -2.169  -6.573  1.00 58.88 ? 51  ILE A CB  1 
ATOM   369  C CG1 . ILE A 1 52  ? -21.267 -1.933  -5.456  1.00 53.42 ? 51  ILE A CG1 1 
ATOM   370  C CG2 . ILE A 1 52  ? -20.846 -1.535  -7.840  1.00 67.46 ? 51  ILE A CG2 1 
ATOM   371  C CD1 . ILE A 1 52  ? -22.443 -2.336  -5.765  1.00 67.79 ? 51  ILE A CD1 1 
ATOM   372  N N   . VAL A 1 53  ? -17.768 -3.696  -7.628  1.00 53.19 ? 52  VAL A N   1 
ATOM   373  C CA  . VAL A 1 53  ? -16.716 -3.449  -8.605  1.00 55.02 ? 52  VAL A CA  1 
ATOM   374  C C   . VAL A 1 53  ? -16.469 -4.710  -9.420  1.00 55.97 ? 52  VAL A C   1 
ATOM   375  O O   . VAL A 1 53  ? -16.241 -5.789  -8.865  1.00 56.10 ? 52  VAL A O   1 
ATOM   376  C CB  . VAL A 1 53  ? -15.431 -2.995  -7.892  1.00 52.98 ? 52  VAL A CB  1 
ATOM   377  C CG1 . VAL A 1 53  ? -14.383 -2.598  -8.897  1.00 50.26 ? 52  VAL A CG1 1 
ATOM   378  C CG2 . VAL A 1 53  ? -15.757 -1.874  -6.924  1.00 49.49 ? 52  VAL A CG2 1 
ATOM   379  N N   . ILE A 1 54  ? -16.490 -4.572  -10.741 1.00 51.08 ? 53  ILE A N   1 
ATOM   380  C CA  . ILE A 1 54  ? -16.037 -5.612  -11.648 1.00 51.32 ? 53  ILE A CA  1 
ATOM   381  C C   . ILE A 1 54  ? -14.858 -5.037  -12.416 1.00 54.96 ? 53  ILE A C   1 
ATOM   382  O O   . ILE A 1 54  ? -14.838 -3.838  -12.717 1.00 54.30 ? 53  ILE A O   1 
ATOM   383  C CB  . ILE A 1 54  ? -17.165 -6.101  -12.587 1.00 52.87 ? 53  ILE A CB  1 
ATOM   384  C CG1 . ILE A 1 54  ? -17.576 -5.017  -13.576 1.00 59.29 ? 53  ILE A CG1 1 
ATOM   385  C CG2 . ILE A 1 54  ? -18.375 -6.506  -11.769 1.00 57.20 ? 53  ILE A CG2 1 
ATOM   386  C CD1 . ILE A 1 54  ? -18.877 -5.302  -14.300 1.00 62.63 ? 53  ILE A CD1 1 
ATOM   387  N N   . GLY A 1 55  ? -13.838 -5.870  -12.638 1.00 47.35 ? 54  GLY A N   1 
ATOM   388  C CA  . GLY A 1 55  ? -12.643 -5.491  -13.368 1.00 48.82 ? 54  GLY A CA  1 
ATOM   389  C C   . GLY A 1 55  ? -11.413 -5.212  -12.530 1.00 48.04 ? 54  GLY A C   1 
ATOM   390  O O   . GLY A 1 55  ? -10.358 -4.891  -13.096 1.00 53.21 ? 54  GLY A O   1 
ATOM   391  N N   . VAL A 1 56  ? -11.502 -5.289  -11.205 1.00 48.68 ? 55  VAL A N   1 
ATOM   392  C CA  . VAL A 1 56  ? -10.376 -4.941  -10.335 1.00 50.97 ? 55  VAL A CA  1 
ATOM   393  C C   . VAL A 1 56  ? -10.048 -6.136  -9.445  1.00 54.13 ? 55  VAL A C   1 
ATOM   394  O O   . VAL A 1 56  ? -10.872 -6.550  -8.615  1.00 52.49 ? 55  VAL A O   1 
ATOM   395  C CB  . VAL A 1 56  ? -10.665 -3.687  -9.491  1.00 53.77 ? 55  VAL A CB  1 
ATOM   396  C CG1 . VAL A 1 56  ? -9.415  -3.279  -8.737  1.00 48.07 ? 55  VAL A CG1 1 
ATOM   397  C CG2 . VAL A 1 56  ? -11.133 -2.533  -10.393 1.00 49.13 ? 55  VAL A CG2 1 
ATOM   398  N N   . GLU A 1 57  ? -8.838  -6.682  -9.617  1.00 53.07 ? 56  GLU A N   1 
ATOM   399  C CA  . GLU A 1 57  ? -8.360  -7.823  -8.849  1.00 54.03 ? 56  GLU A CA  1 
ATOM   400  C C   . GLU A 1 57  ? -7.839  -7.372  -7.490  1.00 55.11 ? 56  GLU A C   1 
ATOM   401  O O   . GLU A 1 57  ? -7.413  -6.218  -7.329  1.00 49.89 ? 56  GLU A O   1 
ATOM   402  C CB  . GLU A 1 57  ? -7.238  -8.530  -9.608  1.00 53.93 ? 56  GLU A CB  1 
ATOM   403  C CG  . GLU A 1 57  ? -7.371  -10.027 -9.684  1.00 67.22 ? 56  GLU A CG  1 
ATOM   404  C CD  . GLU A 1 57  ? -8.513  -10.443 -10.573 1.00 69.06 ? 56  GLU A CD  1 
ATOM   405  O OE1 . GLU A 1 57  ? -8.339  -10.388 -11.805 1.00 75.91 ? 56  GLU A OE1 1 
ATOM   406  O OE2 . GLU A 1 57  ? -9.580  -10.818 -10.045 1.00 68.24 ? 56  GLU A OE2 1 
ATOM   407  N N   . PRO A 1 58  ? -7.832  -8.275  -6.497  1.00 54.42 ? 57  PRO A N   1 
ATOM   408  C CA  . PRO A 1 58  ? -7.250  -7.917  -5.193  1.00 50.95 ? 57  PRO A CA  1 
ATOM   409  C C   . PRO A 1 58  ? -5.800  -7.460  -5.282  1.00 53.07 ? 57  PRO A C   1 
ATOM   410  O O   . PRO A 1 58  ? -5.366  -6.625  -4.478  1.00 47.35 ? 57  PRO A O   1 
ATOM   411  C CB  . PRO A 1 58  ? -7.396  -9.218  -4.385  1.00 50.98 ? 57  PRO A CB  1 
ATOM   412  C CG  . PRO A 1 58  ? -8.541  -9.905  -5.005  1.00 50.53 ? 57  PRO A CG  1 
ATOM   413  C CD  . PRO A 1 58  ? -8.469  -9.607  -6.462  1.00 52.62 ? 57  PRO A CD  1 
ATOM   414  N N   . SER A 1 59  ? -5.039  -7.969  -6.248  1.00 49.05 ? 58  SER A N   1 
ATOM   415  C CA  . SER A 1 59  ? -3.657  -7.543  -6.430  1.00 49.51 ? 58  SER A CA  1 
ATOM   416  C C   . SER A 1 59  ? -3.528  -6.204  -7.150  1.00 49.78 ? 58  SER A C   1 
ATOM   417  O O   . SER A 1 59  ? -2.427  -5.644  -7.194  1.00 50.82 ? 58  SER A O   1 
ATOM   418  C CB  . SER A 1 59  ? -2.903  -8.610  -7.218  1.00 54.89 ? 58  SER A CB  1 
ATOM   419  O OG  . SER A 1 59  ? -3.633  -8.911  -8.389  1.00 54.07 ? 58  SER A OG  1 
ATOM   420  N N   . ASP A 1 60  ? -4.607  -5.679  -7.724  1.00 52.39 ? 59  ASP A N   1 
ATOM   421  C CA  . ASP A 1 60  ? -4.497  -4.452  -8.507  1.00 50.52 ? 59  ASP A CA  1 
ATOM   422  C C   . ASP A 1 60  ? -4.343  -3.244  -7.594  1.00 48.79 ? 59  ASP A C   1 
ATOM   423  O O   . ASP A 1 60  ? -4.981  -3.151  -6.543  1.00 50.42 ? 59  ASP A O   1 
ATOM   424  C CB  . ASP A 1 60  ? -5.726  -4.282  -9.403  1.00 50.94 ? 59  ASP A CB  1 
ATOM   425  C CG  . ASP A 1 60  ? -5.687  -5.196  -10.617 1.00 55.04 ? 59  ASP A CG  1 
ATOM   426  O OD1 . ASP A 1 60  ? -4.572  -5.469  -11.108 1.00 51.82 ? 59  ASP A OD1 1 
ATOM   427  O OD2 . ASP A 1 60  ? -6.761  -5.661  -11.055 1.00 51.58 ? 59  ASP A OD2 1 
ATOM   428  N N   . PHE A 1 61  ? -3.504  -2.310  -8.010  1.00 45.61 ? 60  PHE A N   1 
ATOM   429  C CA  . PHE A 1 61  ? -3.296  -1.090  -7.251  1.00 50.69 ? 60  PHE A CA  1 
ATOM   430  C C   . PHE A 1 61  ? -4.381  -0.070  -7.566  1.00 49.54 ? 60  PHE A C   1 
ATOM   431  O O   . PHE A 1 61  ? -4.673  0.209   -8.734  1.00 46.85 ? 60  PHE A O   1 
ATOM   432  C CB  . PHE A 1 61  ? -1.920  -0.505  -7.553  1.00 49.35 ? 60  PHE A CB  1 
ATOM   433  C CG  . PHE A 1 61  ? -0.819  -1.222  -6.852  1.00 53.21 ? 60  PHE A CG  1 
ATOM   434  C CD1 . PHE A 1 61  ? -0.607  -1.026  -5.496  1.00 54.63 ? 60  PHE A CD1 1 
ATOM   435  C CD2 . PHE A 1 61  ? -0.029  -2.133  -7.528  1.00 55.93 ? 60  PHE A CD2 1 
ATOM   436  C CE1 . PHE A 1 61  ? 0.403   -1.708  -4.838  1.00 57.67 ? 60  PHE A CE1 1 
ATOM   437  C CE2 . PHE A 1 61  ? 0.977   -2.822  -6.872  1.00 56.53 ? 60  PHE A CE2 1 
ATOM   438  C CZ  . PHE A 1 61  ? 1.198   -2.600  -5.532  1.00 52.04 ? 60  PHE A CZ  1 
ATOM   439  N N   . VAL A 1 62  ? -4.988  0.466   -6.515  1.00 50.64 ? 61  VAL A N   1 
ATOM   440  C CA  . VAL A 1 62  ? -5.918  1.585   -6.618  1.00 49.64 ? 61  VAL A CA  1 
ATOM   441  C C   . VAL A 1 62  ? -5.469  2.629   -5.599  1.00 52.43 ? 61  VAL A C   1 
ATOM   442  O O   . VAL A 1 62  ? -4.407  2.478   -4.980  1.00 48.66 ? 61  VAL A O   1 
ATOM   443  C CB  . VAL A 1 62  ? -7.367  1.112   -6.388  1.00 46.58 ? 61  VAL A CB  1 
ATOM   444  C CG1 . VAL A 1 62  ? -7.751  0.050   -7.421  1.00 42.03 ? 61  VAL A CG1 1 
ATOM   445  C CG2 . VAL A 1 62  ? -7.517  0.520   -5.016  1.00 44.52 ? 61  VAL A CG2 1 
ATOM   446  N N   . VAL A 1 63  ? -6.240  3.709   -5.435  1.00 47.98 ? 62  VAL A N   1 
ATOM   447  C CA  . VAL A 1 63  ? -6.024  4.657   -4.345  1.00 45.43 ? 62  VAL A CA  1 
ATOM   448  C C   . VAL A 1 63  ? -6.931  4.250   -3.199  1.00 47.91 ? 62  VAL A C   1 
ATOM   449  O O   . VAL A 1 63  ? -8.133  4.025   -3.401  1.00 46.94 ? 62  VAL A O   1 
ATOM   450  C CB  . VAL A 1 63  ? -6.292  6.110   -4.781  1.00 48.36 ? 62  VAL A CB  1 
ATOM   451  C CG1 . VAL A 1 63  ? -6.391  7.031   -3.564  1.00 46.44 ? 62  VAL A CG1 1 
ATOM   452  C CG2 . VAL A 1 63  ? -5.177  6.604   -5.713  1.00 49.24 ? 62  VAL A CG2 1 
ATOM   453  N N   . ALA A 1 64  ? -6.353  4.095   -2.014  1.00 46.62 ? 63  ALA A N   1 
ATOM   454  C CA  . ALA A 1 64  ? -7.107  3.801   -0.805  1.00 50.19 ? 63  ALA A CA  1 
ATOM   455  C C   . ALA A 1 64  ? -7.226  5.078   0.016   1.00 49.09 ? 63  ALA A C   1 
ATOM   456  O O   . ALA A 1 64  ? -6.407  5.988   -0.102  1.00 49.94 ? 63  ALA A O   1 
ATOM   457  C CB  . ALA A 1 64  ? -6.433  2.696   0.023   1.00 50.85 ? 63  ALA A CB  1 
ATOM   458  N N   . LEU A 1 65  ? -8.275  5.143   0.835   1.00 48.83 ? 64  LEU A N   1 
ATOM   459  C CA  . LEU A 1 65  ? -8.517  6.285   1.719   1.00 50.85 ? 64  LEU A CA  1 
ATOM   460  C C   . LEU A 1 65  ? -8.871  5.760   3.098   1.00 49.41 ? 64  LEU A C   1 
ATOM   461  O O   . LEU A 1 65  ? -9.862  5.040   3.249   1.00 50.48 ? 64  LEU A O   1 
ATOM   462  C CB  . LEU A 1 65  ? -9.645  7.181   1.184   1.00 52.41 ? 64  LEU A CB  1 
ATOM   463  C CG  . LEU A 1 65  ? -9.422  7.879   -0.166  1.00 54.63 ? 64  LEU A CG  1 
ATOM   464  C CD1 . LEU A 1 65  ? -10.024 7.086   -1.339  1.00 46.32 ? 64  LEU A CD1 1 
ATOM   465  C CD2 . LEU A 1 65  ? -9.998  9.308   -0.150  1.00 58.48 ? 64  LEU A CD2 1 
ATOM   466  N N   . GLU A 1 66  ? -8.064  6.106   4.098   1.00 51.33 ? 65  GLU A N   1 
ATOM   467  C CA  . GLU A 1 66  ? -8.303  5.683   5.471   1.00 50.75 ? 65  GLU A CA  1 
ATOM   468  C C   . GLU A 1 66  ? -8.324  6.902   6.380   1.00 52.20 ? 65  GLU A C   1 
ATOM   469  O O   . GLU A 1 66  ? -7.697  7.925   6.080   1.00 52.28 ? 65  GLU A O   1 
ATOM   470  C CB  . GLU A 1 66  ? -7.235  4.707   5.961   1.00 51.22 ? 65  GLU A CB  1 
ATOM   471  C CG  . GLU A 1 66  ? -5.880  5.319   6.220   1.00 53.04 ? 65  GLU A CG  1 
ATOM   472  C CD  . GLU A 1 66  ? -4.854  4.266   6.638   1.00 60.30 ? 65  GLU A CD  1 
ATOM   473  O OE1 . GLU A 1 66  ? -4.133  4.489   7.637   1.00 59.42 ? 65  GLU A OE1 1 
ATOM   474  O OE2 . GLU A 1 66  ? -4.782  3.212   5.963   1.00 56.87 ? 65  GLU A OE2 1 
ATOM   475  N N   . GLY A 1 67  ? -9.036  6.786   7.499   1.00 48.45 ? 66  GLY A N   1 
ATOM   476  C CA  . GLY A 1 67  ? -9.114  7.861   8.467   1.00 54.68 ? 66  GLY A CA  1 
ATOM   477  C C   . GLY A 1 67  ? -10.508 7.941   9.049   1.00 54.95 ? 66  GLY A C   1 
ATOM   478  O O   . GLY A 1 67  ? -11.245 6.957   9.052   1.00 55.31 ? 66  GLY A O   1 
ATOM   479  N N   . ASP A 1 68  ? -10.884 9.118   9.528   0.00 57.64 ? 67  ASP A N   1 
ATOM   480  C CA  . ASP A 1 68  ? -12.165 9.245   10.208  0.00 58.71 ? 67  ASP A CA  1 
ATOM   481  C C   . ASP A 1 68  ? -12.943 10.471  9.741   0.00 58.41 ? 67  ASP A C   1 
ATOM   482  O O   . ASP A 1 68  ? -14.003 10.786  10.283  0.00 57.96 ? 67  ASP A O   1 
ATOM   483  C CB  . ASP A 1 68  ? -11.945 9.307   11.714  1.00 57.96 ? 67  ASP A CB  1 
ATOM   484  C CG  . ASP A 1 68  ? -11.328 8.012   12.285  1.00 71.52 ? 67  ASP A CG  1 
ATOM   485  O OD1 . ASP A 1 68  ? -11.984 6.940   12.240  1.00 68.91 ? 67  ASP A OD1 1 
ATOM   486  O OD2 . ASP A 1 68  ? -10.172 8.054   12.771  1.00 70.43 ? 67  ASP A OD2 1 
ATOM   487  N N   . ILE A 1 70  ? -11.679 13.091  8.434   1.00 51.11 ? 69  ILE A N   1 
ATOM   488  C CA  . ILE A 1 70  ? -10.507 13.441  7.624   1.00 59.88 ? 69  ILE A CA  1 
ATOM   489  C C   . ILE A 1 70  ? -9.762  12.199  7.106   1.00 64.13 ? 69  ILE A C   1 
ATOM   490  O O   . ILE A 1 70  ? -9.360  11.332  7.891   1.00 64.37 ? 69  ILE A O   1 
ATOM   491  C CB  . ILE A 1 70  ? -9.533  14.314  8.406   1.00 67.24 ? 69  ILE A CB  1 
ATOM   492  C CG1 . ILE A 1 70  ? -10.230 15.569  8.934   1.00 67.46 ? 69  ILE A CG1 1 
ATOM   493  C CG2 . ILE A 1 70  ? -8.340  14.709  7.513   1.00 63.25 ? 69  ILE A CG2 1 
ATOM   494  C CD1 . ILE A 1 70  ? -9.260  16.673  9.317   1.00 72.98 ? 69  ILE A CD1 1 
ATOM   495  N N   . LEU A 1 71  ? -9.556  12.138  5.790   1.00 59.21 ? 70  LEU A N   1 
ATOM   496  C CA  . LEU A 1 71  ? -9.023  10.964  5.111   1.00 58.17 ? 70  LEU A CA  1 
ATOM   497  C C   . LEU A 1 71  ? -7.605  11.217  4.620   1.00 57.57 ? 70  LEU A C   1 
ATOM   498  O O   . LEU A 1 71  ? -7.260  12.326  4.203   1.00 61.07 ? 70  LEU A O   1 
ATOM   499  C CB  . LEU A 1 71  ? -9.888  10.590  3.908   1.00 52.90 ? 70  LEU A CB  1 
ATOM   500  C CG  . LEU A 1 71  ? -11.345 10.270  4.233   1.00 56.14 ? 70  LEU A CG  1 
ATOM   501  C CD1 . LEU A 1 71  ? -12.105 9.942   2.948   1.00 54.81 ? 70  LEU A CD1 1 
ATOM   502  C CD2 . LEU A 1 71  ? -11.416 9.137   5.245   1.00 43.41 ? 70  LEU A CD2 1 
ATOM   503  N N   . THR A 1 72  ? -6.786  10.177  4.638   1.00 52.65 ? 71  THR A N   1 
ATOM   504  C CA  . THR A 1 72  ? -5.525  10.218  3.914   1.00 54.90 ? 71  THR A CA  1 
ATOM   505  C C   . THR A 1 72  ? -5.539  9.178   2.796   1.00 54.19 ? 71  THR A C   1 
ATOM   506  O O   . THR A 1 72  ? -5.978  8.034   2.983   1.00 50.82 ? 71  THR A O   1 
ATOM   507  C CB  . THR A 1 72  ? -4.335  10.032  4.855   1.00 57.72 ? 71  THR A CB  1 
ATOM   508  O OG1 . THR A 1 72  ? -4.476  8.808   5.569   1.00 65.97 ? 71  THR A OG1 1 
ATOM   509  C CG2 . THR A 1 72  ? -4.309  11.154  5.860   1.00 61.60 ? 71  THR A CG2 1 
ATOM   510  N N   . ALA A 1 73  ? -5.088  9.606   1.624   1.00 51.87 ? 72  ALA A N   1 
ATOM   511  C CA  . ALA A 1 73  ? -5.139  8.813   0.409   1.00 52.21 ? 72  ALA A CA  1 
ATOM   512  C C   . ALA A 1 73  ? -3.743  8.328   0.047   1.00 53.34 ? 72  ALA A C   1 
ATOM   513  O O   . ALA A 1 73  ? -2.768  9.074   0.171   1.00 49.66 ? 72  ALA A O   1 
ATOM   514  C CB  . ALA A 1 73  ? -5.722  9.634   -0.740  1.00 48.07 ? 72  ALA A CB  1 
ATOM   515  N N   . TYR A 1 74  ? -3.649  7.079   -0.409  1.00 46.82 ? 73  TYR A N   1 
ATOM   516  C CA  . TYR A 1 74  ? -2.363  6.517   -0.796  1.00 48.78 ? 73  TYR A CA  1 
ATOM   517  C C   . TYR A 1 74  ? -2.633  5.373   -1.753  1.00 51.58 ? 73  TYR A C   1 
ATOM   518  O O   . TYR A 1 74  ? -3.761  4.895   -1.870  1.00 50.02 ? 73  TYR A O   1 
ATOM   519  C CB  . TYR A 1 74  ? -1.568  6.042   0.422   1.00 48.69 ? 73  TYR A CB  1 
ATOM   520  C CG  . TYR A 1 74  ? -2.318  5.041   1.281   1.00 50.47 ? 73  TYR A CG  1 
ATOM   521  C CD1 . TYR A 1 74  ? -3.262  5.467   2.207   1.00 51.26 ? 73  TYR A CD1 1 
ATOM   522  C CD2 . TYR A 1 74  ? -2.073  3.680   1.178   1.00 51.53 ? 73  TYR A CD2 1 
ATOM   523  C CE1 . TYR A 1 74  ? -3.950  4.570   2.992   1.00 54.04 ? 73  TYR A CE1 1 
ATOM   524  C CE2 . TYR A 1 74  ? -2.767  2.761   1.965   1.00 51.10 ? 73  TYR A CE2 1 
ATOM   525  C CZ  . TYR A 1 74  ? -3.697  3.216   2.871   1.00 51.96 ? 73  TYR A CZ  1 
ATOM   526  O OH  . TYR A 1 74  ? -4.397  2.333   3.664   1.00 53.23 ? 73  TYR A OH  1 
ATOM   527  N N   . ILE A 1 75  ? -1.590  4.935   -2.430  1.00 52.06 ? 74  ILE A N   1 
ATOM   528  C CA  . ILE A 1 75  ? -1.700  3.842   -3.387  1.00 51.36 ? 74  ILE A CA  1 
ATOM   529  C C   . ILE A 1 75  ? -1.545  2.526   -2.641  1.00 50.82 ? 74  ILE A C   1 
ATOM   530  O O   . ILE A 1 75  ? -0.661  2.381   -1.793  1.00 50.13 ? 74  ILE A O   1 
ATOM   531  C CB  . ILE A 1 75  ? -0.661  4.003   -4.512  1.00 50.25 ? 74  ILE A CB  1 
ATOM   532  C CG1 . ILE A 1 75  ? -0.928  5.300   -5.250  1.00 46.60 ? 74  ILE A CG1 1 
ATOM   533  C CG2 . ILE A 1 75  ? -0.720  2.832   -5.485  1.00 47.02 ? 74  ILE A CG2 1 
ATOM   534  C CD1 . ILE A 1 75  ? 0.005   5.547   -6.441  1.00 52.59 ? 74  ILE A CD1 1 
ATOM   535  N N   . ALA A 1 76  ? -2.434  1.581   -2.932  1.00 47.26 ? 75  ALA A N   1 
ATOM   536  C CA  . ALA A 1 76  ? -2.525  0.302   -2.234  1.00 50.93 ? 75  ALA A CA  1 
ATOM   537  C C   . ALA A 1 76  ? -3.279  -0.680  -3.121  1.00 51.04 ? 75  ALA A C   1 
ATOM   538  O O   . ALA A 1 76  ? -4.020  -0.278  -4.027  1.00 48.69 ? 75  ALA A O   1 
ATOM   539  C CB  . ALA A 1 76  ? -3.223  0.453   -0.870  1.00 50.09 ? 75  ALA A CB  1 
ATOM   540  N N   . THR A 1 77  ? -3.071  -1.978  -2.877  1.00 47.61 ? 76  THR A N   1 
ATOM   541  C CA  . THR A 1 77  ? -3.852  -2.971  -3.601  1.00 49.97 ? 76  THR A CA  1 
ATOM   542  C C   . THR A 1 77  ? -5.309  -2.889  -3.173  1.00 49.43 ? 76  THR A C   1 
ATOM   543  O O   . THR A 1 77  ? -5.618  -2.566  -2.023  1.00 45.58 ? 76  THR A O   1 
ATOM   544  C CB  . THR A 1 77  ? -3.339  -4.403  -3.358  1.00 46.89 ? 76  THR A CB  1 
ATOM   545  O OG1 . THR A 1 77  ? -3.395  -4.716  -1.955  1.00 48.40 ? 76  THR A OG1 1 
ATOM   546  C CG2 . THR A 1 77  ? -1.893  -4.574  -3.893  1.00 50.20 ? 76  THR A CG2 1 
ATOM   547  N N   . PHE A 1 78  ? -6.203  -3.227  -4.113  1.00 43.36 ? 77  PHE A N   1 
ATOM   548  C CA  . PHE A 1 78  ? -7.637  -3.220  -3.839  1.00 45.80 ? 77  PHE A CA  1 
ATOM   549  C C   . PHE A 1 78  ? -7.978  -4.175  -2.700  1.00 50.43 ? 77  PHE A C   1 
ATOM   550  O O   . PHE A 1 78  ? -8.899  -3.910  -1.913  1.00 46.72 ? 77  PHE A O   1 
ATOM   551  C CB  . PHE A 1 78  ? -8.388  -3.578  -5.135  1.00 49.51 ? 77  PHE A CB  1 
ATOM   552  C CG  . PHE A 1 78  ? -9.894  -3.443  -5.064  1.00 51.16 ? 77  PHE A CG  1 
ATOM   553  C CD1 . PHE A 1 78  ? -10.509 -2.412  -4.345  1.00 44.93 ? 77  PHE A CD1 1 
ATOM   554  C CD2 . PHE A 1 78  ? -10.704 -4.341  -5.762  1.00 47.10 ? 77  PHE A CD2 1 
ATOM   555  C CE1 . PHE A 1 78  ? -11.923 -2.311  -4.298  1.00 42.00 ? 77  PHE A CE1 1 
ATOM   556  C CE2 . PHE A 1 78  ? -12.087 -4.246  -5.724  1.00 51.76 ? 77  PHE A CE2 1 
ATOM   557  C CZ  . PHE A 1 78  ? -12.705 -3.223  -4.996  1.00 47.29 ? 77  PHE A CZ  1 
ATOM   558  N N   . GLY A 1 79  ? -7.214  -5.268  -2.571  1.00 47.77 ? 78  GLY A N   1 
ATOM   559  C CA  . GLY A 1 79  ? -7.438  -6.264  -1.539  1.00 47.97 ? 78  GLY A CA  1 
ATOM   560  C C   . GLY A 1 79  ? -6.848  -5.945  -0.172  1.00 48.96 ? 78  GLY A C   1 
ATOM   561  O O   . GLY A 1 79  ? -7.211  -6.600  0.808   1.00 51.67 ? 78  GLY A O   1 
ATOM   562  N N   . ALA A 1 80  ? -5.969  -4.953  -0.068  1.00 48.90 ? 79  ALA A N   1 
ATOM   563  C CA  . ALA A 1 80  ? -5.407  -4.632  1.242   1.00 50.27 ? 79  ALA A CA  1 
ATOM   564  C C   . ALA A 1 80  ? -6.493  -4.163  2.210   1.00 51.35 ? 79  ALA A C   1 
ATOM   565  O O   . ALA A 1 80  ? -7.470  -3.512  1.823   1.00 47.42 ? 79  ALA A O   1 
ATOM   566  C CB  . ALA A 1 80  ? -4.323  -3.560  1.124   1.00 48.00 ? 79  ALA A CB  1 
ATOM   567  N N   . ARG A 1 81  ? -6.303  -4.489  3.488   1.00 51.69 ? 80  ARG A N   1 
ATOM   568  C CA  . ARG A 1 81  ? -7.290  -4.226  4.536   1.00 50.73 ? 80  ARG A CA  1 
ATOM   569  C C   . ARG A 1 81  ? -6.632  -3.639  5.782   1.00 52.64 ? 80  ARG A C   1 
ATOM   570  O O   . ARG A 1 81  ? -6.511  -4.311  6.813   1.00 52.12 ? 80  ARG A O   1 
ATOM   571  C CB  . ARG A 1 81  ? -8.052  -5.506  4.891   1.00 49.59 ? 80  ARG A CB  1 
ATOM   572  C CG  . ARG A 1 81  ? -8.935  -6.052  3.783   1.00 49.23 ? 80  ARG A CG  1 
ATOM   573  C CD  . ARG A 1 81  ? -10.191 -5.210  3.629   1.00 44.95 ? 80  ARG A CD  1 
ATOM   574  N NE  . ARG A 1 81  ? -11.061 -5.721  2.571   1.00 47.07 ? 80  ARG A NE  1 
ATOM   575  C CZ  . ARG A 1 81  ? -10.858 -5.523  1.275   1.00 47.95 ? 80  ARG A CZ  1 
ATOM   576  N NH1 . ARG A 1 81  ? -9.814  -4.814  0.855   1.00 46.73 ? 80  ARG A NH1 1 
ATOM   577  N NH2 . ARG A 1 81  ? -11.702 -6.028  0.394   1.00 49.99 ? 80  ARG A NH2 1 
ATOM   578  N N   . PRO A 1 82  ? -6.238  -2.367  5.747   1.00 54.18 ? 81  PRO A N   1 
ATOM   579  C CA  . PRO A 1 82  ? -5.846  -1.691  6.983   1.00 52.43 ? 81  PRO A CA  1 
ATOM   580  C C   . PRO A 1 82  ? -7.075  -1.290  7.781   1.00 55.86 ? 81  PRO A C   1 
ATOM   581  O O   . PRO A 1 82  ? -8.196  -1.188  7.265   1.00 57.42 ? 81  PRO A O   1 
ATOM   582  C CB  . PRO A 1 82  ? -5.094  -0.456  6.492   1.00 54.23 ? 81  PRO A CB  1 
ATOM   583  C CG  . PRO A 1 82  ? -5.796  -0.119  5.230   1.00 53.82 ? 81  PRO A CG  1 
ATOM   584  C CD  . PRO A 1 82  ? -6.218  -1.440  4.601   1.00 52.41 ? 81  PRO A CD  1 
ATOM   585  N N   . ARG A 1 83  ? -6.853  -1.065  9.070   1.00 52.97 ? 82  ARG A N   1 
ATOM   586  C CA  . ARG A 1 83  ? -7.920  -0.534  9.898   1.00 58.87 ? 82  ARG A CA  1 
ATOM   587  C C   . ARG A 1 83  ? -8.299  0.861   9.410   1.00 59.20 ? 82  ARG A C   1 
ATOM   588  O O   . ARG A 1 83  ? -7.479  1.589   8.837   1.00 60.44 ? 82  ARG A O   1 
ATOM   589  C CB  . ARG A 1 83  ? -7.496  -0.488  11.367  1.00 63.86 ? 82  ARG A CB  1 
ATOM   590  C CG  . ARG A 1 83  ? -6.899  -1.787  11.891  1.00 58.75 ? 82  ARG A CG  1 
ATOM   591  C CD  . ARG A 1 83  ? -5.861  -1.499  12.983  1.00 62.98 ? 82  ARG A CD  1 
ATOM   592  N NE  . ARG A 1 83  ? -5.256  -2.702  13.568  1.00 63.99 ? 82  ARG A NE  1 
ATOM   593  C CZ  . ARG A 1 83  ? -3.970  -3.040  13.444  1.00 64.95 ? 82  ARG A CZ  1 
ATOM   594  N NH1 . ARG A 1 83  ? -3.139  -2.286  12.732  1.00 61.76 ? 82  ARG A NH1 1 
ATOM   595  N NH2 . ARG A 1 83  ? -3.514  -4.144  14.025  1.00 64.15 ? 82  ARG A NH2 1 
ATOM   596  N N   . CYS A 1 84  ? -9.563  1.217   9.604   1.00 61.04 ? 83  CYS A N   1 
ATOM   597  C CA  . CYS A 1 84  ? -10.061 2.538   9.225   1.00 59.22 ? 83  CYS A CA  1 
ATOM   598  C C   . CYS A 1 84  ? -10.065 2.743   7.718   1.00 57.24 ? 83  CYS A C   1 
ATOM   599  O O   . CYS A 1 84  ? -10.176 3.884   7.254   1.00 54.78 ? 83  CYS A O   1 
ATOM   600  C CB  . CYS A 1 84  ? -9.249  3.656   9.886   1.00 58.95 ? 83  CYS A CB  1 
ATOM   601  S SG  . CYS A 1 84  ? -9.216  3.528   11.686  1.00 76.67 ? 83  CYS A SG  1 
ATOM   602  N N   . LEU A 1 85  ? -9.929  1.674   6.931   1.00 48.94 ? 84  LEU A N   1 
ATOM   603  C CA  . LEU A 1 85  ? -10.120 1.808   5.493   1.00 50.79 ? 84  LEU A CA  1 
ATOM   604  C C   . LEU A 1 85  ? -11.554 2.256   5.224   1.00 46.74 ? 84  LEU A C   1 
ATOM   605  O O   . LEU A 1 85  ? -12.509 1.586   5.620   1.00 49.62 ? 84  LEU A O   1 
ATOM   606  C CB  . LEU A 1 85  ? -9.818  0.484   4.786   1.00 48.62 ? 84  LEU A CB  1 
ATOM   607  C CG  . LEU A 1 85  ? -10.096 0.460   3.279   1.00 48.83 ? 84  LEU A CG  1 
ATOM   608  C CD1 . LEU A 1 85  ? -9.253  1.533   2.565   1.00 45.75 ? 84  LEU A CD1 1 
ATOM   609  C CD2 . LEU A 1 85  ? -9.794  -0.915  2.701   1.00 49.65 ? 84  LEU A CD2 1 
ATOM   610  N N   . ARG A 1 86  ? -11.710 3.393   4.560   1.00 45.63 ? 85  ARG A N   1 
ATOM   611  C CA  . ARG A 1 86  ? -13.041 3.935   4.297   1.00 49.12 ? 85  ARG A CA  1 
ATOM   612  C C   . ARG A 1 86  ? -13.504 3.735   2.866   1.00 48.89 ? 85  ARG A C   1 
ATOM   613  O O   . ARG A 1 86  ? -14.705 3.832   2.594   1.00 48.17 ? 85  ARG A O   1 
ATOM   614  C CB  . ARG A 1 86  ? -13.079 5.436   4.616   1.00 47.90 ? 85  ARG A CB  1 
ATOM   615  C CG  . ARG A 1 86  ? -12.687 5.750   6.033   1.00 44.15 ? 85  ARG A CG  1 
ATOM   616  C CD  . ARG A 1 86  ? -13.565 4.941   6.999   1.00 46.37 ? 85  ARG A CD  1 
ATOM   617  N NE  . ARG A 1 86  ? -13.127 5.159   8.368   1.00 51.47 ? 85  ARG A NE  1 
ATOM   618  C CZ  . ARG A 1 86  ? -13.550 4.478   9.429   1.00 52.26 ? 85  ARG A CZ  1 
ATOM   619  N NH1 . ARG A 1 86  ? -14.464 3.509   9.309   1.00 49.05 ? 85  ARG A NH1 1 
ATOM   620  N NH2 . ARG A 1 86  ? -13.055 4.783   10.623  1.00 54.40 ? 85  ARG A NH2 1 
ATOM   621  N N   . GLY A 1 87  ? -12.594 3.467   1.946   1.00 47.13 ? 86  GLY A N   1 
ATOM   622  C CA  . GLY A 1 87  ? -12.995 3.282   0.572   1.00 46.94 ? 86  GLY A CA  1 
ATOM   623  C C   . GLY A 1 87  ? -11.825 3.533   -0.356  1.00 47.23 ? 86  GLY A C   1 
ATOM   624  O O   . GLY A 1 87  ? -10.691 3.701   0.083   1.00 49.18 ? 86  GLY A O   1 
ATOM   625  N N   . TRP A 1 88  ? -12.134 3.538   -1.650  1.00 44.43 ? 87  TRP A N   1 
ATOM   626  C CA  . TRP A 1 88  ? -11.105 3.663   -2.672  1.00 45.98 ? 87  TRP A CA  1 
ATOM   627  C C   . TRP A 1 88  ? -11.551 4.649   -3.742  1.00 45.21 ? 87  TRP A C   1 
ATOM   628  O O   . TRP A 1 88  ? -12.744 4.874   -3.953  1.00 45.41 ? 87  TRP A O   1 
ATOM   629  C CB  . TRP A 1 88  ? -10.799 2.327   -3.355  1.00 46.15 ? 87  TRP A CB  1 
ATOM   630  C CG  . TRP A 1 88  ? -10.553 1.161   -2.442  1.00 47.91 ? 87  TRP A CG  1 
ATOM   631  C CD1 . TRP A 1 88  ? -9.339  0.680   -2.034  1.00 43.90 ? 87  TRP A CD1 1 
ATOM   632  C CD2 . TRP A 1 88  ? -11.549 0.299   -1.859  1.00 45.81 ? 87  TRP A CD2 1 
ATOM   633  N NE1 . TRP A 1 88  ? -9.524  -0.432  -1.224  1.00 46.63 ? 87  TRP A NE1 1 
ATOM   634  C CE2 . TRP A 1 88  ? -10.866 -0.681  -1.097  1.00 42.14 ? 87  TRP A CE2 1 
ATOM   635  C CE3 . TRP A 1 88  ? -12.949 0.265   -1.901  1.00 46.43 ? 87  TRP A CE3 1 
ATOM   636  C CZ2 . TRP A 1 88  ? -11.541 -1.680  -0.377  1.00 47.74 ? 87  TRP A CZ2 1 
ATOM   637  C CZ3 . TRP A 1 88  ? -13.624 -0.731  -1.174  1.00 48.52 ? 87  TRP A CZ3 1 
ATOM   638  C CH2 . TRP A 1 88  ? -12.914 -1.697  -0.434  1.00 45.38 ? 87  TRP A CH2 1 
ATOM   639  N N   . LEU A 1 89  ? -10.568 5.211   -4.439  1.00 43.20 ? 88  LEU A N   1 
ATOM   640  C CA  . LEU A 1 89  ? -10.783 5.896   -5.707  1.00 46.00 ? 88  LEU A CA  1 
ATOM   641  C C   . LEU A 1 89  ? -10.218 4.992   -6.787  1.00 46.80 ? 88  LEU A C   1 
ATOM   642  O O   . LEU A 1 89  ? -9.036  4.628   -6.737  1.00 44.68 ? 88  LEU A O   1 
ATOM   643  C CB  . LEU A 1 89  ? -10.103 7.266   -5.730  1.00 43.99 ? 88  LEU A CB  1 
ATOM   644  C CG  . LEU A 1 89  ? -10.825 8.416   -5.037  1.00 47.26 ? 88  LEU A CG  1 
ATOM   645  C CD1 . LEU A 1 89  ? -9.826  9.524   -4.704  1.00 48.98 ? 88  LEU A CD1 1 
ATOM   646  C CD2 . LEU A 1 89  ? -11.942 8.937   -5.956  1.00 48.99 ? 88  LEU A CD2 1 
ATOM   647  N N   . ILE A 1 90  ? -11.064 4.619   -7.741  1.00 46.15 ? 89  ILE A N   1 
ATOM   648  C CA  . ILE A 1 90  ? -10.745 3.614   -8.745  1.00 45.03 ? 89  ILE A CA  1 
ATOM   649  C C   . ILE A 1 90  ? -11.130 4.153   -10.112 1.00 45.46 ? 89  ILE A C   1 
ATOM   650  O O   . ILE A 1 90  ? -12.261 4.640   -10.289 1.00 42.80 ? 89  ILE A O   1 
ATOM   651  C CB  . ILE A 1 90  ? -11.489 2.290   -8.475  1.00 47.83 ? 89  ILE A CB  1 
ATOM   652  C CG1 . ILE A 1 90  ? -11.457 1.934   -6.977  1.00 43.44 ? 89  ILE A CG1 1 
ATOM   653  C CG2 . ILE A 1 90  ? -10.915 1.183   -9.343  1.00 46.09 ? 89  ILE A CG2 1 
ATOM   654  C CD1 . ILE A 1 90  ? -12.343 0.743   -6.584  1.00 41.92 ? 89  ILE A CD1 1 
ATOM   655  N N   . PRO A 1 91  ? -10.254 4.042   -11.109 1.00 43.08 ? 90  PRO A N   1 
ATOM   656  C CA  . PRO A 1 91  ? -10.621 4.478   -12.465 1.00 49.21 ? 90  PRO A CA  1 
ATOM   657  C C   . PRO A 1 91  ? -11.889 3.770   -12.916 1.00 49.21 ? 90  PRO A C   1 
ATOM   658  O O   . PRO A 1 91  ? -11.975 2.537   -12.907 1.00 47.19 ? 90  PRO A O   1 
ATOM   659  C CB  . PRO A 1 91  ? -9.397  4.091   -13.307 1.00 51.44 ? 90  PRO A CB  1 
ATOM   660  C CG  . PRO A 1 91  ? -8.251  4.110   -12.327 1.00 46.87 ? 90  PRO A CG  1 
ATOM   661  C CD  . PRO A 1 91  ? -8.856  3.580   -11.031 1.00 45.36 ? 90  PRO A CD  1 
ATOM   662  N N   . SER A 1 92  ? -12.895 4.569   -13.263 1.00 45.26 ? 91  SER A N   1 
ATOM   663  C CA  . SER A 1 92  ? -14.199 4.053   -13.646 1.00 46.33 ? 91  SER A CA  1 
ATOM   664  C C   . SER A 1 92  ? -15.003 5.168   -14.293 1.00 47.58 ? 91  SER A C   1 
ATOM   665  O O   . SER A 1 92  ? -14.879 6.337   -13.915 1.00 45.50 ? 91  SER A O   1 
ATOM   666  C CB  . SER A 1 92  ? -14.959 3.500   -12.432 1.00 44.45 ? 91  SER A CB  1 
ATOM   667  O OG  . SER A 1 92  ? -16.278 3.176   -12.816 1.00 49.11 ? 91  SER A OG  1 
ATOM   668  N N   . ASN A 1 93  ? -15.837 4.788   -15.258 1.00 45.78 ? 92  ASN A N   1 
ATOM   669  C CA  . ASN A 1 93  ? -16.801 5.687   -15.880 1.00 47.10 ? 92  ASN A CA  1 
ATOM   670  C C   . ASN A 1 93  ? -18.229 5.482   -15.362 1.00 49.84 ? 92  ASN A C   1 
ATOM   671  O O   . ASN A 1 93  ? -19.186 5.818   -16.066 1.00 49.59 ? 92  ASN A O   1 
ATOM   672  C CB  . ASN A 1 93  ? -16.755 5.515   -17.403 1.00 50.44 ? 92  ASN A CB  1 
ATOM   673  C CG  . ASN A 1 93  ? -15.468 6.070   -18.020 1.00 55.43 ? 92  ASN A CG  1 
ATOM   674  O OD1 . ASN A 1 93  ? -14.986 7.132   -17.625 1.00 53.56 ? 92  ASN A OD1 1 
ATOM   675  N ND2 . ASN A 1 93  ? -14.892 5.330   -18.968 1.00 54.47 ? 92  ASN A ND2 1 
ATOM   676  N N   . SER A 1 94  ? -18.402 4.943   -14.151 1.00 48.26 ? 93  SER A N   1 
ATOM   677  C CA  . SER A 1 94  ? -19.753 4.687   -13.656 1.00 45.28 ? 93  SER A CA  1 
ATOM   678  C C   . SER A 1 94  ? -20.512 5.990   -13.399 1.00 50.38 ? 93  SER A C   1 
ATOM   679  O O   . SER A 1 94  ? -19.925 7.072   -13.253 1.00 47.13 ? 93  SER A O   1 
ATOM   680  C CB  . SER A 1 94  ? -19.713 3.881   -12.362 1.00 47.68 ? 93  SER A CB  1 
ATOM   681  O OG  . SER A 1 94  ? -19.485 4.744   -11.272 1.00 45.64 ? 93  SER A OG  1 
ATOM   682  N N   . ASN A 1 95  ? -21.842 5.867   -13.331 1.00 47.18 ? 94  ASN A N   1 
ATOM   683  C CA  . ASN A 1 95  ? -22.683 6.968   -12.883 1.00 46.36 ? 94  ASN A CA  1 
ATOM   684  C C   . ASN A 1 95  ? -22.350 7.282   -11.435 1.00 49.19 ? 94  ASN A C   1 
ATOM   685  O O   . ASN A 1 95  ? -21.925 6.412   -10.668 1.00 48.20 ? 94  ASN A O   1 
ATOM   686  C CB  . ASN A 1 95  ? -24.174 6.630   -13.019 1.00 46.34 ? 94  ASN A CB  1 
ATOM   687  C CG  . ASN A 1 95  ? -24.585 6.357   -14.466 1.00 55.64 ? 94  ASN A CG  1 
ATOM   688  O OD1 . ASN A 1 95  ? -24.162 7.062   -15.382 1.00 55.87 ? 94  ASN A OD1 1 
ATOM   689  N ND2 . ASN A 1 95  ? -25.414 5.336   -14.673 1.00 54.07 ? 94  ASN A ND2 1 
ATOM   690  N N   . TYR A 1 96  ? -22.547 8.540   -11.064 1.00 46.37 ? 95  TYR A N   1 
ATOM   691  C CA  . TYR A 1 96  ? -21.997 9.046   -9.821  1.00 49.80 ? 95  TYR A CA  1 
ATOM   692  C C   . TYR A 1 96  ? -22.898 10.148  -9.306  1.00 48.68 ? 95  TYR A C   1 
ATOM   693  O O   . TYR A 1 96  ? -23.765 10.655  -10.022 1.00 49.69 ? 95  TYR A O   1 
ATOM   694  C CB  . TYR A 1 96  ? -20.576 9.598   -10.013 1.00 45.45 ? 95  TYR A CB  1 
ATOM   695  C CG  . TYR A 1 96  ? -20.526 10.753  -11.000 1.00 50.17 ? 95  TYR A CG  1 
ATOM   696  C CD1 . TYR A 1 96  ? -20.494 10.512  -12.370 1.00 52.25 ? 95  TYR A CD1 1 
ATOM   697  C CD2 . TYR A 1 96  ? -20.532 12.086  -10.569 1.00 51.35 ? 95  TYR A CD2 1 
ATOM   698  C CE1 . TYR A 1 96  ? -20.465 11.550  -13.282 1.00 55.67 ? 95  TYR A CE1 1 
ATOM   699  C CE2 . TYR A 1 96  ? -20.499 13.151  -11.491 1.00 52.29 ? 95  TYR A CE2 1 
ATOM   700  C CZ  . TYR A 1 96  ? -20.467 12.865  -12.845 1.00 56.00 ? 95  TYR A CZ  1 
ATOM   701  O OH  . TYR A 1 96  ? -20.432 13.869  -13.789 1.00 57.33 ? 95  TYR A OH  1 
ATOM   702  N N   . VAL A 1 97  ? -22.672 10.501  -8.046  1.00 45.79 ? 96  VAL A N   1 
ATOM   703  C CA  . VAL A 1 97  ? -23.158 11.728  -7.440  1.00 48.12 ? 96  VAL A CA  1 
ATOM   704  C C   . VAL A 1 97  ? -21.954 12.414  -6.802  1.00 50.74 ? 96  VAL A C   1 
ATOM   705  O O   . VAL A 1 97  ? -21.046 11.757  -6.277  1.00 48.26 ? 96  VAL A O   1 
ATOM   706  C CB  . VAL A 1 97  ? -24.273 11.464  -6.392  1.00 53.98 ? 96  VAL A CB  1 
ATOM   707  C CG1 . VAL A 1 97  ? -25.484 10.780  -7.036  1.00 45.39 ? 96  VAL A CG1 1 
ATOM   708  C CG2 . VAL A 1 97  ? -23.752 10.636  -5.228  1.00 51.09 ? 96  VAL A CG2 1 
ATOM   709  N N   . LEU A 1 98  ? -21.944 13.740  -6.851  1.00 48.07 ? 97  LEU A N   1 
ATOM   710  C CA  . LEU A 1 98  ? -20.825 14.505  -6.311  1.00 51.51 ? 97  LEU A CA  1 
ATOM   711  C C   . LEU A 1 98  ? -20.964 14.672  -4.806  1.00 54.09 ? 97  LEU A C   1 
ATOM   712  O O   . LEU A 1 98  ? -22.059 14.932  -4.298  1.00 54.01 ? 97  LEU A O   1 
ATOM   713  C CB  . LEU A 1 98  ? -20.745 15.866  -7.002  1.00 52.86 ? 97  LEU A CB  1 
ATOM   714  C CG  . LEU A 1 98  ? -20.463 15.769  -8.501  1.00 51.71 ? 97  LEU A CG  1 
ATOM   715  C CD1 . LEU A 1 98  ? -20.465 17.144  -9.205  1.00 52.63 ? 97  LEU A CD1 1 
ATOM   716  C CD2 . LEU A 1 98  ? -19.137 15.055  -8.713  1.00 50.38 ? 97  LEU A CD2 1 
ATOM   717  N N   . GLU A 1 99  ? -19.848 14.497  -4.088  1.00 50.08 ? 98  GLU A N   1 
ATOM   718  C CA  . GLU A 1 99  ? -19.829 14.576  -2.633  1.00 51.84 ? 98  GLU A CA  1 
ATOM   719  C C   . GLU A 1 99  ? -18.511 15.171  -2.161  1.00 57.19 ? 98  GLU A C   1 
ATOM   720  O O   . GLU A 1 99  ? -17.493 15.110  -2.854  1.00 54.11 ? 98  GLU A O   1 
ATOM   721  C CB  . GLU A 1 99  ? -20.015 13.207  -1.955  1.00 59.27 ? 98  GLU A CB  1 
ATOM   722  C CG  . GLU A 1 99  ? -21.160 12.358  -2.459  1.00 56.41 ? 98  GLU A CG  1 
ATOM   723  C CD  . GLU A 1 99  ? -22.493 12.883  -2.018  1.00 59.04 ? 98  GLU A CD  1 
ATOM   724  O OE1 . GLU A 1 99  ? -22.511 13.930  -1.333  1.00 57.08 ? 98  GLU A OE1 1 
ATOM   725  O OE2 . GLU A 1 99  ? -23.517 12.248  -2.345  1.00 57.13 ? 98  GLU A OE2 1 
ATOM   726  N N   . GLU A 1 100 ? -18.536 15.694  -0.934  1.00 57.56 ? 99  GLU A N   1 
ATOM   727  C CA  . GLU A 1 100 ? -17.449 16.481  -0.369  1.00 58.99 ? 99  GLU A CA  1 
ATOM   728  C C   . GLU A 1 100 ? -16.665 15.671  0.652   1.00 57.80 ? 99  GLU A C   1 
ATOM   729  O O   . GLU A 1 100 ? -17.246 15.118  1.591   1.00 56.29 ? 99  GLU A O   1 
ATOM   730  C CB  . GLU A 1 100 ? -17.997 17.750  0.285   1.00 60.67 ? 99  GLU A CB  1 
ATOM   731  C CG  . GLU A 1 100 ? -17.125 18.943  0.054   1.00 68.60 ? 99  GLU A CG  1 
ATOM   732  C CD  . GLU A 1 100 ? -17.277 19.523  -1.340  1.00 71.42 ? 99  GLU A CD  1 
ATOM   733  O OE1 . GLU A 1 100 ? -17.992 18.917  -2.177  1.00 63.05 ? 99  GLU A OE1 1 
ATOM   734  O OE2 . GLU A 1 100 ? -16.680 20.598  -1.594  1.00 78.90 ? 99  GLU A OE2 1 
ATOM   735  N N   . PHE A 1 101 ? -15.346 15.625  0.476   1.00 55.45 ? 100 PHE A N   1 
ATOM   736  C CA  . PHE A 1 101 ? -14.456 14.879  1.351   1.00 56.52 ? 100 PHE A CA  1 
ATOM   737  C C   . PHE A 1 101 ? -13.301 15.773  1.771   1.00 60.68 ? 100 PHE A C   1 
ATOM   738  O O   . PHE A 1 101 ? -12.987 16.768  1.114   1.00 66.80 ? 100 PHE A O   1 
ATOM   739  C CB  . PHE A 1 101 ? -13.881 13.624  0.671   1.00 54.52 ? 100 PHE A CB  1 
ATOM   740  C CG  . PHE A 1 101 ? -14.915 12.629  0.239   1.00 52.67 ? 100 PHE A CG  1 
ATOM   741  C CD1 . PHE A 1 101 ? -15.636 12.813  -0.937  1.00 55.16 ? 100 PHE A CD1 1 
ATOM   742  C CD2 . PHE A 1 101 ? -15.154 11.494  0.986   1.00 51.46 ? 100 PHE A CD2 1 
ATOM   743  C CE1 . PHE A 1 101 ? -16.603 11.879  -1.342  1.00 52.96 ? 100 PHE A CE1 1 
ATOM   744  C CE2 . PHE A 1 101 ? -16.103 10.564  0.584   1.00 52.10 ? 100 PHE A CE2 1 
ATOM   745  C CZ  . PHE A 1 101 ? -16.825 10.761  -0.580  1.00 51.90 ? 100 PHE A CZ  1 
ATOM   746  N N   . GLN A 1 102 ? -12.634 15.384  2.849   1.00 60.81 ? 101 GLN A N   1 
ATOM   747  C CA  . GLN A 1 102 ? -11.392 16.028  3.248   1.00 66.77 ? 101 GLN A CA  1 
ATOM   748  C C   . GLN A 1 102 ? -10.254 15.014  3.219   1.00 63.27 ? 101 GLN A C   1 
ATOM   749  O O   . GLN A 1 102 ? -10.310 13.992  3.917   1.00 60.42 ? 101 GLN A O   1 
ATOM   750  C CB  . GLN A 1 102 ? -11.545 16.675  4.620   1.00 69.53 ? 101 GLN A CB  1 
ATOM   751  C CG  . GLN A 1 102 ? -11.888 18.143  4.469   1.00 74.71 ? 101 GLN A CG  1 
ATOM   752  C CD  . GLN A 1 102 ? -12.527 18.717  5.695   1.00 82.94 ? 101 GLN A CD  1 
ATOM   753  O OE1 . GLN A 1 102 ? -13.214 18.014  6.441   1.00 78.12 ? 101 GLN A OE1 1 
ATOM   754  N NE2 . GLN A 1 102 ? -12.313 20.012  5.918   1.00 88.96 ? 101 GLN A NE2 1 
ATOM   755  N N   . VAL A 1 103 ? -9.221  15.316  2.423   1.00 61.91 ? 102 VAL A N   1 
ATOM   756  C CA  . VAL A 1 103 ? -8.185  14.365  2.021   1.00 64.86 ? 102 VAL A CA  1 
ATOM   757  C C   . VAL A 1 103 ? -6.798  15.002  2.120   1.00 67.43 ? 102 VAL A C   1 
ATOM   758  O O   . VAL A 1 103 ? -6.582  16.115  1.631   1.00 70.35 ? 102 VAL A O   1 
ATOM   759  C CB  . VAL A 1 103 ? -8.402  13.865  0.576   1.00 62.93 ? 102 VAL A CB  1 
ATOM   760  C CG1 . VAL A 1 103 ? -7.443  12.739  0.268   1.00 56.95 ? 102 VAL A CG1 1 
ATOM   761  C CG2 . VAL A 1 103 ? -9.855  13.446  0.338   1.00 60.21 ? 102 VAL A CG2 1 
ATOM   762  N N   . ILE A 1 104 ? -5.851  14.270  2.705   1.00 65.70 ? 103 ILE A N   1 
ATOM   763  C CA  . ILE A 1 104 ? -4.431  14.603  2.647   1.00 67.74 ? 103 ILE A CA  1 
ATOM   764  C C   . ILE A 1 104 ? -3.699  13.519  1.847   1.00 72.71 ? 103 ILE A C   1 
ATOM   765  O O   . ILE A 1 104 ? -4.217  12.422  1.619   1.00 66.89 ? 103 ILE A O   1 
ATOM   766  C CB  . ILE A 1 104 ? -3.808  14.742  4.051   1.00 67.63 ? 103 ILE A CB  1 
ATOM   767  C CG1 . ILE A 1 104 ? -4.839  15.218  5.063   1.00 66.54 ? 103 ILE A CG1 1 
ATOM   768  C CG2 . ILE A 1 104 ? -2.623  15.705  4.022   1.00 76.47 ? 103 ILE A CG2 1 
ATOM   769  C CD1 . ILE A 1 104 ? -4.352  15.136  6.476   1.00 63.47 ? 103 ILE A CD1 1 
ATOM   770  N N   . PHE A 1 105 ? -2.460  13.825  1.457   1.00 77.70 ? 104 PHE A N   1 
ATOM   771  C CA  . PHE A 1 105 ? -1.578  12.859  0.778   1.00 77.63 ? 104 PHE A CA  1 
ATOM   772  C C   . PHE A 1 105 ? -0.206  12.771  1.453   1.00 79.71 ? 104 PHE A C   1 
ATOM   773  O O   . PHE A 1 105 ? 0.698   12.081  0.969   1.00 86.03 ? 104 PHE A O   1 
ATOM   774  C CB  . PHE A 1 105 ? -1.411  13.235  -0.697  1.00 78.78 ? 104 PHE A CB  1 
ATOM   775  C CG  . PHE A 1 105 ? -2.673  13.733  -1.326  1.00 78.19 ? 104 PHE A CG  1 
ATOM   776  C CD1 . PHE A 1 105 ? -3.588  12.847  -1.865  1.00 75.53 ? 104 PHE A CD1 1 
ATOM   777  C CD2 . PHE A 1 105 ? -2.965  15.088  -1.346  1.00 79.66 ? 104 PHE A CD2 1 
ATOM   778  C CE1 . PHE A 1 105 ? -4.768  13.300  -2.433  1.00 75.86 ? 104 PHE A CE1 1 
ATOM   779  C CE2 . PHE A 1 105 ? -4.144  15.547  -1.911  1.00 82.84 ? 104 PHE A CE2 1 
ATOM   780  C CZ  . PHE A 1 105 ? -5.048  14.647  -2.457  1.00 76.13 ? 104 PHE A CZ  1 
ATOM   781  N N   . ASN B 1 4   ? 19.687  4.065   -3.698  1.00 71.71 ? 3   ASN B N   1 
ATOM   782  C CA  . ASN B 1 4   ? 19.579  2.956   -4.645  1.00 67.85 ? 3   ASN B CA  1 
ATOM   783  C C   . ASN B 1 4   ? 20.312  1.698   -4.127  1.00 62.66 ? 3   ASN B C   1 
ATOM   784  O O   . ASN B 1 4   ? 19.667  0.704   -3.797  1.00 59.81 ? 3   ASN B O   1 
ATOM   785  C CB  . ASN B 1 4   ? 20.112  3.368   -6.034  1.00 72.33 ? 3   ASN B CB  1 
ATOM   786  C CG  . ASN B 1 4   ? 19.000  3.793   -7.002  1.00 73.72 ? 3   ASN B CG  1 
ATOM   787  O OD1 . ASN B 1 4   ? 18.159  4.630   -6.676  1.00 84.51 ? 3   ASN B OD1 1 
ATOM   788  N ND2 . ASN B 1 4   ? 19.004  3.217   -8.205  1.00 74.46 ? 3   ASN B ND2 1 
ATOM   789  N N   . GLN B 1 5   ? 21.647  1.715   -4.052  1.00 62.03 ? 4   GLN B N   1 
ATOM   790  C CA  . GLN B 1 5   ? 22.381  0.547   -3.561  1.00 62.13 ? 4   GLN B CA  1 
ATOM   791  C C   . GLN B 1 5   ? 22.321  0.499   -2.042  1.00 61.39 ? 4   GLN B C   1 
ATOM   792  O O   . GLN B 1 5   ? 22.710  1.461   -1.367  1.00 61.77 ? 4   GLN B O   1 
ATOM   793  C CB  . GLN B 1 5   ? 23.831  0.559   -4.027  1.00 63.73 ? 4   GLN B CB  1 
ATOM   794  C CG  . GLN B 1 5   ? 23.950  0.777   -5.506  1.00 71.09 ? 4   GLN B CG  1 
ATOM   795  C CD  . GLN B 1 5   ? 23.374  -0.383  -6.290  1.00 75.09 ? 4   GLN B CD  1 
ATOM   796  O OE1 . GLN B 1 5   ? 22.430  -0.209  -7.068  1.00 78.58 ? 4   GLN B OE1 1 
ATOM   797  N NE2 . GLN B 1 5   ? 23.928  -1.575  -6.086  1.00 73.70 ? 4   GLN B NE2 1 
ATOM   798  N N   . LEU B 1 6   ? 21.821  -0.618  -1.507  1.00 55.76 ? 5   LEU B N   1 
ATOM   799  C CA  . LEU B 1 6   ? 21.629  -0.780  -0.072  1.00 53.64 ? 5   LEU B CA  1 
ATOM   800  C C   . LEU B 1 6   ? 22.095  -2.164  0.344   1.00 52.81 ? 5   LEU B C   1 
ATOM   801  O O   . LEU B 1 6   ? 21.803  -3.154  -0.325  1.00 50.36 ? 5   LEU B O   1 
ATOM   802  C CB  . LEU B 1 6   ? 20.167  -0.603  0.324   1.00 55.18 ? 5   LEU B CB  1 
ATOM   803  C CG  . LEU B 1 6   ? 19.553  0.772   0.136   1.00 58.44 ? 5   LEU B CG  1 
ATOM   804  C CD1 . LEU B 1 6   ? 18.159  0.779   0.764   1.00 60.48 ? 5   LEU B CD1 1 
ATOM   805  C CD2 . LEU B 1 6   ? 20.446  1.788   0.785   1.00 59.28 ? 5   LEU B CD2 1 
ATOM   806  N N   . THR B 1 7   ? 22.838  -2.220  1.432   1.00 52.10 ? 6   THR B N   1 
ATOM   807  C CA  . THR B 1 7   ? 23.197  -3.477  2.073   1.00 52.33 ? 6   THR B CA  1 
ATOM   808  C C   . THR B 1 7   ? 22.248  -3.611  3.244   1.00 47.82 ? 6   THR B C   1 
ATOM   809  O O   . THR B 1 7   ? 22.314  -2.820  4.186   1.00 52.90 ? 6   THR B O   1 
ATOM   810  C CB  . THR B 1 7   ? 24.666  -3.474  2.498   1.00 59.03 ? 6   THR B CB  1 
ATOM   811  O OG1 . THR B 1 7   ? 25.473  -3.152  1.359   1.00 57.34 ? 6   THR B OG1 1 
ATOM   812  C CG2 . THR B 1 7   ? 25.116  -4.835  3.054   1.00 53.23 ? 6   THR B CG2 1 
ATOM   813  N N   . LEU B 1 8   ? 21.301  -4.540  3.135   1.00 48.36 ? 7   LEU B N   1 
ATOM   814  C CA  . LEU B 1 8   ? 20.256  -4.735  4.123   1.00 48.05 ? 7   LEU B CA  1 
ATOM   815  C C   . LEU B 1 8   ? 20.585  -5.912  5.035   1.00 49.98 ? 7   LEU B C   1 
ATOM   816  O O   . LEU B 1 8   ? 21.379  -6.796  4.696   1.00 47.43 ? 7   LEU B O   1 
ATOM   817  C CB  . LEU B 1 8   ? 18.901  -4.960  3.439   1.00 45.98 ? 7   LEU B CB  1 
ATOM   818  C CG  . LEU B 1 8   ? 18.428  -3.805  2.544   1.00 51.95 ? 7   LEU B CG  1 
ATOM   819  C CD1 . LEU B 1 8   ? 17.160  -4.149  1.806   1.00 53.41 ? 7   LEU B CD1 1 
ATOM   820  C CD2 . LEU B 1 8   ? 18.215  -2.567  3.376   1.00 49.55 ? 7   LEU B CD2 1 
ATOM   821  N N   . ALA B 1 9   ? 19.965  -5.894  6.214   1.00 50.70 ? 8   ALA B N   1 
ATOM   822  C CA  . ALA B 1 9   ? 20.037  -6.988  7.178   1.00 48.62 ? 8   ALA B CA  1 
ATOM   823  C C   . ALA B 1 9   ? 18.899  -7.964  6.893   1.00 47.67 ? 8   ALA B C   1 
ATOM   824  O O   . ALA B 1 9   ? 17.726  -7.649  7.129   1.00 50.53 ? 8   ALA B O   1 
ATOM   825  C CB  . ALA B 1 9   ? 19.948  -6.443  8.601   1.00 49.79 ? 8   ALA B CB  1 
ATOM   826  N N   . VAL B 1 10  ? 19.235  -9.142  6.380   1.00 46.69 ? 9   VAL B N   1 
ATOM   827  C CA  . VAL B 1 10  ? 18.232  -10.146 6.048   1.00 46.96 ? 9   VAL B CA  1 
ATOM   828  C C   . VAL B 1 10  ? 18.018  -11.046 7.250   1.00 45.28 ? 9   VAL B C   1 
ATOM   829  O O   . VAL B 1 10  ? 18.986  -11.558 7.822   1.00 47.16 ? 9   VAL B O   1 
ATOM   830  C CB  . VAL B 1 10  ? 18.660  -10.973 4.828   1.00 46.67 ? 9   VAL B CB  1 
ATOM   831  C CG1 . VAL B 1 10  ? 17.598  -12.048 4.537   1.00 46.69 ? 9   VAL B CG1 1 
ATOM   832  C CG2 . VAL B 1 10  ? 18.872  -10.064 3.633   1.00 46.93 ? 9   VAL B CG2 1 
ATOM   833  N N   . ALA B 1 11  ? 16.755  -11.258 7.624   1.00 47.67 ? 10  ALA B N   1 
ATOM   834  C CA  . ALA B 1 11  ? 16.448  -12.131 8.756   1.00 49.82 ? 10  ALA B CA  1 
ATOM   835  C C   . ALA B 1 11  ? 17.100  -13.495 8.565   1.00 47.72 ? 10  ALA B C   1 
ATOM   836  O O   . ALA B 1 11  ? 17.011  -14.093 7.489   1.00 48.62 ? 10  ALA B O   1 
ATOM   837  C CB  . ALA B 1 11  ? 14.931  -12.288 8.917   1.00 51.14 ? 10  ALA B CB  1 
ATOM   838  N N   . SER B 1 12  ? 17.786  -13.978 9.605   1.00 47.14 ? 11  SER B N   1 
ATOM   839  C CA  . SER B 1 12  ? 18.424  -15.293 9.548   1.00 48.59 ? 11  SER B CA  1 
ATOM   840  C C   . SER B 1 12  ? 18.046  -16.220 10.705  1.00 51.78 ? 11  SER B C   1 
ATOM   841  O O   . SER B 1 12  ? 18.632  -17.303 10.819  1.00 49.84 ? 11  SER B O   1 
ATOM   842  C CB  . SER B 1 12  ? 19.943  -15.143 9.506   1.00 46.63 ? 11  SER B CB  1 
ATOM   843  O OG  . SER B 1 12  ? 20.377  -14.474 10.675  1.00 53.89 ? 11  SER B OG  1 
ATOM   844  N N   . ASP B 1 13  ? 17.083  -15.842 11.547  1.00 47.61 ? 12  ASP B N   1 
ATOM   845  C CA  . ASP B 1 13  ? 16.547  -16.732 12.571  1.00 52.40 ? 12  ASP B CA  1 
ATOM   846  C C   . ASP B 1 13  ? 15.390  -17.569 12.027  1.00 51.12 ? 12  ASP B C   1 
ATOM   847  O O   . ASP B 1 13  ? 14.692  -17.183 11.082  1.00 46.06 ? 12  ASP B O   1 
ATOM   848  C CB  . ASP B 1 13  ? 16.061  -15.936 13.786  1.00 47.04 ? 12  ASP B CB  1 
ATOM   849  C CG  . ASP B 1 13  ? 17.202  -15.309 14.556  1.00 48.87 ? 12  ASP B CG  1 
ATOM   850  O OD1 . ASP B 1 13  ? 18.284  -15.925 14.611  1.00 52.35 ? 12  ASP B OD1 1 
ATOM   851  O OD2 . ASP B 1 13  ? 17.024  -14.188 15.082  1.00 53.25 ? 12  ASP B OD2 1 
ATOM   852  N N   . GLN B 1 14  ? 15.167  -18.723 12.674  1.00 48.99 ? 13  GLN B N   1 
ATOM   853  C CA  . GLN B 1 14  ? 14.026  -19.558 12.301  1.00 47.84 ? 13  GLN B CA  1 
ATOM   854  C C   . GLN B 1 14  ? 12.704  -18.841 12.534  1.00 48.50 ? 13  GLN B C   1 
ATOM   855  O O   . GLN B 1 14  ? 11.756  -19.032 11.770  1.00 48.77 ? 13  GLN B O   1 
ATOM   856  C CB  . GLN B 1 14  ? 14.040  -20.874 13.074  1.00 51.21 ? 13  GLN B CB  1 
ATOM   857  C CG  . GLN B 1 14  ? 12.910  -21.811 12.674  1.00 52.30 ? 13  GLN B CG  1 
ATOM   858  C CD  . GLN B 1 14  ? 12.959  -23.117 13.439  1.00 63.29 ? 13  GLN B CD  1 
ATOM   859  O OE1 . GLN B 1 14  ? 13.004  -23.124 14.673  1.00 65.74 ? 13  GLN B OE1 1 
ATOM   860  N NE2 . GLN B 1 14  ? 12.915  -24.230 12.719  1.00 56.05 ? 13  GLN B NE2 1 
ATOM   861  N N   . GLU B 1 15  ? 12.611  -18.035 13.595  1.00 47.41 ? 14  GLU B N   1 
ATOM   862  C CA  . GLU B 1 15  ? 11.457  -17.173 13.815  1.00 54.53 ? 14  GLU B CA  1 
ATOM   863  C C   . GLU B 1 15  ? 11.955  -15.825 14.315  1.00 51.16 ? 14  GLU B C   1 
ATOM   864  O O   . GLU B 1 15  ? 12.963  -15.749 15.019  1.00 48.19 ? 14  GLU B O   1 
ATOM   865  C CB  . GLU B 1 15  ? 10.439  -17.777 14.820  1.00 56.86 ? 14  GLU B CB  1 
ATOM   866  C CG  . GLU B 1 15  ? 9.812   -19.116 14.374  1.00 63.25 ? 14  GLU B CG  1 
ATOM   867  C CD  . GLU B 1 15  ? 8.361   -19.290 14.841  1.00 72.14 ? 14  GLU B CD  1 
ATOM   868  O OE1 . GLU B 1 15  ? 8.045   -18.884 15.979  1.00 67.83 ? 14  GLU B OE1 1 
ATOM   869  O OE2 . GLU B 1 15  ? 7.533   -19.821 14.063  1.00 79.05 ? 14  GLU B OE2 1 
ATOM   870  N N   . ILE B 1 16  ? 11.243  -14.759 13.950  1.00 50.31 ? 15  ILE B N   1 
ATOM   871  C CA  . ILE B 1 16  ? 11.640  -13.411 14.339  1.00 54.42 ? 15  ILE B CA  1 
ATOM   872  C C   . ILE B 1 16  ? 10.479  -12.717 15.034  1.00 53.75 ? 15  ILE B C   1 
ATOM   873  O O   . ILE B 1 16  ? 9.298   -12.968 14.748  1.00 53.32 ? 15  ILE B O   1 
ATOM   874  C CB  . ILE B 1 16  ? 12.146  -12.554 13.145  1.00 53.39 ? 15  ILE B CB  1 
ATOM   875  C CG1 . ILE B 1 16  ? 10.993  -12.030 12.282  1.00 49.12 ? 15  ILE B CG1 1 
ATOM   876  C CG2 . ILE B 1 16  ? 13.144  -13.335 12.269  1.00 50.37 ? 15  ILE B CG2 1 
ATOM   877  C CD1 . ILE B 1 16  ? 11.485  -11.006 11.208  1.00 50.10 ? 15  ILE B CD1 1 
ATOM   878  N N   . SER B 1 17  ? 10.822  -11.830 15.958  1.00 53.81 ? 16  SER B N   1 
ATOM   879  C CA  . SER B 1 17  ? 9.842   -10.972 16.605  1.00 56.20 ? 16  SER B CA  1 
ATOM   880  C C   . SER B 1 17  ? 9.857   -9.628  15.882  1.00 54.10 ? 16  SER B C   1 
ATOM   881  O O   . SER B 1 17  ? 10.922  -9.029  15.711  1.00 53.75 ? 16  SER B O   1 
ATOM   882  C CB  . SER B 1 17  ? 10.159  -10.824 18.096  1.00 55.11 ? 16  SER B CB  1 
ATOM   883  O OG  . SER B 1 17  ? 9.613   -9.615  18.612  1.00 64.96 ? 16  SER B OG  1 
ATOM   884  N N   . ALA B 1 18  ? 8.692   -9.183  15.407  1.00 54.01 ? 17  ALA B N   1 
ATOM   885  C CA  . ALA B 1 18  ? 8.631   -8.004  14.555  1.00 54.68 ? 17  ALA B CA  1 
ATOM   886  C C   . ALA B 1 18  ? 7.357   -7.232  14.861  1.00 52.76 ? 17  ALA B C   1 
ATOM   887  O O   . ALA B 1 18  ? 6.504   -7.681  15.624  1.00 56.98 ? 17  ALA B O   1 
ATOM   888  C CB  . ALA B 1 18  ? 8.698   -8.387  13.070  1.00 52.81 ? 17  ALA B CB  1 
ATOM   889  N N   . HIS B 1 19  ? 7.236   -6.055  14.258  1.00 58.93 ? 18  HIS B N   1 
ATOM   890  C CA  . HIS B 1 19  ? 6.028   -5.255  14.421  1.00 60.64 ? 18  HIS B CA  1 
ATOM   891  C C   . HIS B 1 19  ? 5.893   -4.289  13.254  1.00 57.96 ? 18  HIS B C   1 
ATOM   892  O O   . HIS B 1 19  ? 6.892   -3.840  12.687  1.00 55.73 ? 18  HIS B O   1 
ATOM   893  C CB  . HIS B 1 19  ? 6.035   -4.465  15.738  1.00 57.52 ? 18  HIS B CB  1 
ATOM   894  C CG  . HIS B 1 19  ? 7.181   -3.511  15.854  1.00 60.19 ? 18  HIS B CG  1 
ATOM   895  N ND1 . HIS B 1 19  ? 7.109   -2.202  15.423  1.00 63.44 ? 18  HIS B ND1 1 
ATOM   896  C CD2 . HIS B 1 19  ? 8.444   -3.688  16.310  1.00 59.13 ? 18  HIS B CD2 1 
ATOM   897  C CE1 . HIS B 1 19  ? 8.271   -1.610  15.629  1.00 61.00 ? 18  HIS B CE1 1 
ATOM   898  N NE2 . HIS B 1 19  ? 9.101   -2.493  16.160  1.00 59.77 ? 18  HIS B NE2 1 
ATOM   899  N N   . GLY B 1 20  ? 4.640   -3.982  12.905  1.00 59.36 ? 19  GLY B N   1 
ATOM   900  C CA  . GLY B 1 20  ? 4.325   -2.935  11.948  1.00 59.68 ? 19  GLY B CA  1 
ATOM   901  C C   . GLY B 1 20  ? 3.676   -1.734  12.615  1.00 63.18 ? 19  GLY B C   1 
ATOM   902  O O   . GLY B 1 20  ? 3.898   -1.492  13.805  1.00 62.99 ? 19  GLY B O   1 
ATOM   903  N N   . TYR B 1 21  ? 2.876   -0.976  11.869  1.00 60.53 ? 20  TYR B N   1 
ATOM   904  C CA  . TYR B 1 21  ? 2.237   0.227   12.384  1.00 60.59 ? 20  TYR B CA  1 
ATOM   905  C C   . TYR B 1 21  ? 0.766   0.226   11.994  1.00 61.59 ? 20  TYR B C   1 
ATOM   906  O O   . TYR B 1 21  ? 0.405   -0.316  10.943  1.00 60.13 ? 20  TYR B O   1 
ATOM   907  C CB  . TYR B 1 21  ? 2.948   1.487   11.865  1.00 60.37 ? 20  TYR B CB  1 
ATOM   908  C CG  . TYR B 1 21  ? 4.391   1.495   12.305  1.00 61.45 ? 20  TYR B CG  1 
ATOM   909  C CD1 . TYR B 1 21  ? 4.723   1.615   13.652  1.00 68.61 ? 20  TYR B CD1 1 
ATOM   910  C CD2 . TYR B 1 21  ? 5.417   1.297   11.393  1.00 63.04 ? 20  TYR B CD2 1 
ATOM   911  C CE1 . TYR B 1 21  ? 6.050   1.585   14.071  1.00 65.66 ? 20  TYR B CE1 1 
ATOM   912  C CE2 . TYR B 1 21  ? 6.744   1.261   11.800  1.00 63.79 ? 20  TYR B CE2 1 
ATOM   913  C CZ  . TYR B 1 21  ? 7.052   1.407   13.140  1.00 64.18 ? 20  TYR B CZ  1 
ATOM   914  O OH  . TYR B 1 21  ? 8.363   1.376   13.544  1.00 66.17 ? 20  TYR B OH  1 
ATOM   915  N N   . PRO B 1 22  ? -0.120  0.831   12.837  1.00 64.61 ? 21  PRO B N   1 
ATOM   916  C CA  . PRO B 1 22  ? -1.575  0.672   12.644  1.00 61.03 ? 21  PRO B CA  1 
ATOM   917  C C   . PRO B 1 22  ? -2.173  1.502   11.513  1.00 63.97 ? 21  PRO B C   1 
ATOM   918  O O   . PRO B 1 22  ? -3.167  1.090   10.899  1.00 64.29 ? 21  PRO B O   1 
ATOM   919  C CB  . PRO B 1 22  ? -2.143  1.124   13.993  1.00 61.38 ? 21  PRO B CB  1 
ATOM   920  C CG  . PRO B 1 22  ? -1.148  2.138   14.469  1.00 65.17 ? 21  PRO B CG  1 
ATOM   921  C CD  . PRO B 1 22  ? 0.194   1.630   14.037  1.00 61.44 ? 21  PRO B CD  1 
ATOM   922  N N   . THR B 1 23  ? -1.583  2.670   11.240  1.00 63.87 ? 22  THR B N   1 
ATOM   923  C CA  . THR B 1 23  ? -2.080  3.614   10.248  1.00 61.66 ? 22  THR B CA  1 
ATOM   924  C C   . THR B 1 23  ? -0.950  4.006   9.306   1.00 62.82 ? 22  THR B C   1 
ATOM   925  O O   . THR B 1 23  ? 0.230   3.885   9.641   1.00 61.77 ? 22  THR B O   1 
ATOM   926  C CB  . THR B 1 23  ? -2.639  4.883   10.897  1.00 65.30 ? 22  THR B CB  1 
ATOM   927  O OG1 . THR B 1 23  ? -1.562  5.605   11.517  1.00 65.72 ? 22  THR B OG1 1 
ATOM   928  C CG2 . THR B 1 23  ? -3.704  4.531   11.934  1.00 57.62 ? 22  THR B CG2 1 
ATOM   929  N N   . MET B 1 24  ? -1.327  4.501   8.121   1.00 61.99 ? 23  MET B N   1 
ATOM   930  C CA  . MET B 1 24  ? -0.327  4.913   7.140   1.00 66.47 ? 23  MET B CA  1 
ATOM   931  C C   . MET B 1 24  ? 0.467   6.125   7.605   1.00 68.64 ? 23  MET B C   1 
ATOM   932  O O   . MET B 1 24  ? 1.644   6.261   7.247   1.00 70.35 ? 23  MET B O   1 
ATOM   933  C CB  . MET B 1 24  ? -0.988  5.206   5.793   1.00 61.44 ? 23  MET B CB  1 
ATOM   934  C CG  . MET B 1 24  ? -0.137  4.785   4.618   1.00 67.19 ? 23  MET B CG  1 
ATOM   935  S SD  . MET B 1 24  ? 1.508   5.529   4.723   1.00 72.34 ? 23  MET B SD  1 
ATOM   936  C CE  . MET B 1 24  ? 1.216   7.099   3.889   1.00 79.91 ? 23  MET B CE  1 
ATOM   937  N N   . SER B 1 25  ? -0.147  7.005   8.404   1.00 69.43 ? 24  SER B N   1 
ATOM   938  C CA  . SER B 1 25  ? 0.561   8.197   8.862   1.00 72.60 ? 24  SER B CA  1 
ATOM   939  C C   . SER B 1 25  ? 1.581   7.856   9.938   1.00 68.35 ? 24  SER B C   1 
ATOM   940  O O   . SER B 1 25  ? 2.666   8.441   9.980   1.00 67.54 ? 24  SER B O   1 
ATOM   941  C CB  . SER B 1 25  ? -0.428  9.246   9.373   1.00 76.23 ? 24  SER B CB  1 
ATOM   942  O OG  . SER B 1 25  ? -1.533  9.403   8.489   1.00 81.48 ? 24  SER B OG  1 
ATOM   943  N N   . ASP B 1 26  ? 1.261   6.926   10.825  1.00 69.08 ? 25  ASP B N   1 
ATOM   944  C CA  . ASP B 1 26  ? 2.298   6.443   11.724  1.00 71.35 ? 25  ASP B CA  1 
ATOM   945  C C   . ASP B 1 26  ? 3.428   5.761   10.962  1.00 70.09 ? 25  ASP B C   1 
ATOM   946  O O   . ASP B 1 26  ? 4.574   5.795   11.417  1.00 72.44 ? 25  ASP B O   1 
ATOM   947  C CB  . ASP B 1 26  ? 1.705   5.507   12.782  1.00 69.54 ? 25  ASP B CB  1 
ATOM   948  C CG  . ASP B 1 26  ? 2.349   5.707   14.143  1.00 80.35 ? 25  ASP B CG  1 
ATOM   949  O OD1 . ASP B 1 26  ? 3.521   6.183   14.187  1.00 81.64 ? 25  ASP B OD1 1 
ATOM   950  O OD2 . ASP B 1 26  ? 1.710   5.384   15.166  1.00 88.48 ? 25  ASP B OD2 1 
ATOM   951  N N   . ALA B 1 27  ? 3.146   5.215   9.779   1.00 69.79 ? 26  ALA B N   1 
ATOM   952  C CA  . ALA B 1 27  ? 4.165   4.482   9.039   1.00 66.23 ? 26  ALA B CA  1 
ATOM   953  C C   . ALA B 1 27  ? 5.135   5.417   8.321   1.00 67.02 ? 26  ALA B C   1 
ATOM   954  O O   . ALA B 1 27  ? 6.351   5.206   8.387   1.00 68.99 ? 26  ALA B O   1 
ATOM   955  C CB  . ALA B 1 27  ? 3.502   3.507   8.058   1.00 56.57 ? 26  ALA B CB  1 
ATOM   956  N N   . VAL B 1 28  ? 4.640   6.442   7.623   0.00 68.91 ? 27  VAL B N   1 
ATOM   957  C CA  . VAL B 1 28  ? 5.579   7.371   6.993   0.00 69.57 ? 27  VAL B CA  1 
ATOM   958  C C   . VAL B 1 28  ? 6.347   8.146   8.054   0.00 71.36 ? 27  VAL B C   1 
ATOM   959  O O   . VAL B 1 28  ? 7.502   8.532   7.840   0.00 72.11 ? 27  VAL B O   1 
ATOM   960  C CB  . VAL B 1 28  ? 4.863   8.324   6.017   0.00 69.50 ? 27  VAL B CB  1 
ATOM   961  C CG1 . VAL B 1 28  ? 5.877   8.960   5.070   0.00 69.55 ? 27  VAL B CG1 1 
ATOM   962  C CG2 . VAL B 1 28  ? 3.795   7.585   5.229   0.00 68.78 ? 27  VAL B CG2 1 
ATOM   963  N N   . GLU B 1 29  ? 5.724   8.387   9.207   0.00 71.60 ? 28  GLU B N   1 
ATOM   964  C CA  . GLU B 1 29  ? 6.434   8.933   10.356  0.00 73.23 ? 28  GLU B CA  1 
ATOM   965  C C   . GLU B 1 29  ? 7.606   8.042   10.744  0.00 72.97 ? 28  GLU B C   1 
ATOM   966  O O   . GLU B 1 29  ? 8.752   8.492   10.832  0.00 73.90 ? 28  GLU B O   1 
ATOM   967  C CB  . GLU B 1 29  ? 5.467   9.071   11.531  1.00 73.61 ? 28  GLU B CB  1 
ATOM   968  C CG  . GLU B 1 29  ? 5.342   10.476  12.126  1.00 80.53 ? 28  GLU B CG  1 
ATOM   969  C CD  . GLU B 1 29  ? 4.071   10.652  12.958  1.00 84.22 ? 28  GLU B CD  1 
ATOM   970  O OE1 . GLU B 1 29  ? 3.181   11.425  12.539  1.00 86.88 ? 28  GLU B OE1 1 
ATOM   971  O OE2 . GLU B 1 29  ? 3.951   10.016  14.029  1.00 89.60 ? 28  GLU B OE2 1 
ATOM   972  N N   . HIS B 1 30  ? 7.328   6.757   10.972  1.00 70.08 ? 29  HIS B N   1 
ATOM   973  C CA  . HIS B 1 30  ? 8.332   5.861   11.541  1.00 72.22 ? 29  HIS B CA  1 
ATOM   974  C C   . HIS B 1 30  ? 9.359   5.419   10.505  1.00 71.50 ? 29  HIS B C   1 
ATOM   975  O O   . HIS B 1 30  ? 10.550  5.318   10.817  1.00 71.67 ? 29  HIS B O   1 
ATOM   976  C CB  . HIS B 1 30  ? 7.654   4.635   12.154  1.00 70.99 ? 29  HIS B CB  1 
ATOM   977  C CG  . HIS B 1 30  ? 7.444   4.722   13.638  1.00 72.84 ? 29  HIS B CG  1 
ATOM   978  N ND1 . HIS B 1 30  ? 6.301   5.252   14.198  1.00 73.51 ? 29  HIS B ND1 1 
ATOM   979  C CD2 . HIS B 1 30  ? 8.213   4.310   14.675  1.00 74.81 ? 29  HIS B CD2 1 
ATOM   980  C CE1 . HIS B 1 30  ? 6.380   5.176   15.516  1.00 76.42 ? 29  HIS B CE1 1 
ATOM   981  N NE2 . HIS B 1 30  ? 7.530   4.606   15.831  1.00 76.14 ? 29  HIS B NE2 1 
ATOM   982  N N   . PHE B 1 31  ? 8.933   5.149   9.270   1.00 72.03 ? 30  PHE B N   1 
ATOM   983  C CA  . PHE B 1 31  ? 9.843   4.567   8.287   1.00 69.96 ? 30  PHE B CA  1 
ATOM   984  C C   . PHE B 1 31  ? 10.776  5.593   7.656   1.00 72.90 ? 30  PHE B C   1 
ATOM   985  O O   . PHE B 1 31  ? 11.813  5.202   7.109   1.00 71.83 ? 30  PHE B O   1 
ATOM   986  C CB  . PHE B 1 31  ? 9.056   3.829   7.191   1.00 64.72 ? 30  PHE B CB  1 
ATOM   987  C CG  . PHE B 1 31  ? 8.597   2.456   7.601   1.00 60.67 ? 30  PHE B CG  1 
ATOM   988  C CD1 . PHE B 1 31  ? 9.517   1.498   8.012   1.00 63.21 ? 30  PHE B CD1 1 
ATOM   989  C CD2 . PHE B 1 31  ? 7.250   2.126   7.596   1.00 62.87 ? 30  PHE B CD2 1 
ATOM   990  C CE1 . PHE B 1 31  ? 9.106   0.230   8.416   1.00 61.65 ? 30  PHE B CE1 1 
ATOM   991  C CE2 . PHE B 1 31  ? 6.821   0.860   7.990   1.00 59.87 ? 30  PHE B CE2 1 
ATOM   992  C CZ  . PHE B 1 31  ? 7.755   -0.097  8.405   1.00 57.43 ? 30  PHE B CZ  1 
ATOM   993  N N   . SER B 1 32  ? 10.444  6.891   7.725   1.00 77.22 ? 31  SER B N   1 
ATOM   994  C CA  . SER B 1 32  ? 11.364  7.914   7.224   1.00 74.48 ? 31  SER B CA  1 
ATOM   995  C C   . SER B 1 32  ? 12.641  7.963   8.057   1.00 74.91 ? 31  SER B C   1 
ATOM   996  O O   . SER B 1 32  ? 13.736  8.152   7.516   1.00 74.48 ? 31  SER B O   1 
ATOM   997  C CB  . SER B 1 32  ? 10.685  9.284   7.208   1.00 76.70 ? 31  SER B CB  1 
ATOM   998  O OG  . SER B 1 32  ? 9.381   9.213   6.650   1.00 77.36 ? 31  SER B OG  1 
ATOM   999  N N   . SER B 1 33  ? 12.518  7.797   9.373   1.00 77.68 ? 32  SER B N   1 
ATOM   1000 C CA  . SER B 1 33  ? 13.702  7.671   10.218  1.00 79.45 ? 32  SER B CA  1 
ATOM   1001 C C   . SER B 1 33  ? 14.508  6.431   9.849   1.00 79.89 ? 32  SER B C   1 
ATOM   1002 O O   . SER B 1 33  ? 15.742  6.484   9.780   1.00 82.54 ? 32  SER B O   1 
ATOM   1003 C CB  . SER B 1 33  ? 13.298  7.627   11.693  1.00 79.92 ? 32  SER B CB  1 
ATOM   1004 O OG  . SER B 1 33  ? 12.187  8.467   11.943  1.00 85.82 ? 32  SER B OG  1 
ATOM   1005 N N   . SER B 1 34  ? 13.828  5.304   9.609   1.00 77.57 ? 33  SER B N   1 
ATOM   1006 C CA  . SER B 1 34  ? 14.514  4.106   9.134   1.00 74.74 ? 33  SER B CA  1 
ATOM   1007 C C   . SER B 1 34  ? 15.214  4.367   7.807   1.00 75.70 ? 33  SER B C   1 
ATOM   1008 O O   . SER B 1 34  ? 16.389  4.034   7.634   1.00 76.62 ? 33  SER B O   1 
ATOM   1009 C CB  . SER B 1 34  ? 13.522  2.952   8.979   1.00 72.69 ? 33  SER B CB  1 
ATOM   1010 O OG  . SER B 1 34  ? 13.122  2.434   10.228  1.00 74.46 ? 33  SER B OG  1 
ATOM   1011 N N   . ALA B 1 35  ? 14.493  4.959   6.853   1.00 74.80 ? 34  ALA B N   1 
ATOM   1012 C CA  . ALA B 1 35  ? 15.033  5.136   5.509   1.00 77.11 ? 34  ALA B CA  1 
ATOM   1013 C C   . ALA B 1 35  ? 16.293  5.990   5.509   1.00 79.87 ? 34  ALA B C   1 
ATOM   1014 O O   . ALA B 1 35  ? 17.177  5.785   4.668   1.00 79.97 ? 34  ALA B O   1 
ATOM   1015 C CB  . ALA B 1 35  ? 13.970  5.756   4.598   1.00 76.67 ? 34  ALA B CB  1 
ATOM   1016 N N   . SER B 1 36  ? 16.395  6.944   6.440   1.00 78.84 ? 35  SER B N   1 
ATOM   1017 C CA  . SER B 1 36  ? 17.591  7.770   6.548   1.00 82.89 ? 35  SER B CA  1 
ATOM   1018 C C   . SER B 1 36  ? 18.702  7.081   7.329   1.00 80.89 ? 35  SER B C   1 
ATOM   1019 O O   . SER B 1 36  ? 19.872  7.455   7.183   1.00 84.09 ? 35  SER B O   1 
ATOM   1020 C CB  . SER B 1 36  ? 17.246  9.116   7.199   1.00 80.18 ? 35  SER B CB  1 
ATOM   1021 O OG  . SER B 1 36  ? 17.051  8.969   8.596   1.00 81.19 ? 35  SER B OG  1 
ATOM   1022 N N   . HIS B 1 37  ? 18.365  6.082   8.144   1.00 80.82 ? 36  HIS B N   1 
ATOM   1023 C CA  . HIS B 1 37  ? 19.344  5.299   8.887   1.00 79.77 ? 36  HIS B CA  1 
ATOM   1024 C C   . HIS B 1 37  ? 19.568  3.934   8.245   1.00 78.97 ? 36  HIS B C   1 
ATOM   1025 O O   . HIS B 1 37  ? 19.931  2.975   8.929   1.00 81.18 ? 36  HIS B O   1 
ATOM   1026 C CB  . HIS B 1 37  ? 18.910  5.150   10.345  1.00 80.85 ? 36  HIS B CB  1 
ATOM   1027 C CG  . HIS B 1 37  ? 18.619  6.455   11.019  1.00 81.92 ? 36  HIS B CG  1 
ATOM   1028 N ND1 . HIS B 1 37  ? 19.198  7.642   10.620  1.00 84.69 ? 36  HIS B ND1 1 
ATOM   1029 C CD2 . HIS B 1 37  ? 17.810  6.764   12.060  1.00 84.98 ? 36  HIS B CD2 1 
ATOM   1030 C CE1 . HIS B 1 37  ? 18.759  8.625   11.387  1.00 84.13 ? 36  HIS B CE1 1 
ATOM   1031 N NE2 . HIS B 1 37  ? 17.915  8.119   12.270  1.00 81.27 ? 36  HIS B NE2 1 
ATOM   1032 N N   . GLY B 1 38  ? 19.327  3.833   6.936   1.00 78.42 ? 37  GLY B N   1 
ATOM   1033 C CA  . GLY B 1 38  ? 19.610  2.622   6.181   1.00 76.51 ? 37  GLY B CA  1 
ATOM   1034 C C   . GLY B 1 38  ? 18.877  1.382   6.639   1.00 77.26 ? 37  GLY B C   1 
ATOM   1035 O O   . GLY B 1 38  ? 19.313  0.267   6.338   1.00 77.61 ? 37  GLY B O   1 
ATOM   1036 N N   . PHE B 1 39  ? 17.783  1.546   7.382   1.00 77.60 ? 38  PHE B N   1 
ATOM   1037 C CA  . PHE B 1 39  ? 16.958  0.454   7.888   1.00 75.31 ? 38  PHE B CA  1 
ATOM   1038 C C   . PHE B 1 39  ? 17.686  -0.445  8.882   1.00 70.00 ? 38  PHE B C   1 
ATOM   1039 O O   . PHE B 1 39  ? 17.260  -1.583  9.089   1.00 73.35 ? 38  PHE B O   1 
ATOM   1040 C CB  . PHE B 1 39  ? 16.387  -0.393  6.741   1.00 71.09 ? 38  PHE B CB  1 
ATOM   1041 C CG  . PHE B 1 39  ? 15.565  0.399   5.755   1.00 71.51 ? 38  PHE B CG  1 
ATOM   1042 C CD1 . PHE B 1 39  ? 14.214  0.637   5.979   1.00 72.67 ? 38  PHE B CD1 1 
ATOM   1043 C CD2 . PHE B 1 39  ? 16.146  0.923   4.610   1.00 75.48 ? 38  PHE B CD2 1 
ATOM   1044 C CE1 . PHE B 1 39  ? 13.457  1.376   5.076   1.00 68.70 ? 38  PHE B CE1 1 
ATOM   1045 C CE2 . PHE B 1 39  ? 15.393  1.666   3.701   1.00 70.45 ? 38  PHE B CE2 1 
ATOM   1046 C CZ  . PHE B 1 39  ? 14.053  1.894   3.933   1.00 70.35 ? 38  PHE B CZ  1 
ATOM   1047 N N   . LYS B 1 40  ? 18.746  0.051   9.534   0.00 72.36 ? 39  LYS B N   1 
ATOM   1048 C CA  . LYS B 1 40  ? 19.474  -0.731  10.536  0.00 71.83 ? 39  LYS B CA  1 
ATOM   1049 C C   . LYS B 1 40  ? 18.555  -1.418  11.540  0.00 67.80 ? 39  LYS B C   1 
ATOM   1050 O O   . LYS B 1 40  ? 18.981  -2.359  12.219  0.00 66.17 ? 39  LYS B O   1 
ATOM   1051 C CB  . LYS B 1 40  ? 20.446  0.173   11.294  1.00 76.69 ? 39  LYS B CB  1 
ATOM   1052 C CG  . LYS B 1 40  ? 21.580  0.736   10.444  1.00 79.81 ? 39  LYS B CG  1 
ATOM   1053 C CD  . LYS B 1 40  ? 22.900  0.799   11.220  1.00 80.20 ? 39  LYS B CD  1 
ATOM   1054 C CE  . LYS B 1 40  ? 24.059  0.197   10.424  1.00 76.83 ? 39  LYS B CE  1 
ATOM   1055 N NZ  . LYS B 1 40  ? 25.394  0.675   10.915  1.00 76.75 ? 39  LYS B NZ  1 
ATOM   1056 N N   . ASP B 1 41  ? 17.309  -0.963  11.647  0.00 66.56 ? 40  ASP B N   1 
ATOM   1057 C CA  . ASP B 1 41  ? 16.339  -1.462  12.608  0.00 64.29 ? 40  ASP B CA  1 
ATOM   1058 C C   . ASP B 1 41  ? 15.372  -2.478  12.015  0.00 60.80 ? 40  ASP B C   1 
ATOM   1059 O O   . ASP B 1 41  ? 14.671  -3.158  12.772  0.00 59.43 ? 40  ASP B O   1 
ATOM   1060 C CB  . ASP B 1 41  ? 15.529  -0.291  13.161  1.00 66.84 ? 40  ASP B CB  1 
ATOM   1061 C CG  . ASP B 1 41  ? 15.051  0.645   12.056  1.00 68.57 ? 40  ASP B CG  1 
ATOM   1062 O OD1 . ASP B 1 41  ? 15.776  0.819   11.048  1.00 74.73 ? 40  ASP B OD1 1 
ATOM   1063 O OD2 . ASP B 1 41  ? 13.931  1.168   12.164  1.00 67.95 ? 40  ASP B OD2 1 
ATOM   1064 N N   . CYS B 1 42  ? 15.300  -2.571  10.692  1.00 56.00 ? 41  CYS B N   1 
ATOM   1065 C CA  . CYS B 1 42  ? 14.400  -3.475  9.987   1.00 55.43 ? 41  CYS B CA  1 
ATOM   1066 C C   . CYS B 1 42  ? 15.129  -4.732  9.512   1.00 51.79 ? 41  CYS B C   1 
ATOM   1067 O O   . CYS B 1 42  ? 16.353  -4.765  9.388   1.00 52.97 ? 41  CYS B O   1 
ATOM   1068 C CB  . CYS B 1 42  ? 13.753  -2.780  8.779   1.00 57.93 ? 41  CYS B CB  1 
ATOM   1069 S SG  . CYS B 1 42  ? 12.495  -1.484  9.184   1.00 57.91 ? 41  CYS B SG  1 
ATOM   1070 N N   . ARG B 1 43  ? 14.344  -5.764  9.198   1.00 48.65 ? 42  ARG B N   1 
ATOM   1071 C CA  . ARG B 1 43  ? 14.874  -6.984  8.607   1.00 50.63 ? 42  ARG B CA  1 
ATOM   1072 C C   . ARG B 1 43  ? 14.144  -7.299  7.309   1.00 50.86 ? 42  ARG B C   1 
ATOM   1073 O O   . ARG B 1 43  ? 12.916  -7.146  7.215   1.00 52.16 ? 42  ARG B O   1 
ATOM   1074 C CB  . ARG B 1 43  ? 14.762  -8.174  9.583   1.00 52.20 ? 42  ARG B CB  1 
ATOM   1075 C CG  . ARG B 1 43  ? 15.448  -7.927  10.932  1.00 51.39 ? 42  ARG B CG  1 
ATOM   1076 C CD  . ARG B 1 43  ? 16.990  -7.905  10.792  1.00 51.57 ? 42  ARG B CD  1 
ATOM   1077 N NE  . ARG B 1 43  ? 17.629  -7.695  12.084  1.00 51.41 ? 42  ARG B NE  1 
ATOM   1078 C CZ  . ARG B 1 43  ? 18.046  -6.515  12.538  1.00 58.03 ? 42  ARG B CZ  1 
ATOM   1079 N NH1 . ARG B 1 43  ? 17.903  -5.415  11.793  1.00 51.35 ? 42  ARG B NH1 1 
ATOM   1080 N NH2 . ARG B 1 43  ? 18.619  -6.440  13.738  1.00 52.71 ? 42  ARG B NH2 1 
ATOM   1081 N N   . PHE B 1 44  ? 14.900  -7.738  6.306   1.00 48.56 ? 43  PHE B N   1 
ATOM   1082 C CA  . PHE B 1 44  ? 14.282  -8.193  5.068   1.00 49.66 ? 43  PHE B CA  1 
ATOM   1083 C C   . PHE B 1 44  ? 13.751  -9.617  5.247   1.00 47.68 ? 43  PHE B C   1 
ATOM   1084 O O   . PHE B 1 44  ? 14.487  -10.530 5.630   1.00 47.55 ? 43  PHE B O   1 
ATOM   1085 C CB  . PHE B 1 44  ? 15.257  -8.129  3.890   1.00 45.69 ? 43  PHE B CB  1 
ATOM   1086 C CG  . PHE B 1 44  ? 14.725  -8.793  2.625   1.00 47.24 ? 43  PHE B CG  1 
ATOM   1087 C CD1 . PHE B 1 44  ? 13.888  -8.101  1.764   1.00 46.25 ? 43  PHE B CD1 1 
ATOM   1088 C CD2 . PHE B 1 44  ? 15.048  -10.114 2.317   1.00 47.81 ? 43  PHE B CD2 1 
ATOM   1089 C CE1 . PHE B 1 44  ? 13.378  -8.705  0.617   1.00 47.59 ? 43  PHE B CE1 1 
ATOM   1090 C CE2 . PHE B 1 44  ? 14.556  -10.731 1.169   1.00 50.08 ? 43  PHE B CE2 1 
ATOM   1091 C CZ  . PHE B 1 44  ? 13.711  -10.016 0.309   1.00 49.01 ? 43  PHE B CZ  1 
ATOM   1092 N N   . VAL B 1 45  ? 12.473  -9.803  4.952   1.00 47.52 ? 44  VAL B N   1 
ATOM   1093 C CA  . VAL B 1 45  ? 11.841  -11.112 4.971   1.00 42.93 ? 44  VAL B CA  1 
ATOM   1094 C C   . VAL B 1 45  ? 11.371  -11.388 3.555   1.00 49.51 ? 44  VAL B C   1 
ATOM   1095 O O   . VAL B 1 45  ? 10.557  -10.630 3.015   1.00 46.44 ? 44  VAL B O   1 
ATOM   1096 C CB  . VAL B 1 45  ? 10.677  -11.160 5.970   1.00 47.12 ? 44  VAL B CB  1 
ATOM   1097 C CG1 . VAL B 1 45  ? 9.940   -12.521 5.911   1.00 48.24 ? 44  VAL B CG1 1 
ATOM   1098 C CG2 . VAL B 1 45  ? 11.196  -10.863 7.365   1.00 48.06 ? 44  VAL B CG2 1 
ATOM   1099 N N   . ALA B 1 46  ? 11.897  -12.450 2.948   1.00 42.49 ? 45  ALA B N   1 
ATOM   1100 C CA  . ALA B 1 46  ? 11.477  -12.844 1.611   1.00 49.14 ? 45  ALA B CA  1 
ATOM   1101 C C   . ALA B 1 46  ? 10.030  -13.324 1.608   1.00 47.06 ? 45  ALA B C   1 
ATOM   1102 O O   . ALA B 1 46  ? 9.566   -13.952 2.561   1.00 48.50 ? 45  ALA B O   1 
ATOM   1103 C CB  . ALA B 1 46  ? 12.379  -13.954 1.088   1.00 46.94 ? 45  ALA B CB  1 
ATOM   1104 N N   . PHE B 1 47  ? 9.324   -13.068 0.497   1.00 47.79 ? 46  PHE B N   1 
ATOM   1105 C CA  . PHE B 1 47  ? 7.934   -13.513 0.383   1.00 47.20 ? 46  PHE B CA  1 
ATOM   1106 C C   . PHE B 1 47  ? 7.785   -14.978 0.772   1.00 51.26 ? 46  PHE B C   1 
ATOM   1107 O O   . PHE B 1 47  ? 6.873   -15.344 1.517   1.00 50.32 ? 46  PHE B O   1 
ATOM   1108 C CB  . PHE B 1 47  ? 7.397   -13.311 -1.041  1.00 50.53 ? 46  PHE B CB  1 
ATOM   1109 C CG  . PHE B 1 47  ? 5.977   -13.798 -1.218  1.00 51.50 ? 46  PHE B CG  1 
ATOM   1110 C CD1 . PHE B 1 47  ? 4.910   -12.950 -0.963  1.00 55.96 ? 46  PHE B CD1 1 
ATOM   1111 C CD2 . PHE B 1 47  ? 5.704   -15.122 -1.575  1.00 50.54 ? 46  PHE B CD2 1 
ATOM   1112 C CE1 . PHE B 1 47  ? 3.594   -13.390 -1.101  1.00 54.81 ? 46  PHE B CE1 1 
ATOM   1113 C CE2 . PHE B 1 47  ? 4.382   -15.570 -1.710  1.00 51.97 ? 46  PHE B CE2 1 
ATOM   1114 C CZ  . PHE B 1 47  ? 3.333   -14.700 -1.471  1.00 54.18 ? 46  PHE B CZ  1 
ATOM   1115 N N   . GLY B 1 48  ? 8.662   -15.842 0.261   1.00 50.60 ? 47  GLY B N   1 
ATOM   1116 C CA  . GLY B 1 48  ? 8.501   -17.262 0.582   1.00 56.89 ? 47  GLY B CA  1 
ATOM   1117 C C   . GLY B 1 48  ? 8.736   -17.634 2.048   1.00 59.01 ? 47  GLY B C   1 
ATOM   1118 O O   . GLY B 1 48  ? 8.446   -18.776 2.433   1.00 57.11 ? 47  GLY B O   1 
ATOM   1119 N N   . LEU B 1 49  ? 9.250   -16.709 2.867   1.00 54.23 ? 48  LEU B N   1 
ATOM   1120 C CA  . LEU B 1 49  ? 9.572   -16.988 4.264   1.00 55.90 ? 48  LEU B CA  1 
ATOM   1121 C C   . LEU B 1 49  ? 8.678   -16.217 5.239   1.00 52.01 ? 48  LEU B C   1 
ATOM   1122 O O   . LEU B 1 49  ? 9.019   -16.086 6.422   1.00 53.63 ? 48  LEU B O   1 
ATOM   1123 C CB  . LEU B 1 49  ? 11.055  -16.698 4.526   1.00 49.75 ? 48  LEU B CB  1 
ATOM   1124 C CG  . LEU B 1 49  ? 12.043  -17.526 3.677   1.00 50.10 ? 48  LEU B CG  1 
ATOM   1125 C CD1 . LEU B 1 49  ? 13.468  -16.988 3.724   1.00 53.05 ? 48  LEU B CD1 1 
ATOM   1126 C CD2 . LEU B 1 49  ? 12.026  -18.993 4.082   1.00 57.24 ? 48  LEU B CD2 1 
ATOM   1127 N N   . GLN B 1 50  ? 7.518   -15.730 4.772   1.00 51.80 ? 49  GLN B N   1 
ATOM   1128 C CA  . GLN B 1 50  ? 6.652   -14.891 5.604   1.00 53.72 ? 49  GLN B CA  1 
ATOM   1129 C C   . GLN B 1 50  ? 6.283   -15.548 6.936   1.00 55.04 ? 49  GLN B C   1 
ATOM   1130 O O   . GLN B 1 50  ? 6.047   -14.845 7.928   1.00 53.93 ? 49  GLN B O   1 
ATOM   1131 C CB  . GLN B 1 50  ? 5.377   -14.541 4.829   1.00 55.26 ? 49  GLN B CB  1 
ATOM   1132 C CG  . GLN B 1 50  ? 4.702   -15.773 4.258   1.00 54.95 ? 49  GLN B CG  1 
ATOM   1133 C CD  . GLN B 1 50  ? 3.571   -15.460 3.318   1.00 57.72 ? 49  GLN B CD  1 
ATOM   1134 O OE1 . GLN B 1 50  ? 2.429   -15.231 3.737   1.00 60.15 ? 49  GLN B OE1 1 
ATOM   1135 N NE2 . GLN B 1 50  ? 3.879   -15.446 2.029   1.00 59.93 ? 49  GLN B NE2 1 
ATOM   1136 N N   . ASP B 1 51  ? 6.218   -16.885 6.982   1.00 56.48 ? 50  ASP B N   1 
ATOM   1137 C CA  . ASP B 1 51  ? 5.767   -17.568 8.191   1.00 57.86 ? 50  ASP B CA  1 
ATOM   1138 C C   . ASP B 1 51  ? 6.698   -17.364 9.379   1.00 52.46 ? 50  ASP B C   1 
ATOM   1139 O O   . ASP B 1 51  ? 6.287   -17.618 10.516  1.00 56.42 ? 50  ASP B O   1 
ATOM   1140 C CB  . ASP B 1 51  ? 5.612   -19.065 7.936   1.00 58.23 ? 50  ASP B CB  1 
ATOM   1141 C CG  . ASP B 1 51  ? 4.370   -19.402 7.135   1.00 65.34 ? 50  ASP B CG  1 
ATOM   1142 O OD1 . ASP B 1 51  ? 3.453   -18.557 7.031   1.00 62.07 ? 50  ASP B OD1 1 
ATOM   1143 O OD2 . ASP B 1 51  ? 4.309   -20.536 6.616   1.00 74.38 ? 50  ASP B OD2 1 
ATOM   1144 N N   . ILE B 1 52  ? 7.938   -16.926 9.153   1.00 53.42 ? 51  ILE B N   1 
ATOM   1145 C CA  . ILE B 1 52  ? 8.879   -16.733 10.255  1.00 53.05 ? 51  ILE B CA  1 
ATOM   1146 C C   . ILE B 1 52  ? 8.532   -15.527 11.121  1.00 51.13 ? 51  ILE B C   1 
ATOM   1147 O O   . ILE B 1 52  ? 9.074   -15.388 12.223  1.00 48.77 ? 51  ILE B O   1 
ATOM   1148 C CB  . ILE B 1 52  ? 10.333  -16.580 9.734   1.00 52.60 ? 51  ILE B CB  1 
ATOM   1149 C CG1 . ILE B 1 52  ? 10.530  -15.204 9.084   1.00 51.84 ? 51  ILE B CG1 1 
ATOM   1150 C CG2 . ILE B 1 52  ? 10.709  -17.701 8.765   1.00 49.53 ? 51  ILE B CG2 1 
ATOM   1151 C CD1 . ILE B 1 52  ? 11.988  -14.781 8.936   1.00 49.16 ? 51  ILE B CD1 1 
ATOM   1152 N N   . VAL B 1 53  ? 7.639   -14.660 10.657  1.00 51.98 ? 52  VAL B N   1 
ATOM   1153 C CA  . VAL B 1 53  ? 7.381   -13.372 11.292  1.00 54.08 ? 52  VAL B CA  1 
ATOM   1154 C C   . VAL B 1 53  ? 6.301   -13.533 12.355  1.00 55.33 ? 52  VAL B C   1 
ATOM   1155 O O   . VAL B 1 53  ? 5.194   -13.998 12.059  1.00 50.83 ? 52  VAL B O   1 
ATOM   1156 C CB  . VAL B 1 53  ? 6.959   -12.328 10.249  1.00 51.34 ? 52  VAL B CB  1 
ATOM   1157 C CG1 . VAL B 1 53  ? 6.590   -11.004 10.935  1.00 55.94 ? 52  VAL B CG1 1 
ATOM   1158 C CG2 . VAL B 1 53  ? 8.071   -12.131 9.193   1.00 50.16 ? 52  VAL B CG2 1 
ATOM   1159 N N   . ILE B 1 54  ? 6.605   -13.127 13.586  1.00 54.45 ? 53  ILE B N   1 
ATOM   1160 C CA  . ILE B 1 54  ? 5.631   -13.104 14.668  1.00 55.77 ? 53  ILE B CA  1 
ATOM   1161 C C   . ILE B 1 54  ? 5.471   -11.670 15.138  1.00 55.27 ? 53  ILE B C   1 
ATOM   1162 O O   . ILE B 1 54  ? 6.462   -10.958 15.336  1.00 52.78 ? 53  ILE B O   1 
ATOM   1163 C CB  . ILE B 1 54  ? 6.038   -13.998 15.861  1.00 60.20 ? 53  ILE B CB  1 
ATOM   1164 C CG1 . ILE B 1 54  ? 6.597   -15.331 15.389  1.00 60.91 ? 53  ILE B CG1 1 
ATOM   1165 C CG2 . ILE B 1 54  ? 4.841   -14.235 16.781  1.00 57.69 ? 53  ILE B CG2 1 
ATOM   1166 C CD1 . ILE B 1 54  ? 7.699   -15.834 16.283  1.00 64.78 ? 53  ILE B CD1 1 
ATOM   1167 N N   . GLY B 1 55  ? 4.225   -11.262 15.345  1.00 57.96 ? 54  GLY B N   1 
ATOM   1168 C CA  . GLY B 1 55  ? 3.926   -9.959  15.883  1.00 56.07 ? 54  GLY B CA  1 
ATOM   1169 C C   . GLY B 1 55  ? 3.463   -8.928  14.876  1.00 58.10 ? 54  GLY B C   1 
ATOM   1170 O O   . GLY B 1 55  ? 3.410   -7.742  15.220  1.00 55.88 ? 54  GLY B O   1 
ATOM   1171 N N   . VAL B 1 56  ? 3.122   -9.337  13.655  1.00 57.29 ? 55  VAL B N   1 
ATOM   1172 C CA  . VAL B 1 56  ? 2.668   -8.428  12.604  1.00 58.02 ? 55  VAL B CA  1 
ATOM   1173 C C   . VAL B 1 56  ? 1.371   -8.981  12.033  1.00 56.55 ? 55  VAL B C   1 
ATOM   1174 O O   . VAL B 1 56  ? 1.375   -10.024 11.363  1.00 55.11 ? 55  VAL B O   1 
ATOM   1175 C CB  . VAL B 1 56  ? 3.707   -8.245  11.488  1.00 58.30 ? 55  VAL B CB  1 
ATOM   1176 C CG1 . VAL B 1 56  ? 3.309   -7.061  10.582  1.00 56.72 ? 55  VAL B CG1 1 
ATOM   1177 C CG2 . VAL B 1 56  ? 5.101   -8.024  12.067  1.00 52.59 ? 55  VAL B CG2 1 
ATOM   1178 N N   . GLU B 1 57  ? 0.276   -8.269  12.254  1.00 56.04 ? 56  GLU B N   1 
ATOM   1179 C CA  . GLU B 1 57  ? -1.015  -8.676  11.736  1.00 55.61 ? 56  GLU B CA  1 
ATOM   1180 C C   . GLU B 1 57  ? -1.150  -8.298  10.264  1.00 57.36 ? 56  GLU B C   1 
ATOM   1181 O O   . GLU B 1 57  ? -0.394  -7.459  9.759   1.00 52.16 ? 56  GLU B O   1 
ATOM   1182 C CB  . GLU B 1 57  ? -2.119  -8.041  12.566  1.00 60.79 ? 56  GLU B CB  1 
ATOM   1183 C CG  . GLU B 1 57  ? -2.197  -8.660  13.964  1.00 67.57 ? 56  GLU B CG  1 
ATOM   1184 C CD  . GLU B 1 57  ? -2.784  -10.057 13.924  1.00 68.31 ? 56  GLU B CD  1 
ATOM   1185 O OE1 . GLU B 1 57  ? -4.025  -10.177 13.901  1.00 82.84 ? 56  GLU B OE1 1 
ATOM   1186 O OE2 . GLU B 1 57  ? -2.008  -11.040 13.881  1.00 73.43 ? 56  GLU B OE2 1 
ATOM   1187 N N   . PRO B 1 58  ? -2.070  -8.945  9.536   1.00 55.52 ? 57  PRO B N   1 
ATOM   1188 C CA  . PRO B 1 58  ? -2.248  -8.603  8.112   1.00 54.50 ? 57  PRO B CA  1 
ATOM   1189 C C   . PRO B 1 58  ? -2.587  -7.143  7.893   1.00 58.83 ? 57  PRO B C   1 
ATOM   1190 O O   . PRO B 1 58  ? -2.260  -6.597  6.826   1.00 57.00 ? 57  PRO B O   1 
ATOM   1191 C CB  . PRO B 1 58  ? -3.391  -9.524  7.662   1.00 56.21 ? 57  PRO B CB  1 
ATOM   1192 C CG  . PRO B 1 58  ? -3.333  -10.681 8.604   1.00 54.39 ? 57  PRO B CG  1 
ATOM   1193 C CD  . PRO B 1 58  ? -2.859  -10.129 9.925   1.00 57.66 ? 57  PRO B CD  1 
ATOM   1194 N N   . SER B 1 59  ? -3.189  -6.489  8.887   1.00 51.16 ? 58  SER B N   1 
ATOM   1195 C CA  . SER B 1 59  ? -3.568  -5.087  8.800   1.00 56.61 ? 58  SER B CA  1 
ATOM   1196 C C   . SER B 1 59  ? -2.418  -4.125  9.083   1.00 57.15 ? 58  SER B C   1 
ATOM   1197 O O   . SER B 1 59  ? -2.565  -2.928  8.815   1.00 55.64 ? 58  SER B O   1 
ATOM   1198 C CB  . SER B 1 59  ? -4.711  -4.809  9.781   1.00 55.67 ? 58  SER B CB  1 
ATOM   1199 O OG  . SER B 1 59  ? -4.309  -5.128  11.107  1.00 57.91 ? 58  SER B OG  1 
ATOM   1200 N N   . ASP B 1 60  ? -1.297  -4.612  9.625   1.00 59.23 ? 59  ASP B N   1 
ATOM   1201 C CA  . ASP B 1 60  ? -0.188  -3.749  10.021  1.00 54.43 ? 59  ASP B CA  1 
ATOM   1202 C C   . ASP B 1 60  ? 0.626   -3.310  8.813   1.00 56.18 ? 59  ASP B C   1 
ATOM   1203 O O   . ASP B 1 60  ? 0.922   -4.113  7.920   1.00 54.26 ? 59  ASP B O   1 
ATOM   1204 C CB  . ASP B 1 60  ? 0.744   -4.482  10.991  1.00 56.53 ? 59  ASP B CB  1 
ATOM   1205 C CG  . ASP B 1 60  ? 0.139   -4.676  12.350  1.00 57.75 ? 59  ASP B CG  1 
ATOM   1206 O OD1 . ASP B 1 60  ? -0.795  -3.921  12.691  1.00 58.71 ? 59  ASP B OD1 1 
ATOM   1207 O OD2 . ASP B 1 60  ? 0.608   -5.574  13.077  1.00 57.24 ? 59  ASP B OD2 1 
ATOM   1208 N N   . PHE B 1 61  ? 1.040   -2.044  8.815   1.00 56.44 ? 60  PHE B N   1 
ATOM   1209 C CA  . PHE B 1 61  ? 1.824   -1.491  7.719   1.00 55.06 ? 60  PHE B CA  1 
ATOM   1210 C C   . PHE B 1 61  ? 3.299   -1.830  7.919   1.00 56.11 ? 60  PHE B C   1 
ATOM   1211 O O   . PHE B 1 61  ? 3.839   -1.663  9.018   1.00 50.46 ? 60  PHE B O   1 
ATOM   1212 C CB  . PHE B 1 61  ? 1.627   0.030   7.614   1.00 52.74 ? 60  PHE B CB  1 
ATOM   1213 C CG  . PHE B 1 61  ? 0.292   0.435   7.029   1.00 56.73 ? 60  PHE B CG  1 
ATOM   1214 C CD1 . PHE B 1 61  ? 0.092   0.428   5.661   1.00 54.15 ? 60  PHE B CD1 1 
ATOM   1215 C CD2 . PHE B 1 61  ? -0.764  0.822   7.858   1.00 58.99 ? 60  PHE B CD2 1 
ATOM   1216 C CE1 . PHE B 1 61  ? -1.126  0.805   5.117   1.00 54.45 ? 60  PHE B CE1 1 
ATOM   1217 C CE2 . PHE B 1 61  ? -1.998  1.188   7.324   1.00 55.86 ? 60  PHE B CE2 1 
ATOM   1218 C CZ  . PHE B 1 61  ? -2.177  1.187   5.953   1.00 55.94 ? 60  PHE B CZ  1 
ATOM   1219 N N   . VAL B 1 62  ? 3.935   -2.326  6.854   1.00 52.83 ? 61  VAL B N   1 
ATOM   1220 C CA  . VAL B 1 62  ? 5.373   -2.573  6.785   1.00 53.95 ? 61  VAL B CA  1 
ATOM   1221 C C   . VAL B 1 62  ? 5.878   -1.973  5.470   1.00 55.76 ? 61  VAL B C   1 
ATOM   1222 O O   . VAL B 1 62  ? 5.112   -1.371  4.719   1.00 52.27 ? 61  VAL B O   1 
ATOM   1223 C CB  . VAL B 1 62  ? 5.711   -4.077  6.887   1.00 47.86 ? 61  VAL B CB  1 
ATOM   1224 C CG1 . VAL B 1 62  ? 5.227   -4.660  8.227   1.00 50.12 ? 61  VAL B CG1 1 
ATOM   1225 C CG2 . VAL B 1 62  ? 5.076   -4.830  5.747   1.00 48.31 ? 61  VAL B CG2 1 
ATOM   1226 N N   . VAL B 1 63  ? 7.168   -2.133  5.183   1.00 50.07 ? 62  VAL B N   1 
ATOM   1227 C CA  . VAL B 1 63  ? 7.691   -1.736  3.877   1.00 48.86 ? 62  VAL B CA  1 
ATOM   1228 C C   . VAL B 1 63  ? 7.670   -2.945  2.947   1.00 52.32 ? 62  VAL B C   1 
ATOM   1229 O O   . VAL B 1 63  ? 8.319   -3.963  3.221   1.00 44.39 ? 62  VAL B O   1 
ATOM   1230 C CB  . VAL B 1 63  ? 9.102   -1.146  3.979   1.00 49.50 ? 62  VAL B CB  1 
ATOM   1231 C CG1 . VAL B 1 63  ? 9.718   -1.038  2.584   1.00 49.65 ? 62  VAL B CG1 1 
ATOM   1232 C CG2 . VAL B 1 63  ? 9.058   0.221   4.667   1.00 51.20 ? 62  VAL B CG2 1 
ATOM   1233 N N   . ALA B 1 64  ? 6.933   -2.823  1.841   1.00 48.13 ? 63  ALA B N   1 
ATOM   1234 C CA  . ALA B 1 64  ? 6.869   -3.845  0.810   1.00 50.14 ? 63  ALA B CA  1 
ATOM   1235 C C   . ALA B 1 64  ? 7.904   -3.583  -0.282  1.00 51.09 ? 63  ALA B C   1 
ATOM   1236 O O   . ALA B 1 64  ? 8.279   -2.436  -0.551  1.00 46.85 ? 63  ALA B O   1 
ATOM   1237 C CB  . ALA B 1 64  ? 5.472   -3.895  0.194   1.00 47.98 ? 63  ALA B CB  1 
ATOM   1238 N N   . LEU B 1 65  ? 8.364   -4.666  -0.913  1.00 47.59 ? 64  LEU B N   1 
ATOM   1239 C CA  . LEU B 1 65  ? 9.303   -4.587  -2.025  1.00 49.43 ? 64  LEU B CA  1 
ATOM   1240 C C   . LEU B 1 65  ? 8.800   -5.447  -3.163  1.00 50.03 ? 64  LEU B C   1 
ATOM   1241 O O   . LEU B 1 65  ? 8.475   -6.622  -2.963  1.00 52.08 ? 64  LEU B O   1 
ATOM   1242 C CB  . LEU B 1 65  ? 10.706  -5.031  -1.607  1.00 49.67 ? 64  LEU B CB  1 
ATOM   1243 C CG  . LEU B 1 65  ? 11.281  -4.117  -0.534  1.00 52.32 ? 64  LEU B CG  1 
ATOM   1244 C CD1 . LEU B 1 65  ? 11.351  -4.868  0.787   1.00 56.30 ? 64  LEU B CD1 1 
ATOM   1245 C CD2 . LEU B 1 65  ? 12.647  -3.602  -0.961  1.00 53.52 ? 64  LEU B CD2 1 
ATOM   1246 N N   . GLU B 1 66  ? 8.741   -4.863  -4.355  1.00 49.68 ? 65  GLU B N   1 
ATOM   1247 C CA  . GLU B 1 66  ? 8.285   -5.566  -5.538  1.00 49.38 ? 65  GLU B CA  1 
ATOM   1248 C C   . GLU B 1 66  ? 9.257   -5.279  -6.667  1.00 49.78 ? 65  GLU B C   1 
ATOM   1249 O O   . GLU B 1 66  ? 9.987   -4.291  -6.645  1.00 50.69 ? 65  GLU B O   1 
ATOM   1250 C CB  . GLU B 1 66  ? 6.868   -5.143  -5.956  1.00 52.77 ? 65  GLU B CB  1 
ATOM   1251 C CG  . GLU B 1 66  ? 6.771   -3.674  -6.377  1.00 55.32 ? 65  GLU B CG  1 
ATOM   1252 C CD  . GLU B 1 66  ? 5.492   -3.365  -7.166  1.00 64.94 ? 65  GLU B CD  1 
ATOM   1253 O OE1 . GLU B 1 66  ? 5.583   -2.839  -8.304  1.00 62.20 ? 65  GLU B OE1 1 
ATOM   1254 O OE2 . GLU B 1 66  ? 4.395   -3.650  -6.637  1.00 56.42 ? 65  GLU B OE2 1 
ATOM   1255 N N   . GLY B 1 67  ? 9.249   -6.139  -7.667  1.00 50.36 ? 66  GLY B N   1 
ATOM   1256 C CA  . GLY B 1 67  ? 10.143  -5.910  -8.768  1.00 51.20 ? 66  GLY B CA  1 
ATOM   1257 C C   . GLY B 1 67  ? 10.900  -7.168  -9.077  1.00 61.24 ? 66  GLY B C   1 
ATOM   1258 O O   . GLY B 1 67  ? 10.514  -8.267  -8.661  1.00 56.17 ? 66  GLY B O   1 
ATOM   1259 N N   . ASP B 1 68  ? 11.986  -7.006  -9.825  1.00 62.15 ? 67  ASP B N   1 
ATOM   1260 C CA  . ASP B 1 68  ? 12.694  -8.141  -10.400 1.00 61.86 ? 67  ASP B CA  1 
ATOM   1261 C C   . ASP B 1 68  ? 14.181  -7.817  -10.467 1.00 71.99 ? 67  ASP B C   1 
ATOM   1262 O O   . ASP B 1 68  ? 15.024  -8.710  -10.481 1.00 84.27 ? 67  ASP B O   1 
ATOM   1263 C CB  . ASP B 1 68  ? 12.126  -8.470  -11.793 1.00 68.13 ? 67  ASP B CB  1 
ATOM   1264 C CG  . ASP B 1 68  ? 10.576  -8.390  -11.845 1.00 73.47 ? 67  ASP B CG  1 
ATOM   1265 O OD1 . ASP B 1 68  ? 9.895   -9.362  -11.430 1.00 70.59 ? 67  ASP B OD1 1 
ATOM   1266 O OD2 . ASP B 1 68  ? 10.032  -7.337  -12.281 1.00 71.51 ? 67  ASP B OD2 1 
ATOM   1267 N N   . ILE B 1 70  ? 15.782  -5.276  -9.629  1.00 50.88 ? 69  ILE B N   1 
ATOM   1268 C CA  . ILE B 1 70  ? 15.575  -3.955  -9.040  1.00 55.47 ? 69  ILE B CA  1 
ATOM   1269 C C   . ILE B 1 70  ? 14.226  -3.874  -8.336  1.00 59.69 ? 69  ILE B C   1 
ATOM   1270 O O   . ILE B 1 70  ? 13.184  -4.139  -8.932  1.00 59.04 ? 69  ILE B O   1 
ATOM   1271 C CB  . ILE B 1 70  ? 15.684  -2.848  -10.084 1.00 58.94 ? 69  ILE B CB  1 
ATOM   1272 C CG1 . ILE B 1 70  ? 17.101  -2.787  -10.654 1.00 58.49 ? 69  ILE B CG1 1 
ATOM   1273 C CG2 . ILE B 1 70  ? 15.333  -1.506  -9.471  1.00 54.64 ? 69  ILE B CG2 1 
ATOM   1274 C CD1 . ILE B 1 70  ? 17.234  -1.799  -11.766 1.00 65.98 ? 69  ILE B CD1 1 
ATOM   1275 N N   . LEU B 1 71  ? 14.250  -3.477  -7.068  1.00 54.15 ? 70  LEU B N   1 
ATOM   1276 C CA  . LEU B 1 71  ? 13.082  -3.529  -6.202  1.00 53.80 ? 70  LEU B CA  1 
ATOM   1277 C C   . LEU B 1 71  ? 12.561  -2.130  -5.923  1.00 54.90 ? 70  LEU B C   1 
ATOM   1278 O O   . LEU B 1 71  ? 13.341  -1.216  -5.639  1.00 53.54 ? 70  LEU B O   1 
ATOM   1279 C CB  . LEU B 1 71  ? 13.419  -4.219  -4.874  1.00 51.54 ? 70  LEU B CB  1 
ATOM   1280 C CG  . LEU B 1 71  ? 13.868  -5.677  -4.985  1.00 50.67 ? 70  LEU B CG  1 
ATOM   1281 C CD1 . LEU B 1 71  ? 14.107  -6.247  -3.593  1.00 51.10 ? 70  LEU B CD1 1 
ATOM   1282 C CD2 . LEU B 1 71  ? 12.849  -6.520  -5.745  1.00 48.08 ? 70  LEU B CD2 1 
ATOM   1283 N N   . THR B 1 72  ? 11.240  -1.976  -5.974  1.00 45.06 ? 71  THR B N   1 
ATOM   1284 C CA  . THR B 1 72  ? 10.581  -0.753  -5.539  1.00 49.01 ? 71  THR B CA  1 
ATOM   1285 C C   . THR B 1 72  ? 10.005  -0.930  -4.141  1.00 50.60 ? 71  THR B C   1 
ATOM   1286 O O   . THR B 1 72  ? 9.206   -1.841  -3.904  1.00 47.32 ? 71  THR B O   1 
ATOM   1287 C CB  . THR B 1 72  ? 9.467   -0.355  -6.515  1.00 50.62 ? 71  THR B CB  1 
ATOM   1288 O OG1 . THR B 1 72  ? 10.037  -0.044  -7.789  1.00 54.08 ? 71  THR B OG1 1 
ATOM   1289 C CG2 . THR B 1 72  ? 8.720   0.848   -5.996  1.00 52.47 ? 71  THR B CG2 1 
ATOM   1290 N N   . ALA B 1 73  ? 10.374  -0.024  -3.234  1.00 54.43 ? 72  ALA B N   1 
ATOM   1291 C CA  . ALA B 1 73  ? 9.952   -0.058  -1.840  1.00 52.41 ? 72  ALA B CA  1 
ATOM   1292 C C   . ALA B 1 73  ? 8.810   0.922   -1.603  1.00 58.65 ? 72  ALA B C   1 
ATOM   1293 O O   . ALA B 1 73  ? 8.872   2.071   -2.056  1.00 54.46 ? 72  ALA B O   1 
ATOM   1294 C CB  . ALA B 1 73  ? 11.126  0.292   -0.924  1.00 48.87 ? 72  ALA B CB  1 
ATOM   1295 N N   . TYR B 1 74  ? 7.785   0.481   -0.869  1.00 55.49 ? 73  TYR B N   1 
ATOM   1296 C CA  . TYR B 1 74  ? 6.677   1.373   -0.542  1.00 52.77 ? 73  TYR B CA  1 
ATOM   1297 C C   . TYR B 1 74  ? 5.971   0.825   0.691   1.00 54.02 ? 73  TYR B C   1 
ATOM   1298 O O   . TYR B 1 74  ? 6.130   -0.342  1.043   1.00 52.99 ? 73  TYR B O   1 
ATOM   1299 C CB  . TYR B 1 74  ? 5.710   1.510   -1.723  1.00 50.19 ? 73  TYR B CB  1 
ATOM   1300 C CG  . TYR B 1 74  ? 5.137   0.190   -2.157  1.00 50.69 ? 73  TYR B CG  1 
ATOM   1301 C CD1 . TYR B 1 74  ? 5.854   -0.662  -2.974  1.00 52.18 ? 73  TYR B CD1 1 
ATOM   1302 C CD2 . TYR B 1 74  ? 3.885   -0.213  -1.739  1.00 50.03 ? 73  TYR B CD2 1 
ATOM   1303 C CE1 . TYR B 1 74  ? 5.337   -1.894  -3.357  1.00 53.04 ? 73  TYR B CE1 1 
ATOM   1304 C CE2 . TYR B 1 74  ? 3.360   -1.426  -2.124  1.00 55.66 ? 73  TYR B CE2 1 
ATOM   1305 C CZ  . TYR B 1 74  ? 4.088   -2.259  -2.931  1.00 52.01 ? 73  TYR B CZ  1 
ATOM   1306 O OH  . TYR B 1 74  ? 3.559   -3.467  -3.308  1.00 58.74 ? 73  TYR B OH  1 
ATOM   1307 N N   . ILE B 1 75  ? 5.194   1.685   1.351   1.00 51.81 ? 74  ILE B N   1 
ATOM   1308 C CA  . ILE B 1 75  ? 4.508   1.295   2.577   1.00 53.94 ? 74  ILE B CA  1 
ATOM   1309 C C   . ILE B 1 75  ? 3.223   0.565   2.217   1.00 51.67 ? 74  ILE B C   1 
ATOM   1310 O O   . ILE B 1 75  ? 2.466   1.005   1.347   1.00 53.77 ? 74  ILE B O   1 
ATOM   1311 C CB  . ILE B 1 75  ? 4.242   2.522   3.459   1.00 54.21 ? 74  ILE B CB  1 
ATOM   1312 C CG1 . ILE B 1 75  ? 5.574   3.144   3.882   1.00 51.64 ? 74  ILE B CG1 1 
ATOM   1313 C CG2 . ILE B 1 75  ? 3.406   2.135   4.679   1.00 52.97 ? 74  ILE B CG2 1 
ATOM   1314 C CD1 . ILE B 1 75  ? 5.447   4.281   4.867   1.00 57.07 ? 74  ILE B CD1 1 
ATOM   1315 N N   . ALA B 1 76  ? 2.985   -0.573  2.862   1.00 50.11 ? 75  ALA B N   1 
ATOM   1316 C CA  . ALA B 1 76  ? 1.813   -1.386  2.547   1.00 49.72 ? 75  ALA B CA  1 
ATOM   1317 C C   . ALA B 1 76  ? 1.493   -2.243  3.753   1.00 53.80 ? 75  ALA B C   1 
ATOM   1318 O O   . ALA B 1 76  ? 2.347   -2.458  4.617   1.00 53.57 ? 75  ALA B O   1 
ATOM   1319 C CB  . ALA B 1 76  ? 2.047   -2.270  1.318   1.00 51.02 ? 75  ALA B CB  1 
ATOM   1320 N N   . THR B 1 77  ? 0.255   -2.740  3.804   1.00 52.08 ? 76  THR B N   1 
ATOM   1321 C CA  . THR B 1 77  ? -0.065  -3.754  4.800   1.00 53.08 ? 76  THR B CA  1 
ATOM   1322 C C   . THR B 1 77  ? 0.707   -5.033  4.495   1.00 47.51 ? 76  THR B C   1 
ATOM   1323 O O   . THR B 1 77  ? 0.962   -5.366  3.337   1.00 49.50 ? 76  THR B O   1 
ATOM   1324 C CB  . THR B 1 77  ? -1.576  -4.054  4.859   1.00 52.33 ? 76  THR B CB  1 
ATOM   1325 O OG1 . THR B 1 77  ? -1.992  -4.817  3.711   1.00 50.00 ? 76  THR B OG1 1 
ATOM   1326 C CG2 . THR B 1 77  ? -2.413  -2.753  4.960   1.00 53.04 ? 76  THR B CG2 1 
ATOM   1327 N N   . PHE B 1 78  ? 1.084   -5.736  5.568   1.00 50.78 ? 77  PHE B N   1 
ATOM   1328 C CA  . PHE B 1 78  ? 1.771   -7.025  5.478   1.00 47.30 ? 77  PHE B CA  1 
ATOM   1329 C C   . PHE B 1 78  ? 0.924   -8.055  4.726   1.00 52.83 ? 77  PHE B C   1 
ATOM   1330 O O   . PHE B 1 78  ? 1.470   -8.906  4.009   1.00 51.31 ? 77  PHE B O   1 
ATOM   1331 C CB  . PHE B 1 78  ? 2.121   -7.469  6.916   1.00 47.81 ? 77  PHE B CB  1 
ATOM   1332 C CG  . PHE B 1 78  ? 2.997   -8.721  7.029   1.00 51.98 ? 77  PHE B CG  1 
ATOM   1333 C CD1 . PHE B 1 78  ? 4.077   -8.947  6.183   1.00 49.99 ? 77  PHE B CD1 1 
ATOM   1334 C CD2 . PHE B 1 78  ? 2.736   -9.659  8.033   1.00 53.26 ? 77  PHE B CD2 1 
ATOM   1335 C CE1 . PHE B 1 78  ? 4.878   -10.115 6.331   1.00 51.60 ? 77  PHE B CE1 1 
ATOM   1336 C CE2 . PHE B 1 78  ? 3.519   -10.829 8.193   1.00 54.53 ? 77  PHE B CE2 1 
ATOM   1337 C CZ  . PHE B 1 78  ? 4.593   -11.053 7.340   1.00 51.52 ? 77  PHE B CZ  1 
ATOM   1338 N N   . GLY B 1 79  ? -0.408  -7.963  4.818   1.00 49.17 ? 78  GLY B N   1 
ATOM   1339 C CA  . GLY B 1 79  ? -1.271  -8.904  4.114   1.00 46.18 ? 78  GLY B CA  1 
ATOM   1340 C C   . GLY B 1 79  ? -1.531  -8.591  2.648   1.00 51.93 ? 78  GLY B C   1 
ATOM   1341 O O   . GLY B 1 79  ? -2.142  -9.410  1.951   1.00 52.47 ? 78  GLY B O   1 
ATOM   1342 N N   . ALA B 1 80  ? -1.089  -7.436  2.153   1.00 48.77 ? 79  ALA B N   1 
ATOM   1343 C CA  . ALA B 1 80  ? -1.340  -7.095  0.757   1.00 49.86 ? 79  ALA B CA  1 
ATOM   1344 C C   . ALA B 1 80  ? -0.509  -7.990  -0.151  1.00 53.74 ? 79  ALA B C   1 
ATOM   1345 O O   . ALA B 1 80  ? 0.645   -8.313  0.161   1.00 49.25 ? 79  ALA B O   1 
ATOM   1346 C CB  . ALA B 1 80  ? -1.013  -5.624  0.488   1.00 44.76 ? 79  ALA B CB  1 
ATOM   1347 N N   . ARG B 1 81  ? -1.098  -8.389  -1.282  1.00 49.54 ? 80  ARG B N   1 
ATOM   1348 C CA  . ARG B 1 81  ? -0.456  -9.295  -2.234  1.00 51.27 ? 80  ARG B CA  1 
ATOM   1349 C C   . ARG B 1 81  ? -0.542  -8.773  -3.674  1.00 50.74 ? 80  ARG B C   1 
ATOM   1350 O O   . ARG B 1 81  ? -1.254  -9.326  -4.518  1.00 51.59 ? 80  ARG B O   1 
ATOM   1351 C CB  . ARG B 1 81  ? -1.071  -10.688 -2.117  1.00 50.56 ? 80  ARG B CB  1 
ATOM   1352 C CG  . ARG B 1 81  ? -0.888  -11.309 -0.726  1.00 50.95 ? 80  ARG B CG  1 
ATOM   1353 C CD  . ARG B 1 81  ? 0.501   -11.934 -0.594  1.00 51.77 ? 80  ARG B CD  1 
ATOM   1354 N NE  . ARG B 1 81  ? 0.695   -12.647 0.672   1.00 54.01 ? 80  ARG B NE  1 
ATOM   1355 C CZ  . ARG B 1 81  ? 0.963   -12.056 1.834   1.00 53.68 ? 80  ARG B CZ  1 
ATOM   1356 N NH1 . ARG B 1 81  ? 1.059   -10.739 1.903   1.00 49.66 ? 80  ARG B NH1 1 
ATOM   1357 N NH2 . ARG B 1 81  ? 1.143   -12.778 2.929   1.00 53.42 ? 80  ARG B NH2 1 
ATOM   1358 N N   . PRO B 1 82  ? 0.231   -7.753  -4.006  1.00 50.41 ? 81  PRO B N   1 
ATOM   1359 C CA  . PRO B 1 82  ? 0.404   -7.429  -5.423  1.00 55.16 ? 81  PRO B CA  1 
ATOM   1360 C C   . PRO B 1 82  ? 1.218   -8.518  -6.104  1.00 59.35 ? 81  PRO B C   1 
ATOM   1361 O O   . PRO B 1 82  ? 1.914   -9.309  -5.461  1.00 58.35 ? 81  PRO B O   1 
ATOM   1362 C CB  . PRO B 1 82  ? 1.167   -6.107  -5.392  1.00 52.70 ? 81  PRO B CB  1 
ATOM   1363 C CG  . PRO B 1 82  ? 2.012   -6.240  -4.167  1.00 54.75 ? 81  PRO B CG  1 
ATOM   1364 C CD  . PRO B 1 82  ? 1.193   -7.030  -3.161  1.00 51.57 ? 81  PRO B CD  1 
ATOM   1365 N N   . ARG B 1 83  ? 1.102   -8.576  -7.427  1.00 59.83 ? 82  ARG B N   1 
ATOM   1366 C CA  . ARG B 1 83  ? 2.067   -9.377  -8.162  1.00 63.47 ? 82  ARG B CA  1 
ATOM   1367 C C   . ARG B 1 83  ? 3.447   -8.745  -7.993  1.00 57.70 ? 82  ARG B C   1 
ATOM   1368 O O   . ARG B 1 83  ? 3.573   -7.574  -7.623  1.00 71.39 ? 82  ARG B O   1 
ATOM   1369 C CB  . ARG B 1 83  ? 1.698   -9.466  -9.646  1.00 61.81 ? 82  ARG B CB  1 
ATOM   1370 C CG  . ARG B 1 83  ? 0.214   -9.598  -9.940  1.00 63.46 ? 82  ARG B CG  1 
ATOM   1371 C CD  . ARG B 1 83  ? -0.086  -9.073  -11.335 1.00 66.62 ? 82  ARG B CD  1 
ATOM   1372 N NE  . ARG B 1 83  ? -1.482  -9.229  -11.761 1.00 66.60 ? 82  ARG B NE  1 
ATOM   1373 C CZ  . ARG B 1 83  ? -2.466  -8.376  -11.459 1.00 68.81 ? 82  ARG B CZ  1 
ATOM   1374 N NH1 . ARG B 1 83  ? -2.235  -7.311  -10.693 1.00 58.10 ? 82  ARG B NH1 1 
ATOM   1375 N NH2 . ARG B 1 83  ? -3.695  -8.593  -11.911 1.00 67.92 ? 82  ARG B NH2 1 
ATOM   1376 N N   . CYS B 1 84  ? 4.490   -9.528  -8.238  1.00 61.49 ? 83  CYS B N   1 
ATOM   1377 C CA  . CYS B 1 84  ? 5.875   -9.060  -8.154  1.00 59.82 ? 83  CYS B CA  1 
ATOM   1378 C C   . CYS B 1 84  ? 6.306   -8.740  -6.720  1.00 56.80 ? 83  CYS B C   1 
ATOM   1379 O O   . CYS B 1 84  ? 7.406   -8.220  -6.523  1.00 53.55 ? 83  CYS B O   1 
ATOM   1380 C CB  . CYS B 1 84  ? 6.117   -7.817  -9.035  1.00 63.59 ? 83  CYS B CB  1 
ATOM   1381 S SG  . CYS B 1 84  ? 5.416   -7.887  -10.716 1.00 73.37 ? 83  CYS B SG  1 
ATOM   1382 N N   . LEU B 1 85  ? 5.461   -9.005  -5.713  1.00 52.04 ? 84  LEU B N   1 
ATOM   1383 C CA  . LEU B 1 85  ? 5.888   -8.882  -4.317  1.00 46.68 ? 84  LEU B CA  1 
ATOM   1384 C C   . LEU B 1 85  ? 7.017   -9.864  -4.045  1.00 46.00 ? 84  LEU B C   1 
ATOM   1385 O O   . LEU B 1 85  ? 6.836   -11.074 -4.173  1.00 48.77 ? 84  LEU B O   1 
ATOM   1386 C CB  . LEU B 1 85  ? 4.719   -9.156  -3.362  1.00 46.81 ? 84  LEU B CB  1 
ATOM   1387 C CG  . LEU B 1 85  ? 5.048   -9.020  -1.864  1.00 46.62 ? 84  LEU B CG  1 
ATOM   1388 C CD1 . LEU B 1 85  ? 5.604   -7.624  -1.590  1.00 48.17 ? 84  LEU B CD1 1 
ATOM   1389 C CD2 . LEU B 1 85  ? 3.832   -9.282  -0.978  1.00 44.74 ? 84  LEU B CD2 1 
ATOM   1390 N N   . ARG B 1 86  ? 8.190   -9.351  -3.681  1.00 44.92 ? 85  ARG B N   1 
ATOM   1391 C CA  . ARG B 1 86  ? 9.322   -10.221 -3.417  1.00 45.18 ? 85  ARG B CA  1 
ATOM   1392 C C   . ARG B 1 86  ? 9.646   -10.340 -1.934  1.00 51.15 ? 85  ARG B C   1 
ATOM   1393 O O   . ARG B 1 86  ? 10.293  -11.308 -1.540  1.00 46.77 ? 85  ARG B O   1 
ATOM   1394 C CB  . ARG B 1 86  ? 10.584  -9.728  -4.149  1.00 49.02 ? 85  ARG B CB  1 
ATOM   1395 C CG  . ARG B 1 86  ? 10.447  -9.447  -5.647  1.00 47.45 ? 85  ARG B CG  1 
ATOM   1396 C CD  . ARG B 1 86  ? 9.607   -10.483 -6.392  1.00 48.25 ? 85  ARG B CD  1 
ATOM   1397 N NE  . ARG B 1 86  ? 10.400  -11.494 -7.096  1.00 65.20 ? 85  ARG B NE  1 
ATOM   1398 C CZ  . ARG B 1 86  ? 10.340  -11.704 -8.407  1.00 64.33 ? 85  ARG B CZ  1 
ATOM   1399 N NH1 . ARG B 1 86  ? 9.527   -10.941 -9.127  1.00 68.16 ? 85  ARG B NH1 1 
ATOM   1400 N NH2 . ARG B 1 86  ? 11.102  -12.642 -8.987  1.00 69.68 ? 85  ARG B NH2 1 
ATOM   1401 N N   . GLY B 1 87  ? 9.195   -9.406  -1.106  1.00 46.41 ? 86  GLY B N   1 
ATOM   1402 C CA  . GLY B 1 87  ? 9.545   -9.451  0.303   1.00 48.64 ? 86  GLY B CA  1 
ATOM   1403 C C   . GLY B 1 87  ? 9.069   -8.203  1.015   1.00 48.70 ? 86  GLY B C   1 
ATOM   1404 O O   . GLY B 1 87  ? 8.354   -7.375  0.440   1.00 50.46 ? 86  GLY B O   1 
ATOM   1405 N N   . TRP B 1 88  ? 9.463   -8.081  2.285   1.00 43.31 ? 87  TRP B N   1 
ATOM   1406 C CA  . TRP B 1 88  ? 9.139   -6.906  3.086   1.00 46.34 ? 87  TRP B CA  1 
ATOM   1407 C C   . TRP B 1 88  ? 10.338  -6.498  3.916   1.00 45.74 ? 87  TRP B C   1 
ATOM   1408 O O   . TRP B 1 88  ? 11.221  -7.305  4.210   1.00 48.43 ? 87  TRP B O   1 
ATOM   1409 C CB  . TRP B 1 88  ? 7.973   -7.114  4.063   1.00 44.27 ? 87  TRP B CB  1 
ATOM   1410 C CG  . TRP B 1 88  ? 6.771   -7.767  3.498   1.00 46.86 ? 87  TRP B CG  1 
ATOM   1411 C CD1 . TRP B 1 88  ? 5.633   -7.152  3.084   1.00 45.22 ? 87  TRP B CD1 1 
ATOM   1412 C CD2 . TRP B 1 88  ? 6.564   -9.177  3.306   1.00 47.63 ? 87  TRP B CD2 1 
ATOM   1413 N NE1 . TRP B 1 88  ? 4.730   -8.089  2.636   1.00 46.94 ? 87  TRP B NE1 1 
ATOM   1414 C CE2 . TRP B 1 88  ? 5.280   -9.338  2.762   1.00 48.64 ? 87  TRP B CE2 1 
ATOM   1415 C CE3 . TRP B 1 88  ? 7.349   -10.314 3.531   1.00 47.42 ? 87  TRP B CE3 1 
ATOM   1416 C CZ2 . TRP B 1 88  ? 4.752   -10.593 2.445   1.00 49.97 ? 87  TRP B CZ2 1 
ATOM   1417 C CZ3 . TRP B 1 88  ? 6.831   -11.544 3.225   1.00 47.40 ? 87  TRP B CZ3 1 
ATOM   1418 C CH2 . TRP B 1 88  ? 5.542   -11.683 2.684   1.00 48.26 ? 87  TRP B CH2 1 
ATOM   1419 N N   . LEU B 1 89  ? 10.347  -5.233  4.310   1.00 47.85 ? 88  LEU B N   1 
ATOM   1420 C CA  . LEU B 1 89  ? 11.249  -4.737  5.338   1.00 49.27 ? 88  LEU B CA  1 
ATOM   1421 C C   . LEU B 1 89  ? 10.402  -4.452  6.563   1.00 51.75 ? 88  LEU B C   1 
ATOM   1422 O O   . LEU B 1 89  ? 9.458   -3.657  6.494   1.00 51.30 ? 88  LEU B O   1 
ATOM   1423 C CB  . LEU B 1 89  ? 12.003  -3.490  4.885   1.00 47.11 ? 88  LEU B CB  1 
ATOM   1424 C CG  . LEU B 1 89  ? 13.313  -3.827  4.174   1.00 52.96 ? 88  LEU B CG  1 
ATOM   1425 C CD1 . LEU B 1 89  ? 13.820  -2.610  3.400   1.00 53.93 ? 88  LEU B CD1 1 
ATOM   1426 C CD2 . LEU B 1 89  ? 14.360  -4.316  5.174   1.00 51.96 ? 88  LEU B CD2 1 
ATOM   1427 N N   . ILE B 1 90  ? 10.730  -5.119  7.667   1.00 54.55 ? 89  ILE B N   1 
ATOM   1428 C CA  . ILE B 1 90  ? 9.852   -5.191  8.832   1.00 54.29 ? 89  ILE B CA  1 
ATOM   1429 C C   . ILE B 1 90  ? 10.672  -4.863  10.074  1.00 54.68 ? 89  ILE B C   1 
ATOM   1430 O O   . ILE B 1 90  ? 11.763  -5.426  10.266  1.00 52.42 ? 89  ILE B O   1 
ATOM   1431 C CB  . ILE B 1 90  ? 9.177   -6.573  8.949   1.00 54.17 ? 89  ILE B CB  1 
ATOM   1432 C CG1 . ILE B 1 90  ? 8.557   -7.012  7.608   1.00 50.06 ? 89  ILE B CG1 1 
ATOM   1433 C CG2 . ILE B 1 90  ? 8.126   -6.557  10.069  1.00 51.29 ? 89  ILE B CG2 1 
ATOM   1434 C CD1 . ILE B 1 90  ? 7.793   -8.359  7.652   1.00 48.42 ? 89  ILE B CD1 1 
ATOM   1435 N N   . PRO B 1 91  ? 10.218  -3.926  10.906  1.00 59.50 ? 90  PRO B N   1 
ATOM   1436 C CA  . PRO B 1 91  ? 10.951  -3.619  12.143  1.00 58.66 ? 90  PRO B CA  1 
ATOM   1437 C C   . PRO B 1 91  ? 11.112  -4.869  12.997  1.00 54.22 ? 90  PRO B C   1 
ATOM   1438 O O   . PRO B 1 91  ? 10.138  -5.538  13.344  1.00 58.08 ? 90  PRO B O   1 
ATOM   1439 C CB  . PRO B 1 91  ? 10.074  -2.557  12.817  1.00 54.90 ? 90  PRO B CB  1 
ATOM   1440 C CG  . PRO B 1 91  ? 9.350   -1.892  11.668  1.00 60.93 ? 90  PRO B CG  1 
ATOM   1441 C CD  . PRO B 1 91  ? 9.087   -3.003  10.681  1.00 58.55 ? 90  PRO B CD  1 
ATOM   1442 N N   . SER B 1 92  ? 12.361  -5.185  13.318  1.00 58.64 ? 91  SER B N   1 
ATOM   1443 C CA  . SER B 1 92  ? 12.751  -6.387  14.047  1.00 55.54 ? 91  SER B CA  1 
ATOM   1444 C C   . SER B 1 92  ? 14.197  -6.243  14.476  1.00 54.90 ? 91  SER B C   1 
ATOM   1445 O O   . SER B 1 92  ? 14.988  -5.588  13.798  1.00 52.74 ? 91  SER B O   1 
ATOM   1446 C CB  . SER B 1 92  ? 12.601  -7.649  13.192  1.00 50.88 ? 91  SER B CB  1 
ATOM   1447 O OG  . SER B 1 92  ? 12.991  -8.800  13.928  1.00 53.84 ? 91  SER B OG  1 
ATOM   1448 N N   . ASN B 1 93  ? 14.536  -6.899  15.586  1.00 56.24 ? 92  ASN B N   1 
ATOM   1449 C CA  . ASN B 1 93  ? 15.906  -6.986  16.075  1.00 55.80 ? 92  ASN B CA  1 
ATOM   1450 C C   . ASN B 1 93  ? 16.505  -8.372  15.866  1.00 58.60 ? 92  ASN B C   1 
ATOM   1451 O O   . ASN B 1 93  ? 17.481  -8.730  16.531  1.00 59.49 ? 92  ASN B O   1 
ATOM   1452 C CB  . ASN B 1 93  ? 15.952  -6.619  17.556  1.00 63.17 ? 92  ASN B CB  1 
ATOM   1453 C CG  . ASN B 1 93  ? 16.063  -5.133  17.779  1.00 71.62 ? 92  ASN B CG  1 
ATOM   1454 O OD1 . ASN B 1 93  ? 16.823  -4.443  17.092  1.00 79.47 ? 92  ASN B OD1 1 
ATOM   1455 N ND2 . ASN B 1 93  ? 15.290  -4.619  18.735  1.00 75.36 ? 92  ASN B ND2 1 
ATOM   1456 N N   . SER B 1 94  ? 15.935  -9.166  14.967  1.00 54.10 ? 93  SER B N   1 
ATOM   1457 C CA  . SER B 1 94  ? 16.397  -10.531 14.782  1.00 52.86 ? 93  SER B CA  1 
ATOM   1458 C C   . SER B 1 94  ? 17.870  -10.565 14.368  1.00 51.80 ? 93  SER B C   1 
ATOM   1459 O O   . SER B 1 94  ? 18.446  -9.570  13.921  1.00 52.37 ? 93  SER B O   1 
ATOM   1460 C CB  . SER B 1 94  ? 15.540  -11.235 13.730  1.00 48.94 ? 93  SER B CB  1 
ATOM   1461 O OG  . SER B 1 94  ? 16.044  -10.939 12.429  1.00 50.90 ? 93  SER B OG  1 
ATOM   1462 N N   . ASN B 1 95  ? 18.490  -11.733 14.536  1.00 47.58 ? 94  ASN B N   1 
ATOM   1463 C CA  . ASN B 1 95  ? 19.790  -11.931 13.921  1.00 50.27 ? 94  ASN B CA  1 
ATOM   1464 C C   . ASN B 1 95  ? 19.649  -11.872 12.405  1.00 46.23 ? 94  ASN B C   1 
ATOM   1465 O O   . ASN B 1 95  ? 18.564  -12.054 11.852  1.00 47.00 ? 94  ASN B O   1 
ATOM   1466 C CB  . ASN B 1 95  ? 20.404  -13.267 14.333  1.00 52.30 ? 94  ASN B CB  1 
ATOM   1467 C CG  . ASN B 1 95  ? 20.740  -13.319 15.801  1.00 51.20 ? 94  ASN B CG  1 
ATOM   1468 O OD1 . ASN B 1 95  ? 20.315  -14.221 16.518  1.00 57.80 ? 94  ASN B OD1 1 
ATOM   1469 N ND2 . ASN B 1 95  ? 21.488  -12.348 16.260  1.00 50.40 ? 94  ASN B ND2 1 
ATOM   1470 N N   . TYR B 1 96  ? 20.765  -11.615 11.727  1.00 45.77 ? 95  TYR B N   1 
ATOM   1471 C CA  . TYR B 1 96  ? 20.673  -11.281 10.319  1.00 47.55 ? 95  TYR B CA  1 
ATOM   1472 C C   . TYR B 1 96  ? 21.966  -11.630 9.602   1.00 49.12 ? 95  TYR B C   1 
ATOM   1473 O O   . TYR B 1 96  ? 23.002  -11.847 10.227  1.00 49.85 ? 95  TYR B O   1 
ATOM   1474 C CB  . TYR B 1 96  ? 20.364  -9.787  10.139  1.00 47.18 ? 95  TYR B CB  1 
ATOM   1475 C CG  . TYR B 1 96  ? 21.410  -8.874  10.732  1.00 45.26 ? 95  TYR B CG  1 
ATOM   1476 C CD1 . TYR B 1 96  ? 21.330  -8.446  12.056  1.00 48.53 ? 95  TYR B CD1 1 
ATOM   1477 C CD2 . TYR B 1 96  ? 22.481  -8.427  9.964   1.00 47.53 ? 95  TYR B CD2 1 
ATOM   1478 C CE1 . TYR B 1 96  ? 22.299  -7.590  12.592  1.00 50.38 ? 95  TYR B CE1 1 
ATOM   1479 C CE2 . TYR B 1 96  ? 23.452  -7.579  10.493  1.00 48.58 ? 95  TYR B CE2 1 
ATOM   1480 C CZ  . TYR B 1 96  ? 23.353  -7.166  11.802  1.00 49.34 ? 95  TYR B CZ  1 
ATOM   1481 O OH  . TYR B 1 96  ? 24.325  -6.331  12.306  1.00 51.36 ? 95  TYR B OH  1 
ATOM   1482 N N   . VAL B 1 97  ? 21.886  -11.661 8.271   1.00 46.58 ? 96  VAL B N   1 
ATOM   1483 C CA  . VAL B 1 97  ? 23.044  -11.630 7.389   1.00 45.61 ? 96  VAL B CA  1 
ATOM   1484 C C   . VAL B 1 97  ? 22.907  -10.421 6.455   1.00 48.24 ? 96  VAL B C   1 
ATOM   1485 O O   . VAL B 1 97  ? 21.803  -10.084 6.008   1.00 50.86 ? 96  VAL B O   1 
ATOM   1486 C CB  . VAL B 1 97  ? 23.177  -12.945 6.592   1.00 49.79 ? 96  VAL B CB  1 
ATOM   1487 C CG1 . VAL B 1 97  ? 23.392  -14.134 7.542   1.00 49.94 ? 96  VAL B CG1 1 
ATOM   1488 C CG2 . VAL B 1 97  ? 21.961  -13.178 5.713   1.00 48.08 ? 96  VAL B CG2 1 
ATOM   1489 N N   . LEU B 1 98  ? 24.014  -9.753  6.186   1.00 48.06 ? 97  LEU B N   1 
ATOM   1490 C CA  . LEU B 1 98  ? 23.989  -8.551  5.361   1.00 51.57 ? 97  LEU B CA  1 
ATOM   1491 C C   . LEU B 1 98  ? 23.960  -8.946  3.895   1.00 51.57 ? 97  LEU B C   1 
ATOM   1492 O O   . LEU B 1 98  ? 24.770  -9.773  3.466   1.00 53.31 ? 97  LEU B O   1 
ATOM   1493 C CB  . LEU B 1 98  ? 25.211  -7.688  5.655   1.00 50.53 ? 97  LEU B CB  1 
ATOM   1494 C CG  . LEU B 1 98  ? 25.242  -7.037  7.037   1.00 49.54 ? 97  LEU B CG  1 
ATOM   1495 C CD1 . LEU B 1 98  ? 26.642  -6.506  7.313   1.00 47.08 ? 97  LEU B CD1 1 
ATOM   1496 C CD2 . LEU B 1 98  ? 24.184  -5.912  7.163   1.00 46.66 ? 97  LEU B CD2 1 
ATOM   1497 N N   . GLU B 1 99  ? 23.039  -8.356  3.125   1.00 50.50 ? 98  GLU B N   1 
ATOM   1498 C CA  . GLU B 1 99  ? 22.939  -8.620  1.691   1.00 51.02 ? 98  GLU B CA  1 
ATOM   1499 C C   . GLU B 1 99  ? 22.682  -7.338  0.918   1.00 48.41 ? 98  GLU B C   1 
ATOM   1500 O O   . GLU B 1 99  ? 21.882  -6.502  1.336   1.00 47.98 ? 98  GLU B O   1 
ATOM   1501 C CB  . GLU B 1 99  ? 21.807  -9.593  1.352   1.00 52.76 ? 98  GLU B CB  1 
ATOM   1502 C CG  . GLU B 1 99  ? 21.840  -10.915 2.070   1.00 55.53 ? 98  GLU B CG  1 
ATOM   1503 C CD  . GLU B 1 99  ? 23.222  -11.565 2.146   1.00 61.54 ? 98  GLU B CD  1 
ATOM   1504 O OE1 . GLU B 1 99  ? 23.463  -12.309 3.130   1.00 59.58 ? 98  GLU B OE1 1 
ATOM   1505 O OE2 . GLU B 1 99  ? 24.048  -11.415 1.214   1.00 60.36 ? 98  GLU B OE2 1 
ATOM   1506 N N   . GLU B 1 100 ? 23.301  -7.248  -0.252  1.00 46.31 ? 99  GLU B N   1 
ATOM   1507 C CA  . GLU B 1 100 ? 23.213  -6.083  -1.119  1.00 53.83 ? 99  GLU B CA  1 
ATOM   1508 C C   . GLU B 1 100 ? 21.932  -6.114  -1.954  1.00 50.96 ? 99  GLU B C   1 
ATOM   1509 O O   . GLU B 1 100 ? 21.602  -7.135  -2.570  1.00 48.24 ? 99  GLU B O   1 
ATOM   1510 C CB  . GLU B 1 100 ? 24.445  -6.068  -2.022  1.00 58.19 ? 99  GLU B CB  1 
ATOM   1511 C CG  . GLU B 1 100 ? 24.693  -4.798  -2.785  1.00 70.25 ? 99  GLU B CG  1 
ATOM   1512 C CD  . GLU B 1 100 ? 25.778  -4.998  -3.833  1.00 75.78 ? 99  GLU B CD  1 
ATOM   1513 O OE1 . GLU B 1 100 ? 26.433  -6.077  -3.817  1.00 71.50 ? 99  GLU B OE1 1 
ATOM   1514 O OE2 . GLU B 1 100 ? 25.959  -4.090  -4.676  1.00 76.51 ? 99  GLU B OE2 1 
ATOM   1515 N N   . PHE B 1 101 ? 21.217  -4.989  -1.985  1.00 48.93 ? 100 PHE B N   1 
ATOM   1516 C CA  . PHE B 1 101 ? 20.010  -4.860  -2.790  1.00 55.38 ? 100 PHE B CA  1 
ATOM   1517 C C   . PHE B 1 101 ? 20.040  -3.574  -3.607  1.00 52.38 ? 100 PHE B C   1 
ATOM   1518 O O   . PHE B 1 101 ? 20.753  -2.625  -3.284  1.00 55.33 ? 100 PHE B O   1 
ATOM   1519 C CB  . PHE B 1 101 ? 18.754  -4.846  -1.919  1.00 49.39 ? 100 PHE B CB  1 
ATOM   1520 C CG  . PHE B 1 101 ? 18.487  -6.134  -1.218  1.00 52.78 ? 100 PHE B CG  1 
ATOM   1521 C CD1 . PHE B 1 101 ? 17.693  -7.118  -1.811  1.00 54.64 ? 100 PHE B CD1 1 
ATOM   1522 C CD2 . PHE B 1 101 ? 19.033  -6.370  0.039   1.00 52.95 ? 100 PHE B CD2 1 
ATOM   1523 C CE1 . PHE B 1 101 ? 17.437  -8.313  -1.143  1.00 57.90 ? 100 PHE B CE1 1 
ATOM   1524 C CE2 . PHE B 1 101 ? 18.769  -7.562  0.713   1.00 49.28 ? 100 PHE B CE2 1 
ATOM   1525 C CZ  . PHE B 1 101 ? 17.981  -8.526  0.121   1.00 51.34 ? 100 PHE B CZ  1 
ATOM   1526 N N   . GLN B 1 102 ? 19.210  -3.544  -4.650  1.00 51.12 ? 101 GLN B N   1 
ATOM   1527 C CA  . GLN B 1 102 ? 18.984  -2.356  -5.478  1.00 55.41 ? 101 GLN B CA  1 
ATOM   1528 C C   . GLN B 1 102 ? 17.540  -1.904  -5.298  1.00 51.58 ? 101 GLN B C   1 
ATOM   1529 O O   . GLN B 1 102 ? 16.616  -2.588  -5.746  1.00 53.09 ? 101 GLN B O   1 
ATOM   1530 C CB  . GLN B 1 102 ? 19.285  -2.660  -6.941  1.00 57.94 ? 101 GLN B CB  1 
ATOM   1531 C CG  . GLN B 1 102 ? 20.766  -2.782  -7.206  1.00 65.29 ? 101 GLN B CG  1 
ATOM   1532 C CD  . GLN B 1 102 ? 21.049  -3.349  -8.563  1.00 73.50 ? 101 GLN B CD  1 
ATOM   1533 O OE1 . GLN B 1 102 ? 20.147  -3.847  -9.234  1.00 78.43 ? 101 GLN B OE1 1 
ATOM   1534 N NE2 . GLN B 1 102 ? 22.301  -3.257  -8.996  1.00 81.43 ? 101 GLN B NE2 1 
ATOM   1535 N N   . VAL B 1 103 ? 17.336  -0.759  -4.646  1.00 51.72 ? 102 VAL B N   1 
ATOM   1536 C CA  . VAL B 1 103 ? 16.011  -0.353  -4.187  1.00 53.06 ? 102 VAL B CA  1 
ATOM   1537 C C   . VAL B 1 103 ? 15.653  1.036   -4.716  1.00 62.06 ? 102 VAL B C   1 
ATOM   1538 O O   . VAL B 1 103 ? 16.446  1.978   -4.601  1.00 60.62 ? 102 VAL B O   1 
ATOM   1539 C CB  . VAL B 1 103 ? 15.934  -0.362  -2.648  1.00 57.52 ? 102 VAL B CB  1 
ATOM   1540 C CG1 . VAL B 1 103 ? 14.549  0.064   -2.187  1.00 57.72 ? 102 VAL B CG1 1 
ATOM   1541 C CG2 . VAL B 1 103 ? 16.321  -1.750  -2.093  1.00 51.98 ? 102 VAL B CG2 1 
ATOM   1542 N N   . ILE B 1 104 ? 14.442  1.164   -5.259  1.00 59.36 ? 103 ILE B N   1 
ATOM   1543 C CA  . ILE B 1 104 ? 13.841  2.442   -5.636  1.00 64.37 ? 103 ILE B CA  1 
ATOM   1544 C C   . ILE B 1 104 ? 12.819  2.814   -4.576  1.00 64.33 ? 103 ILE B C   1 
ATOM   1545 O O   . ILE B 1 104 ? 11.992  1.981   -4.186  1.00 59.43 ? 103 ILE B O   1 
ATOM   1546 C CB  . ILE B 1 104 ? 13.159  2.369   -7.013  1.00 61.42 ? 103 ILE B CB  1 
ATOM   1547 C CG1 . ILE B 1 104 ? 14.184  2.167   -8.120  1.00 64.75 ? 103 ILE B CG1 1 
ATOM   1548 C CG2 . ILE B 1 104 ? 12.319  3.620   -7.261  1.00 65.77 ? 103 ILE B CG2 1 
ATOM   1549 C CD1 . ILE B 1 104 ? 13.562  2.002   -9.499  1.00 66.46 ? 103 ILE B CD1 1 
ATOM   1550 N N   . PHE B 1 105 ? 12.848  4.069   -4.136  1.00 67.51 ? 104 PHE B N   1 
ATOM   1551 C CA  . PHE B 1 105 ? 11.938  4.538   -3.093  1.00 73.01 ? 104 PHE B CA  1 
ATOM   1552 C C   . PHE B 1 105 ? 10.823  5.416   -3.655  1.00 79.31 ? 104 PHE B C   1 
ATOM   1553 O O   . PHE B 1 105 ? 10.922  6.646   -3.629  1.00 81.77 ? 104 PHE B O   1 
ATOM   1554 C CB  . PHE B 1 105 ? 12.706  5.311   -2.025  1.00 76.74 ? 104 PHE B CB  1 
ATOM   1555 C CG  . PHE B 1 105 ? 13.982  4.646   -1.606  1.00 80.25 ? 104 PHE B CG  1 
ATOM   1556 C CD1 . PHE B 1 105 ? 15.143  4.786   -2.370  1.00 83.07 ? 104 PHE B CD1 1 
ATOM   1557 C CD2 . PHE B 1 105 ? 14.026  3.870   -0.462  1.00 76.86 ? 104 PHE B CD2 1 
ATOM   1558 C CE1 . PHE B 1 105 ? 16.323  4.167   -1.996  1.00 80.10 ? 104 PHE B CE1 1 
ATOM   1559 C CE2 . PHE B 1 105 ? 15.198  3.250   -0.081  1.00 77.19 ? 104 PHE B CE2 1 
ATOM   1560 C CZ  . PHE B 1 105 ? 16.349  3.396   -0.847  1.00 78.37 ? 104 PHE B CZ  1 
HETATM 1561 O O   . HOH C 2 .   ? -6.749  18.890  6.851   1.00 75.96 ? 201 HOH A O   1 
HETATM 1562 O O   . HOH C 2 .   ? -21.093 1.142   -13.820 1.00 60.51 ? 202 HOH A O   1 
HETATM 1563 O O   . HOH C 2 .   ? -12.712 7.062   -16.506 1.00 58.27 ? 203 HOH A O   1 
HETATM 1564 O O   . HOH C 2 .   ? -27.533 1.067   -11.246 1.00 59.50 ? 204 HOH A O   1 
HETATM 1565 O O   . HOH C 2 .   ? -18.985 -5.504  -0.733  1.00 61.94 ? 205 HOH A O   1 
HETATM 1566 O O   . HOH C 2 .   ? -28.340 4.177   -8.941  1.00 57.59 ? 206 HOH A O   1 
HETATM 1567 O O   . HOH C 2 .   ? -21.676 -3.602  -15.006 1.00 68.16 ? 207 HOH A O   1 
HETATM 1568 O O   . HOH C 2 .   ? -7.098  -1.616  0.063   1.00 49.04 ? 208 HOH A O   1 
HETATM 1569 O O   . HOH C 2 .   ? -7.900  -3.919  -13.072 1.00 48.05 ? 209 HOH A O   1 
HETATM 1570 O O   . HOH C 2 .   ? -0.296  -6.504  -8.792  1.00 58.56 ? 210 HOH A O   1 
HETATM 1571 O O   . HOH C 2 .   ? 0.242   0.583   -0.073  1.00 51.92 ? 211 HOH A O   1 
HETATM 1572 O O   . HOH C 2 .   ? -14.973 1.731   6.643   1.00 47.10 ? 212 HOH A O   1 
HETATM 1573 O O   . HOH C 2 .   ? -13.522 -6.400  -8.974  1.00 57.12 ? 213 HOH A O   1 
HETATM 1574 O O   . HOH C 2 .   ? -11.766 4.459   13.229  1.00 67.13 ? 214 HOH A O   1 
HETATM 1575 O O   . HOH C 2 .   ? -13.871 11.252  -8.194  1.00 48.98 ? 215 HOH A O   1 
HETATM 1576 O O   . HOH C 2 .   ? -8.924  -8.685  0.717   1.00 55.46 ? 216 HOH A O   1 
HETATM 1577 O O   . HOH C 2 .   ? -3.889  -7.368  -1.769  1.00 53.64 ? 217 HOH A O   1 
HETATM 1578 O O   . HOH C 2 .   ? -14.156 7.064   13.913  1.00 58.03 ? 218 HOH A O   1 
HETATM 1579 O O   . HOH C 2 .   ? -14.700 -6.561  -6.552  1.00 56.80 ? 219 HOH A O   1 
HETATM 1580 O O   . HOH C 2 .   ? -3.519  7.165   7.769   1.00 62.72 ? 220 HOH A O   1 
HETATM 1581 O O   . HOH C 2 .   ? -14.701 19.466  -13.881 1.00 66.20 ? 221 HOH A O   1 
HETATM 1582 O O   . HOH C 2 .   ? -24.150 14.818  -8.181  1.00 50.83 ? 222 HOH A O   1 
HETATM 1583 O O   . HOH C 2 .   ? -16.662 4.172   4.564   1.00 49.67 ? 223 HOH A O   1 
HETATM 1584 O O   . HOH C 2 .   ? -19.234 4.387   -2.883  1.00 49.67 ? 224 HOH A O   1 
HETATM 1585 O O   . HOH C 2 .   ? -13.302 13.933  -8.421  1.00 51.56 ? 225 HOH A O   1 
HETATM 1586 O O   . HOH C 2 .   ? -23.367 2.838   -16.281 1.00 59.91 ? 226 HOH A O   1 
HETATM 1587 O O   . HOH C 2 .   ? -11.501 -5.407  -2.373  1.00 53.90 ? 227 HOH A O   1 
HETATM 1588 O O   . HOH C 2 .   ? -22.970 2.480   -6.272  1.00 50.30 ? 228 HOH A O   1 
HETATM 1589 O O   . HOH C 2 .   ? -13.328 -7.233  3.599   1.00 60.08 ? 229 HOH A O   1 
HETATM 1590 O O   . HOH C 2 .   ? -3.890  -4.420  -13.741 1.00 60.12 ? 230 HOH A O   1 
HETATM 1591 O O   . HOH C 2 .   ? -11.401 -7.964  -5.989  1.00 57.91 ? 231 HOH A O   1 
HETATM 1592 O O   . HOH C 2 .   ? -0.877  -2.298  -0.734  1.00 54.20 ? 232 HOH A O   1 
HETATM 1593 O O   . HOH C 2 .   ? -5.415  -0.108  1.909   1.00 53.88 ? 233 HOH A O   1 
HETATM 1594 O O   . HOH C 2 .   ? -24.089 12.859  -12.308 1.00 62.77 ? 234 HOH A O   1 
HETATM 1595 O O   . HOH C 2 .   ? -23.800 10.213  -13.487 1.00 55.58 ? 235 HOH A O   1 
HETATM 1596 O O   . HOH C 2 .   ? -5.340  -8.540  2.692   1.00 56.55 ? 236 HOH A O   1 
HETATM 1597 O O   . HOH C 2 .   ? -24.249 7.151   -4.258  1.00 54.96 ? 237 HOH A O   1 
HETATM 1598 O O   . HOH C 2 .   ? -19.247 -6.105  2.579   1.00 64.98 ? 238 HOH A O   1 
HETATM 1599 O O   . HOH C 2 .   ? -26.258 -6.001  -10.122 1.00 57.50 ? 239 HOH A O   1 
HETATM 1600 O O   . HOH D 2 .   ? -4.001  -0.920  10.027  1.00 57.85 ? 201 HOH B O   1 
HETATM 1601 O O   . HOH D 2 .   ? 2.512   -5.132  14.547  1.00 58.66 ? 202 HOH B O   1 
HETATM 1602 O O   . HOH D 2 .   ? 11.599  -13.184 -2.713  1.00 48.41 ? 203 HOH B O   1 
HETATM 1603 O O   . HOH D 2 .   ? 1.995   -11.712 5.154   1.00 46.97 ? 204 HOH B O   1 
HETATM 1604 O O   . HOH D 2 .   ? 12.915  -8.301  17.253  1.00 58.11 ? 205 HOH B O   1 
HETATM 1605 O O   . HOH D 2 .   ? 1.901   -11.483 -3.922  1.00 57.53 ? 206 HOH B O   1 
HETATM 1606 O O   . HOH D 2 .   ? 13.454  -11.579 16.297  1.00 52.97 ? 207 HOH B O   1 
HETATM 1607 O O   . HOH D 2 .   ? -4.096  -6.402  4.230   1.00 56.12 ? 208 HOH B O   1 
HETATM 1608 O O   . HOH D 2 .   ? 2.502   -6.814  1.392   1.00 49.51 ? 209 HOH B O   1 
HETATM 1609 O O   . HOH D 2 .   ? 20.705  -16.425 12.495  1.00 59.88 ? 210 HOH B O   1 
HETATM 1610 O O   . HOH D 2 .   ? 0.905   -15.337 0.655   1.00 57.32 ? 211 HOH B O   1 
HETATM 1611 O O   . HOH D 2 .   ? 26.537  0.053   8.544   1.00 57.77 ? 212 HOH B O   1 
HETATM 1612 O O   . HOH D 2 .   ? 12.002  -14.125 -11.067 1.00 56.77 ? 213 HOH B O   1 
HETATM 1613 O O   . HOH D 2 .   ? 11.011  -2.071  -9.373  1.00 55.97 ? 214 HOH B O   1 
HETATM 1614 O O   . HOH D 2 .   ? 23.095  -11.233 13.178  1.00 47.91 ? 215 HOH B O   1 
HETATM 1615 O O   . HOH D 2 .   ? 2.029   -12.926 14.899  1.00 66.19 ? 216 HOH B O   1 
HETATM 1616 O O   . HOH D 2 .   ? 16.843  -19.611 14.780  1.00 51.03 ? 217 HOH B O   1 
HETATM 1617 O O   . HOH D 2 .   ? 0.066   -11.653 9.410   1.00 53.48 ? 218 HOH B O   1 
HETATM 1618 O O   . HOH D 2 .   ? 3.241   -11.949 12.491  1.00 57.85 ? 219 HOH B O   1 
HETATM 1619 O O   . HOH D 2 .   ? 6.383   -18.785 4.834   1.00 57.36 ? 220 HOH B O   1 
HETATM 1620 O O   . HOH D 2 .   ? 17.599  -4.103  6.858   1.00 48.19 ? 221 HOH B O   1 
HETATM 1621 O O   . HOH D 2 .   ? 15.292  -17.092 8.213   1.00 53.09 ? 222 HOH B O   1 
HETATM 1622 O O   . HOH D 2 .   ? 14.255  -13.551 4.349   1.00 47.88 ? 223 HOH B O   1 
HETATM 1623 O O   . HOH D 2 .   ? 14.297  -18.493 16.020  1.00 53.16 ? 224 HOH B O   1 
HETATM 1624 O O   . HOH D 2 .   ? -1.408  -1.592  1.491   1.00 50.24 ? 225 HOH B O   1 
HETATM 1625 O O   . HOH D 2 .   ? 20.410  -8.100  15.851  1.00 58.38 ? 226 HOH B O   1 
HETATM 1626 O O   . HOH D 2 .   ? 17.821  -6.274  -5.496  1.00 54.85 ? 227 HOH B O   1 
HETATM 1627 O O   . HOH D 2 .   ? 18.997  -15.600 5.086   1.00 55.23 ? 228 HOH B O   1 
HETATM 1628 O O   . HOH D 2 .   ? -0.141  -9.435  16.613  1.00 68.40 ? 229 HOH B O   1 
HETATM 1629 O O   . HOH D 2 .   ? -0.110  -11.182 6.588   1.00 52.71 ? 230 HOH B O   1 
# 
loop_
_pdbx_poly_seq_scheme.asym_id 
_pdbx_poly_seq_scheme.entity_id 
_pdbx_poly_seq_scheme.seq_id 
_pdbx_poly_seq_scheme.mon_id 
_pdbx_poly_seq_scheme.ndb_seq_num 
_pdbx_poly_seq_scheme.pdb_seq_num 
_pdbx_poly_seq_scheme.auth_seq_num 
_pdbx_poly_seq_scheme.pdb_mon_id 
_pdbx_poly_seq_scheme.auth_mon_id 
_pdbx_poly_seq_scheme.pdb_strand_id 
_pdbx_poly_seq_scheme.pdb_ins_code 
_pdbx_poly_seq_scheme.hetero 
A 1 1   MET 1   0   ?   ?   ?   A . n 
A 1 2   SER 2   1   ?   ?   ?   A . n 
A 1 3   ILE 3   2   ?   ?   ?   A . n 
A 1 4   ASN 4   3   3   ASN ASN A . n 
A 1 5   GLN 5   4   4   GLN GLN A . n 
A 1 6   LEU 6   5   5   LEU LEU A . n 
A 1 7   THR 7   6   6   THR THR A . n 
A 1 8   LEU 8   7   7   LEU LEU A . n 
A 1 9   ALA 9   8   8   ALA ALA A . n 
A 1 10  VAL 10  9   9   VAL VAL A . n 
A 1 11  ALA 11  10  10  ALA ALA A . n 
A 1 12  SER 12  11  11  SER SER A . n 
A 1 13  ASP 13  12  12  ASP ASP A . n 
A 1 14  GLN 14  13  13  GLN GLN A . n 
A 1 15  GLU 15  14  14  GLU GLU A . n 
A 1 16  ILE 16  15  15  ILE ILE A . n 
A 1 17  SER 17  16  16  SER SER A . n 
A 1 18  ALA 18  17  17  ALA ALA A . n 
A 1 19  HIS 19  18  18  HIS HIS A . n 
A 1 20  GLY 20  19  19  GLY GLY A . n 
A 1 21  TYR 21  20  20  TYR TYR A . n 
A 1 22  PRO 22  21  21  PRO PRO A . n 
A 1 23  THR 23  22  22  THR THR A . n 
A 1 24  MET 24  23  23  MET MET A . n 
A 1 25  SER 25  24  24  SER SER A . n 
A 1 26  ASP 26  25  25  ASP ASP A . n 
A 1 27  ALA 27  26  26  ALA ALA A . n 
A 1 28  VAL 28  27  27  VAL VAL A . n 
A 1 29  GLU 29  28  28  GLU GLU A . n 
A 1 30  HIS 30  29  29  HIS HIS A . n 
A 1 31  PHE 31  30  30  PHE PHE A . n 
A 1 32  SER 32  31  31  SER SER A . n 
A 1 33  SER 33  32  32  SER SER A . n 
A 1 34  SER 34  33  33  SER SER A . n 
A 1 35  ALA 35  34  34  ALA ALA A . n 
A 1 36  SER 36  35  35  SER SER A . n 
A 1 37  HIS 37  36  36  HIS HIS A . n 
A 1 38  GLY 38  37  37  GLY GLY A . n 
A 1 39  PHE 39  38  38  PHE PHE A . n 
A 1 40  LYS 40  39  39  LYS LYS A . n 
A 1 41  ASP 41  40  40  ASP ASP A . n 
A 1 42  CYS 42  41  41  CYS CYS A . n 
A 1 43  ARG 43  42  42  ARG ARG A . n 
A 1 44  PHE 44  43  43  PHE PHE A . n 
A 1 45  VAL 45  44  44  VAL VAL A . n 
A 1 46  ALA 46  45  45  ALA ALA A . n 
A 1 47  PHE 47  46  46  PHE PHE A . n 
A 1 48  GLY 48  47  47  GLY GLY A . n 
A 1 49  LEU 49  48  48  LEU LEU A . n 
A 1 50  GLN 50  49  49  GLN GLN A . n 
A 1 51  ASP 51  50  50  ASP ASP A . n 
A 1 52  ILE 52  51  51  ILE ILE A . n 
A 1 53  VAL 53  52  52  VAL VAL A . n 
A 1 54  ILE 54  53  53  ILE ILE A . n 
A 1 55  GLY 55  54  54  GLY GLY A . n 
A 1 56  VAL 56  55  55  VAL VAL A . n 
A 1 57  GLU 57  56  56  GLU GLU A . n 
A 1 58  PRO 58  57  57  PRO PRO A . n 
A 1 59  SER 59  58  58  SER SER A . n 
A 1 60  ASP 60  59  59  ASP ASP A . n 
A 1 61  PHE 61  60  60  PHE PHE A . n 
A 1 62  VAL 62  61  61  VAL VAL A . n 
A 1 63  VAL 63  62  62  VAL VAL A . n 
A 1 64  ALA 64  63  63  ALA ALA A . n 
A 1 65  LEU 65  64  64  LEU LEU A . n 
A 1 66  GLU 66  65  65  GLU GLU A . n 
A 1 67  GLY 67  66  66  GLY GLY A . n 
A 1 68  ASP 68  67  67  ASP ASP A . n 
A 1 69  GLU 69  68  ?   ?   ?   A . n 
A 1 70  ILE 70  69  69  ILE ILE A . n 
A 1 71  LEU 71  70  70  LEU LEU A . n 
A 1 72  THR 72  71  71  THR THR A . n 
A 1 73  ALA 73  72  72  ALA ALA A . n 
A 1 74  TYR 74  73  73  TYR TYR A . n 
A 1 75  ILE 75  74  74  ILE ILE A . n 
A 1 76  ALA 76  75  75  ALA ALA A . n 
A 1 77  THR 77  76  76  THR THR A . n 
A 1 78  PHE 78  77  77  PHE PHE A . n 
A 1 79  GLY 79  78  78  GLY GLY A . n 
A 1 80  ALA 80  79  79  ALA ALA A . n 
A 1 81  ARG 81  80  80  ARG ARG A . n 
A 1 82  PRO 82  81  81  PRO PRO A . n 
A 1 83  ARG 83  82  82  ARG ARG A . n 
A 1 84  CYS 84  83  83  CYS CYS A . n 
A 1 85  LEU 85  84  84  LEU LEU A . n 
A 1 86  ARG 86  85  85  ARG ARG A . n 
A 1 87  GLY 87  86  86  GLY GLY A . n 
A 1 88  TRP 88  87  87  TRP TRP A . n 
A 1 89  LEU 89  88  88  LEU LEU A . n 
A 1 90  ILE 90  89  89  ILE ILE A . n 
A 1 91  PRO 91  90  90  PRO PRO A . n 
A 1 92  SER 92  91  91  SER SER A . n 
A 1 93  ASN 93  92  92  ASN ASN A . n 
A 1 94  SER 94  93  93  SER SER A . n 
A 1 95  ASN 95  94  94  ASN ASN A . n 
A 1 96  TYR 96  95  95  TYR TYR A . n 
A 1 97  VAL 97  96  96  VAL VAL A . n 
A 1 98  LEU 98  97  97  LEU LEU A . n 
A 1 99  GLU 99  98  98  GLU GLU A . n 
A 1 100 GLU 100 99  99  GLU GLU A . n 
A 1 101 PHE 101 100 100 PHE PHE A . n 
A 1 102 GLN 102 101 101 GLN GLN A . n 
A 1 103 VAL 103 102 102 VAL VAL A . n 
A 1 104 ILE 104 103 103 ILE ILE A . n 
A 1 105 PHE 105 104 104 PHE PHE A . n 
A 1 106 GLY 106 105 ?   ?   ?   A . n 
A 1 107 LYS 107 106 ?   ?   ?   A . n 
A 1 108 ARG 108 107 ?   ?   ?   A . n 
A 1 109 GLY 109 108 ?   ?   ?   A . n 
A 1 110 GLY 110 109 ?   ?   ?   A . n 
A 1 111 LEU 111 110 ?   ?   ?   A . n 
A 1 112 GLU 112 111 ?   ?   ?   A . n 
A 1 113 HIS 113 112 ?   ?   ?   A . n 
A 1 114 HIS 114 113 ?   ?   ?   A . n 
A 1 115 HIS 115 114 ?   ?   ?   A . n 
A 1 116 HIS 116 115 ?   ?   ?   A . n 
A 1 117 HIS 117 116 ?   ?   ?   A . n 
A 1 118 HIS 118 117 ?   ?   ?   A . n 
A 1 119 HIS 119 118 ?   ?   ?   A . n 
A 1 120 HIS 120 119 ?   ?   ?   A . n 
B 1 1   MET 1   0   ?   ?   ?   B . n 
B 1 2   SER 2   1   ?   ?   ?   B . n 
B 1 3   ILE 3   2   ?   ?   ?   B . n 
B 1 4   ASN 4   3   3   ASN ASN B . n 
B 1 5   GLN 5   4   4   GLN GLN B . n 
B 1 6   LEU 6   5   5   LEU LEU B . n 
B 1 7   THR 7   6   6   THR THR B . n 
B 1 8   LEU 8   7   7   LEU LEU B . n 
B 1 9   ALA 9   8   8   ALA ALA B . n 
B 1 10  VAL 10  9   9   VAL VAL B . n 
B 1 11  ALA 11  10  10  ALA ALA B . n 
B 1 12  SER 12  11  11  SER SER B . n 
B 1 13  ASP 13  12  12  ASP ASP B . n 
B 1 14  GLN 14  13  13  GLN GLN B . n 
B 1 15  GLU 15  14  14  GLU GLU B . n 
B 1 16  ILE 16  15  15  ILE ILE B . n 
B 1 17  SER 17  16  16  SER SER B . n 
B 1 18  ALA 18  17  17  ALA ALA B . n 
B 1 19  HIS 19  18  18  HIS HIS B . n 
B 1 20  GLY 20  19  19  GLY GLY B . n 
B 1 21  TYR 21  20  20  TYR TYR B . n 
B 1 22  PRO 22  21  21  PRO PRO B . n 
B 1 23  THR 23  22  22  THR THR B . n 
B 1 24  MET 24  23  23  MET MET B . n 
B 1 25  SER 25  24  24  SER SER B . n 
B 1 26  ASP 26  25  25  ASP ASP B . n 
B 1 27  ALA 27  26  26  ALA ALA B . n 
B 1 28  VAL 28  27  27  VAL VAL B . n 
B 1 29  GLU 29  28  28  GLU GLU B . n 
B 1 30  HIS 30  29  29  HIS HIS B . n 
B 1 31  PHE 31  30  30  PHE PHE B . n 
B 1 32  SER 32  31  31  SER SER B . n 
B 1 33  SER 33  32  32  SER SER B . n 
B 1 34  SER 34  33  33  SER SER B . n 
B 1 35  ALA 35  34  34  ALA ALA B . n 
B 1 36  SER 36  35  35  SER SER B . n 
B 1 37  HIS 37  36  36  HIS HIS B . n 
B 1 38  GLY 38  37  37  GLY GLY B . n 
B 1 39  PHE 39  38  38  PHE PHE B . n 
B 1 40  LYS 40  39  39  LYS LYS B . n 
B 1 41  ASP 41  40  40  ASP ASP B . n 
B 1 42  CYS 42  41  41  CYS CYS B . n 
B 1 43  ARG 43  42  42  ARG ARG B . n 
B 1 44  PHE 44  43  43  PHE PHE B . n 
B 1 45  VAL 45  44  44  VAL VAL B . n 
B 1 46  ALA 46  45  45  ALA ALA B . n 
B 1 47  PHE 47  46  46  PHE PHE B . n 
B 1 48  GLY 48  47  47  GLY GLY B . n 
B 1 49  LEU 49  48  48  LEU LEU B . n 
B 1 50  GLN 50  49  49  GLN GLN B . n 
B 1 51  ASP 51  50  50  ASP ASP B . n 
B 1 52  ILE 52  51  51  ILE ILE B . n 
B 1 53  VAL 53  52  52  VAL VAL B . n 
B 1 54  ILE 54  53  53  ILE ILE B . n 
B 1 55  GLY 55  54  54  GLY GLY B . n 
B 1 56  VAL 56  55  55  VAL VAL B . n 
B 1 57  GLU 57  56  56  GLU GLU B . n 
B 1 58  PRO 58  57  57  PRO PRO B . n 
B 1 59  SER 59  58  58  SER SER B . n 
B 1 60  ASP 60  59  59  ASP ASP B . n 
B 1 61  PHE 61  60  60  PHE PHE B . n 
B 1 62  VAL 62  61  61  VAL VAL B . n 
B 1 63  VAL 63  62  62  VAL VAL B . n 
B 1 64  ALA 64  63  63  ALA ALA B . n 
B 1 65  LEU 65  64  64  LEU LEU B . n 
B 1 66  GLU 66  65  65  GLU GLU B . n 
B 1 67  GLY 67  66  66  GLY GLY B . n 
B 1 68  ASP 68  67  67  ASP ASP B . n 
B 1 69  GLU 69  68  ?   ?   ?   B . n 
B 1 70  ILE 70  69  69  ILE ILE B . n 
B 1 71  LEU 71  70  70  LEU LEU B . n 
B 1 72  THR 72  71  71  THR THR B . n 
B 1 73  ALA 73  72  72  ALA ALA B . n 
B 1 74  TYR 74  73  73  TYR TYR B . n 
B 1 75  ILE 75  74  74  ILE ILE B . n 
B 1 76  ALA 76  75  75  ALA ALA B . n 
B 1 77  THR 77  76  76  THR THR B . n 
B 1 78  PHE 78  77  77  PHE PHE B . n 
B 1 79  GLY 79  78  78  GLY GLY B . n 
B 1 80  ALA 80  79  79  ALA ALA B . n 
B 1 81  ARG 81  80  80  ARG ARG B . n 
B 1 82  PRO 82  81  81  PRO PRO B . n 
B 1 83  ARG 83  82  82  ARG ARG B . n 
B 1 84  CYS 84  83  83  CYS CYS B . n 
B 1 85  LEU 85  84  84  LEU LEU B . n 
B 1 86  ARG 86  85  85  ARG ARG B . n 
B 1 87  GLY 87  86  86  GLY GLY B . n 
B 1 88  TRP 88  87  87  TRP TRP B . n 
B 1 89  LEU 89  88  88  LEU LEU B . n 
B 1 90  ILE 90  89  89  ILE ILE B . n 
B 1 91  PRO 91  90  90  PRO PRO B . n 
B 1 92  SER 92  91  91  SER SER B . n 
B 1 93  ASN 93  92  92  ASN ASN B . n 
B 1 94  SER 94  93  93  SER SER B . n 
B 1 95  ASN 95  94  94  ASN ASN B . n 
B 1 96  TYR 96  95  95  TYR TYR B . n 
B 1 97  VAL 97  96  96  VAL VAL B . n 
B 1 98  LEU 98  97  97  LEU LEU B . n 
B 1 99  GLU 99  98  98  GLU GLU B . n 
B 1 100 GLU 100 99  99  GLU GLU B . n 
B 1 101 PHE 101 100 100 PHE PHE B . n 
B 1 102 GLN 102 101 101 GLN GLN B . n 
B 1 103 VAL 103 102 102 VAL VAL B . n 
B 1 104 ILE 104 103 103 ILE ILE B . n 
B 1 105 PHE 105 104 104 PHE PHE B . n 
B 1 106 GLY 106 105 ?   ?   ?   B . n 
B 1 107 LYS 107 106 ?   ?   ?   B . n 
B 1 108 ARG 108 107 ?   ?   ?   B . n 
B 1 109 GLY 109 108 ?   ?   ?   B . n 
B 1 110 GLY 110 109 ?   ?   ?   B . n 
B 1 111 LEU 111 110 ?   ?   ?   B . n 
B 1 112 GLU 112 111 ?   ?   ?   B . n 
B 1 113 HIS 113 112 ?   ?   ?   B . n 
B 1 114 HIS 114 113 ?   ?   ?   B . n 
B 1 115 HIS 115 114 ?   ?   ?   B . n 
B 1 116 HIS 116 115 ?   ?   ?   B . n 
B 1 117 HIS 117 116 ?   ?   ?   B . n 
B 1 118 HIS 118 117 ?   ?   ?   B . n 
B 1 119 HIS 119 118 ?   ?   ?   B . n 
B 1 120 HIS 120 119 ?   ?   ?   B . n 
# 
loop_
_pdbx_nonpoly_scheme.asym_id 
_pdbx_nonpoly_scheme.entity_id 
_pdbx_nonpoly_scheme.mon_id 
_pdbx_nonpoly_scheme.ndb_seq_num 
_pdbx_nonpoly_scheme.pdb_seq_num 
_pdbx_nonpoly_scheme.auth_seq_num 
_pdbx_nonpoly_scheme.pdb_mon_id 
_pdbx_nonpoly_scheme.auth_mon_id 
_pdbx_nonpoly_scheme.pdb_strand_id 
_pdbx_nonpoly_scheme.pdb_ins_code 
C 2 HOH 1  201 1014 HOH HOH A . 
C 2 HOH 2  202 1029 HOH HOH A . 
C 2 HOH 3  203 1033 HOH HOH A . 
C 2 HOH 4  204 1020 HOH HOH A . 
C 2 HOH 5  205 1028 HOH HOH A . 
C 2 HOH 6  206 1017 HOH HOH A . 
C 2 HOH 7  207 1015 HOH HOH A . 
C 2 HOH 8  208 1002 HOH HOH A . 
C 2 HOH 9  209 1005 HOH HOH A . 
C 2 HOH 10 210 1017 HOH HOH A . 
C 2 HOH 11 211 1012 HOH HOH A . 
C 2 HOH 12 212 1011 HOH HOH A . 
C 2 HOH 13 213 1007 HOH HOH A . 
C 2 HOH 14 214 1032 HOH HOH A . 
C 2 HOH 15 215 1001 HOH HOH A . 
C 2 HOH 16 216 1012 HOH HOH A . 
C 2 HOH 17 217 1022 HOH HOH A . 
C 2 HOH 18 218 1013 HOH HOH A . 
C 2 HOH 19 219 1010 HOH HOH A . 
C 2 HOH 20 220 1016 HOH HOH A . 
C 2 HOH 21 221 1023 HOH HOH A . 
C 2 HOH 22 222 1019 HOH HOH A . 
C 2 HOH 23 223 1015 HOH HOH A . 
C 2 HOH 24 224 1003 HOH HOH A . 
C 2 HOH 25 225 1008 HOH HOH A . 
C 2 HOH 26 226 1034 HOH HOH A . 
C 2 HOH 27 227 1004 HOH HOH A . 
C 2 HOH 28 228 1006 HOH HOH A . 
C 2 HOH 29 229 1025 HOH HOH A . 
C 2 HOH 30 230 1026 HOH HOH A . 
C 2 HOH 31 231 1018 HOH HOH A . 
C 2 HOH 32 232 1024 HOH HOH A . 
C 2 HOH 33 233 1027 HOH HOH A . 
C 2 HOH 34 234 1011 HOH HOH A . 
C 2 HOH 35 235 1009 HOH HOH A . 
C 2 HOH 36 236 1016 HOH HOH A . 
C 2 HOH 37 237 1027 HOH HOH A . 
C 2 HOH 38 238 1034 HOH HOH A . 
C 2 HOH 39 239 1021 HOH HOH A . 
D 2 HOH 1  201 1022 HOH HOH B . 
D 2 HOH 2  202 1005 HOH HOH B . 
D 2 HOH 3  203 1003 HOH HOH B . 
D 2 HOH 4  204 1004 HOH HOH B . 
D 2 HOH 5  205 1028 HOH HOH B . 
D 2 HOH 6  206 1018 HOH HOH B . 
D 2 HOH 7  207 1006 HOH HOH B . 
D 2 HOH 8  208 1010 HOH HOH B . 
D 2 HOH 9  209 1008 HOH HOH B . 
D 2 HOH 10 210 1029 HOH HOH B . 
D 2 HOH 11 211 1023 HOH HOH B . 
D 2 HOH 12 212 1030 HOH HOH B . 
D 2 HOH 13 213 1031 HOH HOH B . 
D 2 HOH 14 214 1014 HOH HOH B . 
D 2 HOH 15 215 1002 HOH HOH B . 
D 2 HOH 16 216 1033 HOH HOH B . 
D 2 HOH 17 217 1019 HOH HOH B . 
D 2 HOH 18 218 1013 HOH HOH B . 
D 2 HOH 19 219 1025 HOH HOH B . 
D 2 HOH 20 220 1021 HOH HOH B . 
D 2 HOH 21 221 1009 HOH HOH B . 
D 2 HOH 22 222 1026 HOH HOH B . 
D 2 HOH 23 223 1001 HOH HOH B . 
D 2 HOH 24 224 1007 HOH HOH B . 
D 2 HOH 25 225 1030 HOH HOH B . 
D 2 HOH 26 226 1020 HOH HOH B . 
D 2 HOH 27 227 1031 HOH HOH B . 
D 2 HOH 28 228 1035 HOH HOH B . 
D 2 HOH 29 229 1032 HOH HOH B . 
D 2 HOH 30 230 1024 HOH HOH B . 
# 
_pdbx_struct_assembly.id                   1 
_pdbx_struct_assembly.details              author_and_software_defined_assembly 
_pdbx_struct_assembly.method_details       PISA 
_pdbx_struct_assembly.oligomeric_details   dimeric 
_pdbx_struct_assembly.oligomeric_count     2 
# 
_pdbx_struct_assembly_gen.assembly_id       1 
_pdbx_struct_assembly_gen.oper_expression   1 
_pdbx_struct_assembly_gen.asym_id_list      A,B,C,D 
# 
loop_
_pdbx_struct_assembly_prop.biol_id 
_pdbx_struct_assembly_prop.type 
_pdbx_struct_assembly_prop.value 
_pdbx_struct_assembly_prop.details 
1 'ABSA (A^2)' 1350  ? 
1 MORE         -7    ? 
1 'SSA (A^2)'  10090 ? 
# 
_pdbx_struct_oper_list.id                   1 
_pdbx_struct_oper_list.type                 'identity operation' 
_pdbx_struct_oper_list.name                 1_555 
_pdbx_struct_oper_list.symmetry_operation   x,y,z 
_pdbx_struct_oper_list.matrix[1][1]         1.0000000000 
_pdbx_struct_oper_list.matrix[1][2]         0.0000000000 
_pdbx_struct_oper_list.matrix[1][3]         0.0000000000 
_pdbx_struct_oper_list.vector[1]            0.0000000000 
_pdbx_struct_oper_list.matrix[2][1]         0.0000000000 
_pdbx_struct_oper_list.matrix[2][2]         1.0000000000 
_pdbx_struct_oper_list.matrix[2][3]         0.0000000000 
_pdbx_struct_oper_list.vector[2]            0.0000000000 
_pdbx_struct_oper_list.matrix[3][1]         0.0000000000 
_pdbx_struct_oper_list.matrix[3][2]         0.0000000000 
_pdbx_struct_oper_list.matrix[3][3]         1.0000000000 
_pdbx_struct_oper_list.vector[3]            0.0000000000 
# 
loop_
_pdbx_audit_revision_history.ordinal 
_pdbx_audit_revision_history.data_content_type 
_pdbx_audit_revision_history.major_revision 
_pdbx_audit_revision_history.minor_revision 
_pdbx_audit_revision_history.revision_date 
1 'Structure model' 1 0 2020-08-12 
2 'Structure model' 1 1 2023-11-29 
# 
_pdbx_audit_revision_details.ordinal             1 
_pdbx_audit_revision_details.revision_ordinal    1 
_pdbx_audit_revision_details.data_content_type   'Structure model' 
_pdbx_audit_revision_details.provider            repository 
_pdbx_audit_revision_details.type                'Initial release' 
_pdbx_audit_revision_details.description         ? 
_pdbx_audit_revision_details.details             ? 
# 
loop_
_pdbx_audit_revision_group.ordinal 
_pdbx_audit_revision_group.revision_ordinal 
_pdbx_audit_revision_group.data_content_type 
_pdbx_audit_revision_group.group 
1 2 'Structure model' Advisory                 
2 2 'Structure model' 'Data collection'        
3 2 'Structure model' 'Database references'    
4 2 'Structure model' 'Refinement description' 
# 
loop_
_pdbx_audit_revision_category.ordinal 
_pdbx_audit_revision_category.revision_ordinal 
_pdbx_audit_revision_category.data_content_type 
_pdbx_audit_revision_category.category 
1 2 'Structure model' chem_comp_atom                  
2 2 'Structure model' chem_comp_bond                  
3 2 'Structure model' citation                        
4 2 'Structure model' database_2                      
5 2 'Structure model' pdbx_initial_refinement_model   
6 2 'Structure model' pdbx_unobs_or_zero_occ_atoms    
7 2 'Structure model' pdbx_unobs_or_zero_occ_residues 
# 
loop_
_pdbx_audit_revision_item.ordinal 
_pdbx_audit_revision_item.revision_ordinal 
_pdbx_audit_revision_item.data_content_type 
_pdbx_audit_revision_item.item 
1 2 'Structure model' '_citation.country'                   
2 2 'Structure model' '_database_2.pdbx_DOI'                
3 2 'Structure model' '_database_2.pdbx_database_accession' 
# 
loop_
_software.citation_id 
_software.classification 
_software.compiler_name 
_software.compiler_version 
_software.contact_author 
_software.contact_author_email 
_software.date 
_software.description 
_software.dependencies 
_software.hardware 
_software.language 
_software.location 
_software.mods 
_software.name 
_software.os 
_software.os_version 
_software.type 
_software.version 
_software.pdbx_ordinal 
? 'data scaling'    ? ? ? ? ? ? ? ? ? ? ? HKL-2000    ? ? ? .         1 
? refinement        ? ? ? ? ? ? ? ? ? ? ? PHENIX      ? ? ? 1.14_3260 2 
? 'data extraction' ? ? ? ? ? ? ? ? ? ? ? PDB_EXTRACT ? ? ? 3.25      3 
# 
loop_
_pdbx_validate_torsion.id 
_pdbx_validate_torsion.PDB_model_num 
_pdbx_validate_torsion.auth_comp_id 
_pdbx_validate_torsion.auth_asym_id 
_pdbx_validate_torsion.auth_seq_id 
_pdbx_validate_torsion.PDB_ins_code 
_pdbx_validate_torsion.label_alt_id 
_pdbx_validate_torsion.phi 
_pdbx_validate_torsion.psi 
1 1 GLN A 4  ? ? -161.73 102.71 
2 1 LYS B 39 ? ? -47.31  -18.21 
# 
loop_
_pdbx_unobs_or_zero_occ_atoms.id 
_pdbx_unobs_or_zero_occ_atoms.PDB_model_num 
_pdbx_unobs_or_zero_occ_atoms.polymer_flag 
_pdbx_unobs_or_zero_occ_atoms.occupancy_flag 
_pdbx_unobs_or_zero_occ_atoms.auth_asym_id 
_pdbx_unobs_or_zero_occ_atoms.auth_comp_id 
_pdbx_unobs_or_zero_occ_atoms.auth_seq_id 
_pdbx_unobs_or_zero_occ_atoms.PDB_ins_code 
_pdbx_unobs_or_zero_occ_atoms.auth_atom_id 
_pdbx_unobs_or_zero_occ_atoms.label_alt_id 
_pdbx_unobs_or_zero_occ_atoms.label_asym_id 
_pdbx_unobs_or_zero_occ_atoms.label_comp_id 
_pdbx_unobs_or_zero_occ_atoms.label_seq_id 
_pdbx_unobs_or_zero_occ_atoms.label_atom_id 
1  1 Y 0 A HIS 29 ? N  ? A HIS 30 N  
2  1 Y 0 A HIS 29 ? CA ? A HIS 30 CA 
3  1 Y 0 A HIS 29 ? C  ? A HIS 30 C  
4  1 Y 0 A HIS 29 ? O  ? A HIS 30 O  
5  1 Y 0 A PHE 30 ? N  ? A PHE 31 N  
6  1 Y 0 A PHE 30 ? CA ? A PHE 31 CA 
7  1 Y 0 A PHE 30 ? C  ? A PHE 31 C  
8  1 Y 0 A PHE 30 ? O  ? A PHE 31 O  
9  1 Y 0 A ASP 67 ? N  ? A ASP 68 N  
10 1 Y 0 A ASP 67 ? CA ? A ASP 68 CA 
11 1 Y 0 A ASP 67 ? C  ? A ASP 68 C  
12 1 Y 0 A ASP 67 ? O  ? A ASP 68 O  
13 1 Y 0 B GLU 28 ? N  ? B GLU 29 N  
14 1 Y 0 B GLU 28 ? CA ? B GLU 29 CA 
15 1 Y 0 B GLU 28 ? C  ? B GLU 29 C  
16 1 Y 0 B GLU 28 ? O  ? B GLU 29 O  
17 1 Y 0 B LYS 39 ? N  ? B LYS 40 N  
18 1 Y 0 B LYS 39 ? CA ? B LYS 40 CA 
19 1 Y 0 B LYS 39 ? C  ? B LYS 40 C  
20 1 Y 0 B LYS 39 ? O  ? B LYS 40 O  
21 1 Y 0 B ASP 40 ? N  ? B ASP 41 N  
22 1 Y 0 B ASP 40 ? CA ? B ASP 41 CA 
23 1 Y 0 B ASP 40 ? C  ? B ASP 41 C  
24 1 Y 0 B ASP 40 ? O  ? B ASP 41 O  
# 
loop_
_pdbx_unobs_or_zero_occ_residues.id 
_pdbx_unobs_or_zero_occ_residues.PDB_model_num 
_pdbx_unobs_or_zero_occ_residues.polymer_flag 
_pdbx_unobs_or_zero_occ_residues.occupancy_flag 
_pdbx_unobs_or_zero_occ_residues.auth_asym_id 
_pdbx_unobs_or_zero_occ_residues.auth_comp_id 
_pdbx_unobs_or_zero_occ_residues.auth_seq_id 
_pdbx_unobs_or_zero_occ_residues.PDB_ins_code 
_pdbx_unobs_or_zero_occ_residues.label_asym_id 
_pdbx_unobs_or_zero_occ_residues.label_comp_id 
_pdbx_unobs_or_zero_occ_residues.label_seq_id 
1  1 Y 1 A MET 0   ? A MET 1   
2  1 Y 1 A SER 1   ? A SER 2   
3  1 Y 1 A ILE 2   ? A ILE 3   
4  1 Y 1 A GLU 68  ? A GLU 69  
5  1 Y 1 A GLY 105 ? A GLY 106 
6  1 Y 1 A LYS 106 ? A LYS 107 
7  1 Y 1 A ARG 107 ? A ARG 108 
8  1 Y 1 A GLY 108 ? A GLY 109 
9  1 Y 1 A GLY 109 ? A GLY 110 
10 1 Y 1 A LEU 110 ? A LEU 111 
11 1 Y 1 A GLU 111 ? A GLU 112 
12 1 Y 1 A HIS 112 ? A HIS 113 
13 1 Y 1 A HIS 113 ? A HIS 114 
14 1 Y 1 A HIS 114 ? A HIS 115 
15 1 Y 1 A HIS 115 ? A HIS 116 
16 1 Y 1 A HIS 116 ? A HIS 117 
17 1 Y 1 A HIS 117 ? A HIS 118 
18 1 Y 1 A HIS 118 ? A HIS 119 
19 1 Y 1 A HIS 119 ? A HIS 120 
20 1 Y 1 B MET 0   ? B MET 1   
21 1 Y 1 B SER 1   ? B SER 2   
22 1 Y 1 B ILE 2   ? B ILE 3   
23 1 Y 0 B VAL 27  ? B VAL 28  
24 1 Y 1 B GLU 68  ? B GLU 69  
25 1 Y 1 B GLY 105 ? B GLY 106 
26 1 Y 1 B LYS 106 ? B LYS 107 
27 1 Y 1 B ARG 107 ? B ARG 108 
28 1 Y 1 B GLY 108 ? B GLY 109 
29 1 Y 1 B GLY 109 ? B GLY 110 
30 1 Y 1 B LEU 110 ? B LEU 111 
31 1 Y 1 B GLU 111 ? B GLU 112 
32 1 Y 1 B HIS 112 ? B HIS 113 
33 1 Y 1 B HIS 113 ? B HIS 114 
34 1 Y 1 B HIS 114 ? B HIS 115 
35 1 Y 1 B HIS 115 ? B HIS 116 
36 1 Y 1 B HIS 116 ? B HIS 117 
37 1 Y 1 B HIS 117 ? B HIS 118 
38 1 Y 1 B HIS 118 ? B HIS 119 
39 1 Y 1 B HIS 119 ? B HIS 120 
# 
loop_
_chem_comp_atom.comp_id 
_chem_comp_atom.atom_id 
_chem_comp_atom.type_symbol 
_chem_comp_atom.pdbx_aromatic_flag 
_chem_comp_atom.pdbx_stereo_config 
_chem_comp_atom.pdbx_ordinal 
ALA N    N N N 1   
ALA CA   C N S 2   
ALA C    C N N 3   
ALA O    O N N 4   
ALA CB   C N N 5   
ALA OXT  O N N 6   
ALA H    H N N 7   
ALA H2   H N N 8   
ALA HA   H N N 9   
ALA HB1  H N N 10  
ALA HB2  H N N 11  
ALA HB3  H N N 12  
ALA HXT  H N N 13  
ARG N    N N N 14  
ARG CA   C N S 15  
ARG C    C N N 16  
ARG O    O N N 17  
ARG CB   C N N 18  
ARG CG   C N N 19  
ARG CD   C N N 20  
ARG NE   N N N 21  
ARG CZ   C N N 22  
ARG NH1  N N N 23  
ARG NH2  N N N 24  
ARG OXT  O N N 25  
ARG H    H N N 26  
ARG H2   H N N 27  
ARG HA   H N N 28  
ARG HB2  H N N 29  
ARG HB3  H N N 30  
ARG HG2  H N N 31  
ARG HG3  H N N 32  
ARG HD2  H N N 33  
ARG HD3  H N N 34  
ARG HE   H N N 35  
ARG HH11 H N N 36  
ARG HH12 H N N 37  
ARG HH21 H N N 38  
ARG HH22 H N N 39  
ARG HXT  H N N 40  
ASN N    N N N 41  
ASN CA   C N S 42  
ASN C    C N N 43  
ASN O    O N N 44  
ASN CB   C N N 45  
ASN CG   C N N 46  
ASN OD1  O N N 47  
ASN ND2  N N N 48  
ASN OXT  O N N 49  
ASN H    H N N 50  
ASN H2   H N N 51  
ASN HA   H N N 52  
ASN HB2  H N N 53  
ASN HB3  H N N 54  
ASN HD21 H N N 55  
ASN HD22 H N N 56  
ASN HXT  H N N 57  
ASP N    N N N 58  
ASP CA   C N S 59  
ASP C    C N N 60  
ASP O    O N N 61  
ASP CB   C N N 62  
ASP CG   C N N 63  
ASP OD1  O N N 64  
ASP OD2  O N N 65  
ASP OXT  O N N 66  
ASP H    H N N 67  
ASP H2   H N N 68  
ASP HA   H N N 69  
ASP HB2  H N N 70  
ASP HB3  H N N 71  
ASP HD2  H N N 72  
ASP HXT  H N N 73  
CYS N    N N N 74  
CYS CA   C N R 75  
CYS C    C N N 76  
CYS O    O N N 77  
CYS CB   C N N 78  
CYS SG   S N N 79  
CYS OXT  O N N 80  
CYS H    H N N 81  
CYS H2   H N N 82  
CYS HA   H N N 83  
CYS HB2  H N N 84  
CYS HB3  H N N 85  
CYS HG   H N N 86  
CYS HXT  H N N 87  
GLN N    N N N 88  
GLN CA   C N S 89  
GLN C    C N N 90  
GLN O    O N N 91  
GLN CB   C N N 92  
GLN CG   C N N 93  
GLN CD   C N N 94  
GLN OE1  O N N 95  
GLN NE2  N N N 96  
GLN OXT  O N N 97  
GLN H    H N N 98  
GLN H2   H N N 99  
GLN HA   H N N 100 
GLN HB2  H N N 101 
GLN HB3  H N N 102 
GLN HG2  H N N 103 
GLN HG3  H N N 104 
GLN HE21 H N N 105 
GLN HE22 H N N 106 
GLN HXT  H N N 107 
GLU N    N N N 108 
GLU CA   C N S 109 
GLU C    C N N 110 
GLU O    O N N 111 
GLU CB   C N N 112 
GLU CG   C N N 113 
GLU CD   C N N 114 
GLU OE1  O N N 115 
GLU OE2  O N N 116 
GLU OXT  O N N 117 
GLU H    H N N 118 
GLU H2   H N N 119 
GLU HA   H N N 120 
GLU HB2  H N N 121 
GLU HB3  H N N 122 
GLU HG2  H N N 123 
GLU HG3  H N N 124 
GLU HE2  H N N 125 
GLU HXT  H N N 126 
GLY N    N N N 127 
GLY CA   C N N 128 
GLY C    C N N 129 
GLY O    O N N 130 
GLY OXT  O N N 131 
GLY H    H N N 132 
GLY H2   H N N 133 
GLY HA2  H N N 134 
GLY HA3  H N N 135 
GLY HXT  H N N 136 
HIS N    N N N 137 
HIS CA   C N S 138 
HIS C    C N N 139 
HIS O    O N N 140 
HIS CB   C N N 141 
HIS CG   C Y N 142 
HIS ND1  N Y N 143 
HIS CD2  C Y N 144 
HIS CE1  C Y N 145 
HIS NE2  N Y N 146 
HIS OXT  O N N 147 
HIS H    H N N 148 
HIS H2   H N N 149 
HIS HA   H N N 150 
HIS HB2  H N N 151 
HIS HB3  H N N 152 
HIS HD1  H N N 153 
HIS HD2  H N N 154 
HIS HE1  H N N 155 
HIS HE2  H N N 156 
HIS HXT  H N N 157 
HOH O    O N N 158 
HOH H1   H N N 159 
HOH H2   H N N 160 
ILE N    N N N 161 
ILE CA   C N S 162 
ILE C    C N N 163 
ILE O    O N N 164 
ILE CB   C N S 165 
ILE CG1  C N N 166 
ILE CG2  C N N 167 
ILE CD1  C N N 168 
ILE OXT  O N N 169 
ILE H    H N N 170 
ILE H2   H N N 171 
ILE HA   H N N 172 
ILE HB   H N N 173 
ILE HG12 H N N 174 
ILE HG13 H N N 175 
ILE HG21 H N N 176 
ILE HG22 H N N 177 
ILE HG23 H N N 178 
ILE HD11 H N N 179 
ILE HD12 H N N 180 
ILE HD13 H N N 181 
ILE HXT  H N N 182 
LEU N    N N N 183 
LEU CA   C N S 184 
LEU C    C N N 185 
LEU O    O N N 186 
LEU CB   C N N 187 
LEU CG   C N N 188 
LEU CD1  C N N 189 
LEU CD2  C N N 190 
LEU OXT  O N N 191 
LEU H    H N N 192 
LEU H2   H N N 193 
LEU HA   H N N 194 
LEU HB2  H N N 195 
LEU HB3  H N N 196 
LEU HG   H N N 197 
LEU HD11 H N N 198 
LEU HD12 H N N 199 
LEU HD13 H N N 200 
LEU HD21 H N N 201 
LEU HD22 H N N 202 
LEU HD23 H N N 203 
LEU HXT  H N N 204 
LYS N    N N N 205 
LYS CA   C N S 206 
LYS C    C N N 207 
LYS O    O N N 208 
LYS CB   C N N 209 
LYS CG   C N N 210 
LYS CD   C N N 211 
LYS CE   C N N 212 
LYS NZ   N N N 213 
LYS OXT  O N N 214 
LYS H    H N N 215 
LYS H2   H N N 216 
LYS HA   H N N 217 
LYS HB2  H N N 218 
LYS HB3  H N N 219 
LYS HG2  H N N 220 
LYS HG3  H N N 221 
LYS HD2  H N N 222 
LYS HD3  H N N 223 
LYS HE2  H N N 224 
LYS HE3  H N N 225 
LYS HZ1  H N N 226 
LYS HZ2  H N N 227 
LYS HZ3  H N N 228 
LYS HXT  H N N 229 
MET N    N N N 230 
MET CA   C N S 231 
MET C    C N N 232 
MET O    O N N 233 
MET CB   C N N 234 
MET CG   C N N 235 
MET SD   S N N 236 
MET CE   C N N 237 
MET OXT  O N N 238 
MET H    H N N 239 
MET H2   H N N 240 
MET HA   H N N 241 
MET HB2  H N N 242 
MET HB3  H N N 243 
MET HG2  H N N 244 
MET HG3  H N N 245 
MET HE1  H N N 246 
MET HE2  H N N 247 
MET HE3  H N N 248 
MET HXT  H N N 249 
PHE N    N N N 250 
PHE CA   C N S 251 
PHE C    C N N 252 
PHE O    O N N 253 
PHE CB   C N N 254 
PHE CG   C Y N 255 
PHE CD1  C Y N 256 
PHE CD2  C Y N 257 
PHE CE1  C Y N 258 
PHE CE2  C Y N 259 
PHE CZ   C Y N 260 
PHE OXT  O N N 261 
PHE H    H N N 262 
PHE H2   H N N 263 
PHE HA   H N N 264 
PHE HB2  H N N 265 
PHE HB3  H N N 266 
PHE HD1  H N N 267 
PHE HD2  H N N 268 
PHE HE1  H N N 269 
PHE HE2  H N N 270 
PHE HZ   H N N 271 
PHE HXT  H N N 272 
PRO N    N N N 273 
PRO CA   C N S 274 
PRO C    C N N 275 
PRO O    O N N 276 
PRO CB   C N N 277 
PRO CG   C N N 278 
PRO CD   C N N 279 
PRO OXT  O N N 280 
PRO H    H N N 281 
PRO HA   H N N 282 
PRO HB2  H N N 283 
PRO HB3  H N N 284 
PRO HG2  H N N 285 
PRO HG3  H N N 286 
PRO HD2  H N N 287 
PRO HD3  H N N 288 
PRO HXT  H N N 289 
SER N    N N N 290 
SER CA   C N S 291 
SER C    C N N 292 
SER O    O N N 293 
SER CB   C N N 294 
SER OG   O N N 295 
SER OXT  O N N 296 
SER H    H N N 297 
SER H2   H N N 298 
SER HA   H N N 299 
SER HB2  H N N 300 
SER HB3  H N N 301 
SER HG   H N N 302 
SER HXT  H N N 303 
THR N    N N N 304 
THR CA   C N S 305 
THR C    C N N 306 
THR O    O N N 307 
THR CB   C N R 308 
THR OG1  O N N 309 
THR CG2  C N N 310 
THR OXT  O N N 311 
THR H    H N N 312 
THR H2   H N N 313 
THR HA   H N N 314 
THR HB   H N N 315 
THR HG1  H N N 316 
THR HG21 H N N 317 
THR HG22 H N N 318 
THR HG23 H N N 319 
THR HXT  H N N 320 
TRP N    N N N 321 
TRP CA   C N S 322 
TRP C    C N N 323 
TRP O    O N N 324 
TRP CB   C N N 325 
TRP CG   C Y N 326 
TRP CD1  C Y N 327 
TRP CD2  C Y N 328 
TRP NE1  N Y N 329 
TRP CE2  C Y N 330 
TRP CE3  C Y N 331 
TRP CZ2  C Y N 332 
TRP CZ3  C Y N 333 
TRP CH2  C Y N 334 
TRP OXT  O N N 335 
TRP H    H N N 336 
TRP H2   H N N 337 
TRP HA   H N N 338 
TRP HB2  H N N 339 
TRP HB3  H N N 340 
TRP HD1  H N N 341 
TRP HE1  H N N 342 
TRP HE3  H N N 343 
TRP HZ2  H N N 344 
TRP HZ3  H N N 345 
TRP HH2  H N N 346 
TRP HXT  H N N 347 
TYR N    N N N 348 
TYR CA   C N S 349 
TYR C    C N N 350 
TYR O    O N N 351 
TYR CB   C N N 352 
TYR CG   C Y N 353 
TYR CD1  C Y N 354 
TYR CD2  C Y N 355 
TYR CE1  C Y N 356 
TYR CE2  C Y N 357 
TYR CZ   C Y N 358 
TYR OH   O N N 359 
TYR OXT  O N N 360 
TYR H    H N N 361 
TYR H2   H N N 362 
TYR HA   H N N 363 
TYR HB2  H N N 364 
TYR HB3  H N N 365 
TYR HD1  H N N 366 
TYR HD2  H N N 367 
TYR HE1  H N N 368 
TYR HE2  H N N 369 
TYR HH   H N N 370 
TYR HXT  H N N 371 
VAL N    N N N 372 
VAL CA   C N S 373 
VAL C    C N N 374 
VAL O    O N N 375 
VAL CB   C N N 376 
VAL CG1  C N N 377 
VAL CG2  C N N 378 
VAL OXT  O N N 379 
VAL H    H N N 380 
VAL H2   H N N 381 
VAL HA   H N N 382 
VAL HB   H N N 383 
VAL HG11 H N N 384 
VAL HG12 H N N 385 
VAL HG13 H N N 386 
VAL HG21 H N N 387 
VAL HG22 H N N 388 
VAL HG23 H N N 389 
VAL HXT  H N N 390 
# 
loop_
_chem_comp_bond.comp_id 
_chem_comp_bond.atom_id_1 
_chem_comp_bond.atom_id_2 
_chem_comp_bond.value_order 
_chem_comp_bond.pdbx_aromatic_flag 
_chem_comp_bond.pdbx_stereo_config 
_chem_comp_bond.pdbx_ordinal 
ALA N   CA   sing N N 1   
ALA N   H    sing N N 2   
ALA N   H2   sing N N 3   
ALA CA  C    sing N N 4   
ALA CA  CB   sing N N 5   
ALA CA  HA   sing N N 6   
ALA C   O    doub N N 7   
ALA C   OXT  sing N N 8   
ALA CB  HB1  sing N N 9   
ALA CB  HB2  sing N N 10  
ALA CB  HB3  sing N N 11  
ALA OXT HXT  sing N N 12  
ARG N   CA   sing N N 13  
ARG N   H    sing N N 14  
ARG N   H2   sing N N 15  
ARG CA  C    sing N N 16  
ARG CA  CB   sing N N 17  
ARG CA  HA   sing N N 18  
ARG C   O    doub N N 19  
ARG C   OXT  sing N N 20  
ARG CB  CG   sing N N 21  
ARG CB  HB2  sing N N 22  
ARG CB  HB3  sing N N 23  
ARG CG  CD   sing N N 24  
ARG CG  HG2  sing N N 25  
ARG CG  HG3  sing N N 26  
ARG CD  NE   sing N N 27  
ARG CD  HD2  sing N N 28  
ARG CD  HD3  sing N N 29  
ARG NE  CZ   sing N N 30  
ARG NE  HE   sing N N 31  
ARG CZ  NH1  sing N N 32  
ARG CZ  NH2  doub N N 33  
ARG NH1 HH11 sing N N 34  
ARG NH1 HH12 sing N N 35  
ARG NH2 HH21 sing N N 36  
ARG NH2 HH22 sing N N 37  
ARG OXT HXT  sing N N 38  
ASN N   CA   sing N N 39  
ASN N   H    sing N N 40  
ASN N   H2   sing N N 41  
ASN CA  C    sing N N 42  
ASN CA  CB   sing N N 43  
ASN CA  HA   sing N N 44  
ASN C   O    doub N N 45  
ASN C   OXT  sing N N 46  
ASN CB  CG   sing N N 47  
ASN CB  HB2  sing N N 48  
ASN CB  HB3  sing N N 49  
ASN CG  OD1  doub N N 50  
ASN CG  ND2  sing N N 51  
ASN ND2 HD21 sing N N 52  
ASN ND2 HD22 sing N N 53  
ASN OXT HXT  sing N N 54  
ASP N   CA   sing N N 55  
ASP N   H    sing N N 56  
ASP N   H2   sing N N 57  
ASP CA  C    sing N N 58  
ASP CA  CB   sing N N 59  
ASP CA  HA   sing N N 60  
ASP C   O    doub N N 61  
ASP C   OXT  sing N N 62  
ASP CB  CG   sing N N 63  
ASP CB  HB2  sing N N 64  
ASP CB  HB3  sing N N 65  
ASP CG  OD1  doub N N 66  
ASP CG  OD2  sing N N 67  
ASP OD2 HD2  sing N N 68  
ASP OXT HXT  sing N N 69  
CYS N   CA   sing N N 70  
CYS N   H    sing N N 71  
CYS N   H2   sing N N 72  
CYS CA  C    sing N N 73  
CYS CA  CB   sing N N 74  
CYS CA  HA   sing N N 75  
CYS C   O    doub N N 76  
CYS C   OXT  sing N N 77  
CYS CB  SG   sing N N 78  
CYS CB  HB2  sing N N 79  
CYS CB  HB3  sing N N 80  
CYS SG  HG   sing N N 81  
CYS OXT HXT  sing N N 82  
GLN N   CA   sing N N 83  
GLN N   H    sing N N 84  
GLN N   H2   sing N N 85  
GLN CA  C    sing N N 86  
GLN CA  CB   sing N N 87  
GLN CA  HA   sing N N 88  
GLN C   O    doub N N 89  
GLN C   OXT  sing N N 90  
GLN CB  CG   sing N N 91  
GLN CB  HB2  sing N N 92  
GLN CB  HB3  sing N N 93  
GLN CG  CD   sing N N 94  
GLN CG  HG2  sing N N 95  
GLN CG  HG3  sing N N 96  
GLN CD  OE1  doub N N 97  
GLN CD  NE2  sing N N 98  
GLN NE2 HE21 sing N N 99  
GLN NE2 HE22 sing N N 100 
GLN OXT HXT  sing N N 101 
GLU N   CA   sing N N 102 
GLU N   H    sing N N 103 
GLU N   H2   sing N N 104 
GLU CA  C    sing N N 105 
GLU CA  CB   sing N N 106 
GLU CA  HA   sing N N 107 
GLU C   O    doub N N 108 
GLU C   OXT  sing N N 109 
GLU CB  CG   sing N N 110 
GLU CB  HB2  sing N N 111 
GLU CB  HB3  sing N N 112 
GLU CG  CD   sing N N 113 
GLU CG  HG2  sing N N 114 
GLU CG  HG3  sing N N 115 
GLU CD  OE1  doub N N 116 
GLU CD  OE2  sing N N 117 
GLU OE2 HE2  sing N N 118 
GLU OXT HXT  sing N N 119 
GLY N   CA   sing N N 120 
GLY N   H    sing N N 121 
GLY N   H2   sing N N 122 
GLY CA  C    sing N N 123 
GLY CA  HA2  sing N N 124 
GLY CA  HA3  sing N N 125 
GLY C   O    doub N N 126 
GLY C   OXT  sing N N 127 
GLY OXT HXT  sing N N 128 
HIS N   CA   sing N N 129 
HIS N   H    sing N N 130 
HIS N   H2   sing N N 131 
HIS CA  C    sing N N 132 
HIS CA  CB   sing N N 133 
HIS CA  HA   sing N N 134 
HIS C   O    doub N N 135 
HIS C   OXT  sing N N 136 
HIS CB  CG   sing N N 137 
HIS CB  HB2  sing N N 138 
HIS CB  HB3  sing N N 139 
HIS CG  ND1  sing Y N 140 
HIS CG  CD2  doub Y N 141 
HIS ND1 CE1  doub Y N 142 
HIS ND1 HD1  sing N N 143 
HIS CD2 NE2  sing Y N 144 
HIS CD2 HD2  sing N N 145 
HIS CE1 NE2  sing Y N 146 
HIS CE1 HE1  sing N N 147 
HIS NE2 HE2  sing N N 148 
HIS OXT HXT  sing N N 149 
HOH O   H1   sing N N 150 
HOH O   H2   sing N N 151 
ILE N   CA   sing N N 152 
ILE N   H    sing N N 153 
ILE N   H2   sing N N 154 
ILE CA  C    sing N N 155 
ILE CA  CB   sing N N 156 
ILE CA  HA   sing N N 157 
ILE C   O    doub N N 158 
ILE C   OXT  sing N N 159 
ILE CB  CG1  sing N N 160 
ILE CB  CG2  sing N N 161 
ILE CB  HB   sing N N 162 
ILE CG1 CD1  sing N N 163 
ILE CG1 HG12 sing N N 164 
ILE CG1 HG13 sing N N 165 
ILE CG2 HG21 sing N N 166 
ILE CG2 HG22 sing N N 167 
ILE CG2 HG23 sing N N 168 
ILE CD1 HD11 sing N N 169 
ILE CD1 HD12 sing N N 170 
ILE CD1 HD13 sing N N 171 
ILE OXT HXT  sing N N 172 
LEU N   CA   sing N N 173 
LEU N   H    sing N N 174 
LEU N   H2   sing N N 175 
LEU CA  C    sing N N 176 
LEU CA  CB   sing N N 177 
LEU CA  HA   sing N N 178 
LEU C   O    doub N N 179 
LEU C   OXT  sing N N 180 
LEU CB  CG   sing N N 181 
LEU CB  HB2  sing N N 182 
LEU CB  HB3  sing N N 183 
LEU CG  CD1  sing N N 184 
LEU CG  CD2  sing N N 185 
LEU CG  HG   sing N N 186 
LEU CD1 HD11 sing N N 187 
LEU CD1 HD12 sing N N 188 
LEU CD1 HD13 sing N N 189 
LEU CD2 HD21 sing N N 190 
LEU CD2 HD22 sing N N 191 
LEU CD2 HD23 sing N N 192 
LEU OXT HXT  sing N N 193 
LYS N   CA   sing N N 194 
LYS N   H    sing N N 195 
LYS N   H2   sing N N 196 
LYS CA  C    sing N N 197 
LYS CA  CB   sing N N 198 
LYS CA  HA   sing N N 199 
LYS C   O    doub N N 200 
LYS C   OXT  sing N N 201 
LYS CB  CG   sing N N 202 
LYS CB  HB2  sing N N 203 
LYS CB  HB3  sing N N 204 
LYS CG  CD   sing N N 205 
LYS CG  HG2  sing N N 206 
LYS CG  HG3  sing N N 207 
LYS CD  CE   sing N N 208 
LYS CD  HD2  sing N N 209 
LYS CD  HD3  sing N N 210 
LYS CE  NZ   sing N N 211 
LYS CE  HE2  sing N N 212 
LYS CE  HE3  sing N N 213 
LYS NZ  HZ1  sing N N 214 
LYS NZ  HZ2  sing N N 215 
LYS NZ  HZ3  sing N N 216 
LYS OXT HXT  sing N N 217 
MET N   CA   sing N N 218 
MET N   H    sing N N 219 
MET N   H2   sing N N 220 
MET CA  C    sing N N 221 
MET CA  CB   sing N N 222 
MET CA  HA   sing N N 223 
MET C   O    doub N N 224 
MET C   OXT  sing N N 225 
MET CB  CG   sing N N 226 
MET CB  HB2  sing N N 227 
MET CB  HB3  sing N N 228 
MET CG  SD   sing N N 229 
MET CG  HG2  sing N N 230 
MET CG  HG3  sing N N 231 
MET SD  CE   sing N N 232 
MET CE  HE1  sing N N 233 
MET CE  HE2  sing N N 234 
MET CE  HE3  sing N N 235 
MET OXT HXT  sing N N 236 
PHE N   CA   sing N N 237 
PHE N   H    sing N N 238 
PHE N   H2   sing N N 239 
PHE CA  C    sing N N 240 
PHE CA  CB   sing N N 241 
PHE CA  HA   sing N N 242 
PHE C   O    doub N N 243 
PHE C   OXT  sing N N 244 
PHE CB  CG   sing N N 245 
PHE CB  HB2  sing N N 246 
PHE CB  HB3  sing N N 247 
PHE CG  CD1  doub Y N 248 
PHE CG  CD2  sing Y N 249 
PHE CD1 CE1  sing Y N 250 
PHE CD1 HD1  sing N N 251 
PHE CD2 CE2  doub Y N 252 
PHE CD2 HD2  sing N N 253 
PHE CE1 CZ   doub Y N 254 
PHE CE1 HE1  sing N N 255 
PHE CE2 CZ   sing Y N 256 
PHE CE2 HE2  sing N N 257 
PHE CZ  HZ   sing N N 258 
PHE OXT HXT  sing N N 259 
PRO N   CA   sing N N 260 
PRO N   CD   sing N N 261 
PRO N   H    sing N N 262 
PRO CA  C    sing N N 263 
PRO CA  CB   sing N N 264 
PRO CA  HA   sing N N 265 
PRO C   O    doub N N 266 
PRO C   OXT  sing N N 267 
PRO CB  CG   sing N N 268 
PRO CB  HB2  sing N N 269 
PRO CB  HB3  sing N N 270 
PRO CG  CD   sing N N 271 
PRO CG  HG2  sing N N 272 
PRO CG  HG3  sing N N 273 
PRO CD  HD2  sing N N 274 
PRO CD  HD3  sing N N 275 
PRO OXT HXT  sing N N 276 
SER N   CA   sing N N 277 
SER N   H    sing N N 278 
SER N   H2   sing N N 279 
SER CA  C    sing N N 280 
SER CA  CB   sing N N 281 
SER CA  HA   sing N N 282 
SER C   O    doub N N 283 
SER C   OXT  sing N N 284 
SER CB  OG   sing N N 285 
SER CB  HB2  sing N N 286 
SER CB  HB3  sing N N 287 
SER OG  HG   sing N N 288 
SER OXT HXT  sing N N 289 
THR N   CA   sing N N 290 
THR N   H    sing N N 291 
THR N   H2   sing N N 292 
THR CA  C    sing N N 293 
THR CA  CB   sing N N 294 
THR CA  HA   sing N N 295 
THR C   O    doub N N 296 
THR C   OXT  sing N N 297 
THR CB  OG1  sing N N 298 
THR CB  CG2  sing N N 299 
THR CB  HB   sing N N 300 
THR OG1 HG1  sing N N 301 
THR CG2 HG21 sing N N 302 
THR CG2 HG22 sing N N 303 
THR CG2 HG23 sing N N 304 
THR OXT HXT  sing N N 305 
TRP N   CA   sing N N 306 
TRP N   H    sing N N 307 
TRP N   H2   sing N N 308 
TRP CA  C    sing N N 309 
TRP CA  CB   sing N N 310 
TRP CA  HA   sing N N 311 
TRP C   O    doub N N 312 
TRP C   OXT  sing N N 313 
TRP CB  CG   sing N N 314 
TRP CB  HB2  sing N N 315 
TRP CB  HB3  sing N N 316 
TRP CG  CD1  doub Y N 317 
TRP CG  CD2  sing Y N 318 
TRP CD1 NE1  sing Y N 319 
TRP CD1 HD1  sing N N 320 
TRP CD2 CE2  doub Y N 321 
TRP CD2 CE3  sing Y N 322 
TRP NE1 CE2  sing Y N 323 
TRP NE1 HE1  sing N N 324 
TRP CE2 CZ2  sing Y N 325 
TRP CE3 CZ3  doub Y N 326 
TRP CE3 HE3  sing N N 327 
TRP CZ2 CH2  doub Y N 328 
TRP CZ2 HZ2  sing N N 329 
TRP CZ3 CH2  sing Y N 330 
TRP CZ3 HZ3  sing N N 331 
TRP CH2 HH2  sing N N 332 
TRP OXT HXT  sing N N 333 
TYR N   CA   sing N N 334 
TYR N   H    sing N N 335 
TYR N   H2   sing N N 336 
TYR CA  C    sing N N 337 
TYR CA  CB   sing N N 338 
TYR CA  HA   sing N N 339 
TYR C   O    doub N N 340 
TYR C   OXT  sing N N 341 
TYR CB  CG   sing N N 342 
TYR CB  HB2  sing N N 343 
TYR CB  HB3  sing N N 344 
TYR CG  CD1  doub Y N 345 
TYR CG  CD2  sing Y N 346 
TYR CD1 CE1  sing Y N 347 
TYR CD1 HD1  sing N N 348 
TYR CD2 CE2  doub Y N 349 
TYR CD2 HD2  sing N N 350 
TYR CE1 CZ   doub Y N 351 
TYR CE1 HE1  sing N N 352 
TYR CE2 CZ   sing Y N 353 
TYR CE2 HE2  sing N N 354 
TYR CZ  OH   sing N N 355 
TYR OH  HH   sing N N 356 
TYR OXT HXT  sing N N 357 
VAL N   CA   sing N N 358 
VAL N   H    sing N N 359 
VAL N   H2   sing N N 360 
VAL CA  C    sing N N 361 
VAL CA  CB   sing N N 362 
VAL CA  HA   sing N N 363 
VAL C   O    doub N N 364 
VAL C   OXT  sing N N 365 
VAL CB  CG1  sing N N 366 
VAL CB  CG2  sing N N 367 
VAL CB  HB   sing N N 368 
VAL CG1 HG11 sing N N 369 
VAL CG1 HG12 sing N N 370 
VAL CG1 HG13 sing N N 371 
VAL CG2 HG21 sing N N 372 
VAL CG2 HG22 sing N N 373 
VAL CG2 HG23 sing N N 374 
VAL OXT HXT  sing N N 375 
# 
_pdbx_entity_nonpoly.entity_id   2 
_pdbx_entity_nonpoly.name        water 
_pdbx_entity_nonpoly.comp_id     HOH 
# 
_pdbx_initial_refinement_model.id               1 
_pdbx_initial_refinement_model.entity_id_list   ? 
_pdbx_initial_refinement_model.type             'experimental model' 
_pdbx_initial_refinement_model.source_name      PDB 
_pdbx_initial_refinement_model.accession_code   5XBC 
_pdbx_initial_refinement_model.details          ? 
# 
_pdbx_struct_assembly_auth_evidence.id                     1 
_pdbx_struct_assembly_auth_evidence.assembly_id            1 
_pdbx_struct_assembly_auth_evidence.experimental_support   'gel filtration' 
_pdbx_struct_assembly_auth_evidence.details                ? 
# 
